data_1KWA
# 
_entry.id   1KWA 
# 
_audit_conform.dict_name       mmcif_pdbx.dic 
_audit_conform.dict_version    5.386 
_audit_conform.dict_location   http://mmcif.pdb.org/dictionaries/ascii/mmcif_pdbx.dic 
# 
loop_
_database_2.database_id 
_database_2.database_code 
_database_2.pdbx_database_accession 
_database_2.pdbx_DOI 
PDB   1KWA         pdb_00001kwa 10.2210/pdb1kwa/pdb 
WWPDB D_1000174514 ?            ?                   
# 
loop_
_pdbx_audit_revision_history.ordinal 
_pdbx_audit_revision_history.data_content_type 
_pdbx_audit_revision_history.major_revision 
_pdbx_audit_revision_history.minor_revision 
_pdbx_audit_revision_history.revision_date 
1 'Structure model' 1 0 1998-05-27 
2 'Structure model' 1 1 2008-03-24 
3 'Structure model' 1 2 2011-07-13 
4 'Structure model' 1 3 2024-02-14 
# 
_pdbx_audit_revision_details.ordinal             1 
_pdbx_audit_revision_details.revision_ordinal    1 
_pdbx_audit_revision_details.data_content_type   'Structure model' 
_pdbx_audit_revision_details.provider            repository 
_pdbx_audit_revision_details.type                'Initial release' 
_pdbx_audit_revision_details.description         ? 
_pdbx_audit_revision_details.details             ? 
# 
loop_
_pdbx_audit_revision_group.ordinal 
_pdbx_audit_revision_group.revision_ordinal 
_pdbx_audit_revision_group.data_content_type 
_pdbx_audit_revision_group.group 
1 2 'Structure model' 'Version format compliance' 
2 3 'Structure model' 'Version format compliance' 
3 4 'Structure model' 'Data collection'           
4 4 'Structure model' 'Database references'       
5 4 'Structure model' 'Derived calculations'      
6 4 'Structure model' Other                       
# 
loop_
_pdbx_audit_revision_category.ordinal 
_pdbx_audit_revision_category.revision_ordinal 
_pdbx_audit_revision_category.data_content_type 
_pdbx_audit_revision_category.category 
1 4 'Structure model' chem_comp_atom       
2 4 'Structure model' chem_comp_bond       
3 4 'Structure model' database_2           
4 4 'Structure model' pdbx_database_status 
5 4 'Structure model' struct_ref_seq_dif   
6 4 'Structure model' struct_site          
# 
loop_
_pdbx_audit_revision_item.ordinal 
_pdbx_audit_revision_item.revision_ordinal 
_pdbx_audit_revision_item.data_content_type 
_pdbx_audit_revision_item.item 
1 4 'Structure model' '_database_2.pdbx_DOI'                
2 4 'Structure model' '_database_2.pdbx_database_accession' 
3 4 'Structure model' '_pdbx_database_status.process_site'  
4 4 'Structure model' '_struct_ref_seq_dif.details'         
5 4 'Structure model' '_struct_site.pdbx_auth_asym_id'      
6 4 'Structure model' '_struct_site.pdbx_auth_comp_id'      
7 4 'Structure model' '_struct_site.pdbx_auth_seq_id'       
# 
_pdbx_database_status.status_code                     REL 
_pdbx_database_status.entry_id                        1KWA 
_pdbx_database_status.recvd_initial_deposition_date   1998-01-16 
_pdbx_database_status.deposit_site                    ? 
_pdbx_database_status.process_site                    BNL 
_pdbx_database_status.status_code_sf                  REL 
_pdbx_database_status.status_code_mr                  ? 
_pdbx_database_status.SG_entry                        ? 
_pdbx_database_status.pdb_format_compatible           Y 
_pdbx_database_status.status_code_cs                  ? 
_pdbx_database_status.status_code_nmr_data            ? 
_pdbx_database_status.methods_development_category    ? 
# 
loop_
_audit_author.name 
_audit_author.pdbx_ordinal 
'Daniels, D.L.'  1 
'Cohen, A.R.'    2 
'Anderson, J.M.' 3 
'Brunger, A.T.'  4 
# 
loop_
_citation.id 
_citation.title 
_citation.journal_abbrev 
_citation.journal_volume 
_citation.page_first 
_citation.page_last 
_citation.year 
_citation.journal_id_ASTM 
_citation.country 
_citation.journal_id_ISSN 
_citation.journal_id_CSD 
_citation.book_publisher 
_citation.pdbx_database_id_PubMed 
_citation.pdbx_database_id_DOI 
primary 'Crystal structure of the hCASK PDZ domain reveals the structural basis of class II PDZ domain target recognition' 
Nat.Struct.Biol.        5  317  325 1998 NSBIEW US 1072-8368 2024 ? 9546224 10.1038/nsb0498-317 
1       
'Crystal Structures of a Complexed and Peptide-Free Membrane Protein-Binding Domain: Molecular Basis of Peptide Recognition by Pdz' 
'Cell(Cambridge,Mass.)' 85 1067 ?   1996 CELLB5 US 0092-8674 0998 ? ?       ?                   
# 
loop_
_citation_author.citation_id 
_citation_author.name 
_citation_author.ordinal 
_citation_author.identifier_ORCID 
primary 'Daniels, D.L.'  1  ? 
primary 'Cohen, A.R.'    2  ? 
primary 'Anderson, J.M.' 3  ? 
primary 'Brunger, A.T.'  4  ? 
1       'Doyle, D.A.'    5  ? 
1       'Lee, A.'        6  ? 
1       'Lewis, J.'      7  ? 
1       'Kim, E.'        8  ? 
1       'Sheng, M.'      9  ? 
1       'Mackinnon, R.'  10 ? 
# 
loop_
_entity.id 
_entity.type 
_entity.src_method 
_entity.pdbx_description 
_entity.formula_weight 
_entity.pdbx_number_of_molecules 
_entity.pdbx_ec 
_entity.pdbx_mutation 
_entity.pdbx_fragment 
_entity.details 
1 polymer     man 'HCASK/LIN-2 PROTEIN' 10194.873 2   ? ? 'PDZ DOMAIN' ? 
2 non-polymer syn 'SULFATE ION'         96.063    3   ? ? 'PDZ DOMAIN' ? 
3 water       nat water                 18.015    185 ? ? ?            ? 
# 
loop_
_entity_name_com.entity_id 
_entity_name_com.name 
1 'HCASK, GLGF REPEAT, DHR' 
2 'HCASK, GLGF REPEAT, DHR' 
# 
_entity_poly.entity_id                      1 
_entity_poly.type                           'polypeptide(L)' 
_entity_poly.nstd_linkage                   no 
_entity_poly.nstd_monomer                   no 
_entity_poly.pdbx_seq_one_letter_code       
;RSRLVQFQKNTDEPMGITLKMNELNHCIVARIMHGGMIHRQGTLHVGDEIREINGISVANQTVEQLQKMLREMRGSITFK
IVPSYREF
;
_entity_poly.pdbx_seq_one_letter_code_can   
;RSRLVQFQKNTDEPMGITLKMNELNHCIVARIMHGGMIHRQGTLHVGDEIREINGISVANQTVEQLQKMLREMRGSITFK
IVPSYREF
;
_entity_poly.pdbx_strand_id                 A,B 
_entity_poly.pdbx_target_identifier         ? 
# 
loop_
_pdbx_entity_nonpoly.entity_id 
_pdbx_entity_nonpoly.name 
_pdbx_entity_nonpoly.comp_id 
2 'SULFATE ION' SO4 
3 water         HOH 
# 
loop_
_entity_poly_seq.entity_id 
_entity_poly_seq.num 
_entity_poly_seq.mon_id 
_entity_poly_seq.hetero 
1 1  ARG n 
1 2  SER n 
1 3  ARG n 
1 4  LEU n 
1 5  VAL n 
1 6  GLN n 
1 7  PHE n 
1 8  GLN n 
1 9  LYS n 
1 10 ASN n 
1 11 THR n 
1 12 ASP n 
1 13 GLU n 
1 14 PRO n 
1 15 MET n 
1 16 GLY n 
1 17 ILE n 
1 18 THR n 
1 19 LEU n 
1 20 LYS n 
1 21 MET n 
1 22 ASN n 
1 23 GLU n 
1 24 LEU n 
1 25 ASN n 
1 26 HIS n 
1 27 CYS n 
1 28 ILE n 
1 29 VAL n 
1 30 ALA n 
1 31 ARG n 
1 32 ILE n 
1 33 MET n 
1 34 HIS n 
1 35 GLY n 
1 36 GLY n 
1 37 MET n 
1 38 ILE n 
1 39 HIS n 
1 40 ARG n 
1 41 GLN n 
1 42 GLY n 
1 43 THR n 
1 44 LEU n 
1 45 HIS n 
1 46 VAL n 
1 47 GLY n 
1 48 ASP n 
1 49 GLU n 
1 50 ILE n 
1 51 ARG n 
1 52 GLU n 
1 53 ILE n 
1 54 ASN n 
1 55 GLY n 
1 56 ILE n 
1 57 SER n 
1 58 VAL n 
1 59 ALA n 
1 60 ASN n 
1 61 GLN n 
1 62 THR n 
1 63 VAL n 
1 64 GLU n 
1 65 GLN n 
1 66 LEU n 
1 67 GLN n 
1 68 LYS n 
1 69 MET n 
1 70 LEU n 
1 71 ARG n 
1 72 GLU n 
1 73 MET n 
1 74 ARG n 
1 75 GLY n 
1 76 SER n 
1 77 ILE n 
1 78 THR n 
1 79 PHE n 
1 80 LYS n 
1 81 ILE n 
1 82 VAL n 
1 83 PRO n 
1 84 SER n 
1 85 TYR n 
1 86 ARG n 
1 87 GLU n 
1 88 PHE n 
# 
_entity_src_gen.entity_id                          1 
_entity_src_gen.pdbx_src_id                        1 
_entity_src_gen.pdbx_alt_source_flag               sample 
_entity_src_gen.pdbx_seq_type                      ? 
_entity_src_gen.pdbx_beg_seq_num                   ? 
_entity_src_gen.pdbx_end_seq_num                   ? 
_entity_src_gen.gene_src_common_name               human 
_entity_src_gen.gene_src_genus                     Homo 
_entity_src_gen.pdbx_gene_src_gene                 HCASK 
_entity_src_gen.gene_src_species                   ? 
_entity_src_gen.gene_src_strain                    ? 
_entity_src_gen.gene_src_tissue                    ? 
_entity_src_gen.gene_src_tissue_fraction           ? 
_entity_src_gen.gene_src_details                   ? 
_entity_src_gen.pdbx_gene_src_fragment             ? 
_entity_src_gen.pdbx_gene_src_scientific_name      'Homo sapiens' 
_entity_src_gen.pdbx_gene_src_ncbi_taxonomy_id     9606 
_entity_src_gen.pdbx_gene_src_variant              ? 
_entity_src_gen.pdbx_gene_src_cell_line            ? 
_entity_src_gen.pdbx_gene_src_atcc                 ? 
_entity_src_gen.pdbx_gene_src_organ                LIVER 
_entity_src_gen.pdbx_gene_src_organelle            ? 
_entity_src_gen.pdbx_gene_src_cell                 ? 
_entity_src_gen.pdbx_gene_src_cellular_location    MEMBRANE-ASSOCIATED 
_entity_src_gen.host_org_common_name               ? 
_entity_src_gen.pdbx_host_org_scientific_name      'Escherichia coli' 
_entity_src_gen.pdbx_host_org_ncbi_taxonomy_id     562 
_entity_src_gen.host_org_genus                     Escherichia 
_entity_src_gen.pdbx_host_org_gene                 ? 
_entity_src_gen.pdbx_host_org_organ                ? 
_entity_src_gen.host_org_species                   ? 
_entity_src_gen.pdbx_host_org_tissue               ? 
_entity_src_gen.pdbx_host_org_tissue_fraction      ? 
_entity_src_gen.pdbx_host_org_strain               'DH5 ALPHA' 
_entity_src_gen.pdbx_host_org_variant              ? 
_entity_src_gen.pdbx_host_org_cell_line            ? 
_entity_src_gen.pdbx_host_org_atcc                 ? 
_entity_src_gen.pdbx_host_org_culture_collection   ? 
_entity_src_gen.pdbx_host_org_cell                 ? 
_entity_src_gen.pdbx_host_org_organelle            ? 
_entity_src_gen.pdbx_host_org_cellular_location    CYTOPLASM 
_entity_src_gen.pdbx_host_org_vector_type          ? 
_entity_src_gen.pdbx_host_org_vector               PGEX-2T 
_entity_src_gen.host_org_details                   ? 
_entity_src_gen.expression_system_id               ? 
_entity_src_gen.plasmid_name                       'N-TERMINAL GST FUSION, AMP RESISTANT' 
_entity_src_gen.plasmid_details                    ? 
_entity_src_gen.pdbx_description                   'CLONED FROM A CDNA LIVER LIBRARY' 
# 
loop_
_chem_comp.id 
_chem_comp.type 
_chem_comp.mon_nstd_flag 
_chem_comp.name 
_chem_comp.pdbx_synonyms 
_chem_comp.formula 
_chem_comp.formula_weight 
ALA 'L-peptide linking' y ALANINE         ? 'C3 H7 N O2'     89.093  
ARG 'L-peptide linking' y ARGININE        ? 'C6 H15 N4 O2 1' 175.209 
ASN 'L-peptide linking' y ASPARAGINE      ? 'C4 H8 N2 O3'    132.118 
ASP 'L-peptide linking' y 'ASPARTIC ACID' ? 'C4 H7 N O4'     133.103 
CYS 'L-peptide linking' y CYSTEINE        ? 'C3 H7 N O2 S'   121.158 
GLN 'L-peptide linking' y GLUTAMINE       ? 'C5 H10 N2 O3'   146.144 
GLU 'L-peptide linking' y 'GLUTAMIC ACID' ? 'C5 H9 N O4'     147.129 
GLY 'peptide linking'   y GLYCINE         ? 'C2 H5 N O2'     75.067  
HIS 'L-peptide linking' y HISTIDINE       ? 'C6 H10 N3 O2 1' 156.162 
HOH non-polymer         . WATER           ? 'H2 O'           18.015  
ILE 'L-peptide linking' y ISOLEUCINE      ? 'C6 H13 N O2'    131.173 
LEU 'L-peptide linking' y LEUCINE         ? 'C6 H13 N O2'    131.173 
LYS 'L-peptide linking' y LYSINE          ? 'C6 H15 N2 O2 1' 147.195 
MET 'L-peptide linking' y METHIONINE      ? 'C5 H11 N O2 S'  149.211 
PHE 'L-peptide linking' y PHENYLALANINE   ? 'C9 H11 N O2'    165.189 
PRO 'L-peptide linking' y PROLINE         ? 'C5 H9 N O2'     115.130 
SER 'L-peptide linking' y SERINE          ? 'C3 H7 N O3'     105.093 
SO4 non-polymer         . 'SULFATE ION'   ? 'O4 S -2'        96.063  
THR 'L-peptide linking' y THREONINE       ? 'C4 H9 N O3'     119.119 
TYR 'L-peptide linking' y TYROSINE        ? 'C9 H11 N O3'    181.189 
VAL 'L-peptide linking' y VALINE          ? 'C5 H11 N O2'    117.146 
# 
loop_
_pdbx_poly_seq_scheme.asym_id 
_pdbx_poly_seq_scheme.entity_id 
_pdbx_poly_seq_scheme.seq_id 
_pdbx_poly_seq_scheme.mon_id 
_pdbx_poly_seq_scheme.ndb_seq_num 
_pdbx_poly_seq_scheme.pdb_seq_num 
_pdbx_poly_seq_scheme.auth_seq_num 
_pdbx_poly_seq_scheme.pdb_mon_id 
_pdbx_poly_seq_scheme.auth_mon_id 
_pdbx_poly_seq_scheme.pdb_strand_id 
_pdbx_poly_seq_scheme.pdb_ins_code 
_pdbx_poly_seq_scheme.hetero 
A 1 1  ARG 1  487 487 ARG ARG A . n 
A 1 2  SER 2  488 488 SER SER A . n 
A 1 3  ARG 3  489 489 ARG ARG A . n 
A 1 4  LEU 4  490 490 LEU LEU A . n 
A 1 5  VAL 5  491 491 VAL VAL A . n 
A 1 6  GLN 6  492 492 GLN GLN A . n 
A 1 7  PHE 7  493 493 PHE PHE A . n 
A 1 8  GLN 8  494 494 GLN GLN A . n 
A 1 9  LYS 9  495 495 LYS LYS A . n 
A 1 10 ASN 10 496 496 ASN ASN A . n 
A 1 11 THR 11 497 497 THR THR A . n 
A 1 12 ASP 12 498 498 ASP ASP A . n 
A 1 13 GLU 13 499 499 GLU GLU A . n 
A 1 14 PRO 14 500 500 PRO PRO A . n 
A 1 15 MET 15 501 501 MET MET A . n 
A 1 16 GLY 16 502 502 GLY GLY A . n 
A 1 17 ILE 17 503 503 ILE ILE A . n 
A 1 18 THR 18 504 504 THR THR A . n 
A 1 19 LEU 19 505 505 LEU LEU A . n 
A 1 20 LYS 20 506 506 LYS LYS A . n 
A 1 21 MET 21 507 507 MET MET A . n 
A 1 22 ASN 22 508 508 ASN ASN A . n 
A 1 23 GLU 23 509 509 GLU GLU A . n 
A 1 24 LEU 24 510 510 LEU LEU A . n 
A 1 25 ASN 25 511 511 ASN ASN A . n 
A 1 26 HIS 26 512 512 HIS HIS A . n 
A 1 27 CYS 27 513 513 CYS CYS A . n 
A 1 28 ILE 28 514 514 ILE ILE A . n 
A 1 29 VAL 29 515 515 VAL VAL A . n 
A 1 30 ALA 30 516 516 ALA ALA A . n 
A 1 31 ARG 31 517 517 ARG ARG A . n 
A 1 32 ILE 32 518 518 ILE ILE A . n 
A 1 33 MET 33 519 519 MET MET A . n 
A 1 34 HIS 34 520 520 HIS HIS A . n 
A 1 35 GLY 35 521 521 GLY GLY A . n 
A 1 36 GLY 36 522 522 GLY GLY A . n 
A 1 37 MET 37 523 523 MET MET A . n 
A 1 38 ILE 38 524 524 ILE ILE A . n 
A 1 39 HIS 39 525 525 HIS HIS A . n 
A 1 40 ARG 40 526 526 ARG ARG A . n 
A 1 41 GLN 41 527 527 GLN GLN A . n 
A 1 42 GLY 42 528 528 GLY GLY A . n 
A 1 43 THR 43 529 529 THR THR A . n 
A 1 44 LEU 44 530 530 LEU LEU A . n 
A 1 45 HIS 45 531 531 HIS HIS A . n 
A 1 46 VAL 46 532 532 VAL VAL A . n 
A 1 47 GLY 47 533 533 GLY GLY A . n 
A 1 48 ASP 48 534 534 ASP ASP A . n 
A 1 49 GLU 49 535 535 GLU GLU A . n 
A 1 50 ILE 50 536 536 ILE ILE A . n 
A 1 51 ARG 51 537 537 ARG ARG A . n 
A 1 52 GLU 52 538 538 GLU GLU A . n 
A 1 53 ILE 53 539 539 ILE ILE A . n 
A 1 54 ASN 54 540 540 ASN ASN A . n 
A 1 55 GLY 55 541 541 GLY GLY A . n 
A 1 56 ILE 56 542 542 ILE ILE A . n 
A 1 57 SER 57 543 543 SER SER A . n 
A 1 58 VAL 58 544 544 VAL VAL A . n 
A 1 59 ALA 59 545 545 ALA ALA A . n 
A 1 60 ASN 60 546 546 ASN ASN A . n 
A 1 61 GLN 61 547 547 GLN GLN A . n 
A 1 62 THR 62 548 548 THR THR A . n 
A 1 63 VAL 63 549 549 VAL VAL A . n 
A 1 64 GLU 64 550 550 GLU GLU A . n 
A 1 65 GLN 65 551 551 GLN GLN A . n 
A 1 66 LEU 66 552 552 LEU LEU A . n 
A 1 67 GLN 67 553 553 GLN GLN A . n 
A 1 68 LYS 68 554 554 LYS LYS A . n 
A 1 69 MET 69 555 555 MET MET A . n 
A 1 70 LEU 70 556 556 LEU LEU A . n 
A 1 71 ARG 71 557 557 ARG ARG A . n 
A 1 72 GLU 72 558 558 GLU GLU A . n 
A 1 73 MET 73 559 559 MET MET A . n 
A 1 74 ARG 74 560 560 ARG ARG A . n 
A 1 75 GLY 75 561 561 GLY GLY A . n 
A 1 76 SER 76 562 562 SER SER A . n 
A 1 77 ILE 77 563 563 ILE ILE A . n 
A 1 78 THR 78 564 564 THR THR A . n 
A 1 79 PHE 79 565 565 PHE PHE A . n 
A 1 80 LYS 80 566 566 LYS LYS A . n 
A 1 81 ILE 81 567 567 ILE ILE A . n 
A 1 82 VAL 82 568 568 VAL VAL A . n 
A 1 83 PRO 83 569 569 PRO PRO A . n 
A 1 84 SER 84 570 570 SER SER A . n 
A 1 85 TYR 85 571 571 TYR TYR A . n 
A 1 86 ARG 86 572 572 ARG ARG A . n 
A 1 87 GLU 87 573 573 GLU GLU A . n 
A 1 88 PHE 88 574 574 PHE PHE A . n 
B 1 1  ARG 1  487 487 ARG ARG B . n 
B 1 2  SER 2  488 488 SER SER B . n 
B 1 3  ARG 3  489 489 ARG ARG B . n 
B 1 4  LEU 4  490 490 LEU LEU B . n 
B 1 5  VAL 5  491 491 VAL VAL B . n 
B 1 6  GLN 6  492 492 GLN GLN B . n 
B 1 7  PHE 7  493 493 PHE PHE B . n 
B 1 8  GLN 8  494 494 GLN GLN B . n 
B 1 9  LYS 9  495 495 LYS LYS B . n 
B 1 10 ASN 10 496 496 ASN ASN B . n 
B 1 11 THR 11 497 497 THR THR B . n 
B 1 12 ASP 12 498 498 ASP ASP B . n 
B 1 13 GLU 13 499 499 GLU GLU B . n 
B 1 14 PRO 14 500 500 PRO PRO B . n 
B 1 15 MET 15 501 501 MET MET B . n 
B 1 16 GLY 16 502 502 GLY GLY B . n 
B 1 17 ILE 17 503 503 ILE ILE B . n 
B 1 18 THR 18 504 504 THR THR B . n 
B 1 19 LEU 19 505 505 LEU LEU B . n 
B 1 20 LYS 20 506 506 LYS LYS B . n 
B 1 21 MET 21 507 507 MET MET B . n 
B 1 22 ASN 22 508 ?   ?   ?   B . n 
B 1 23 GLU 23 509 ?   ?   ?   B . n 
B 1 24 LEU 24 510 510 LEU LEU B . n 
B 1 25 ASN 25 511 511 ASN ASN B . n 
B 1 26 HIS 26 512 512 HIS HIS B . n 
B 1 27 CYS 27 513 513 CYS CYS B . n 
B 1 28 ILE 28 514 514 ILE ILE B . n 
B 1 29 VAL 29 515 515 VAL VAL B . n 
B 1 30 ALA 30 516 516 ALA ALA B . n 
B 1 31 ARG 31 517 517 ARG ARG B . n 
B 1 32 ILE 32 518 518 ILE ILE B . n 
B 1 33 MET 33 519 519 MET MET B . n 
B 1 34 HIS 34 520 520 HIS HIS B . n 
B 1 35 GLY 35 521 521 GLY GLY B . n 
B 1 36 GLY 36 522 522 GLY GLY B . n 
B 1 37 MET 37 523 523 MET MET B . n 
B 1 38 ILE 38 524 524 ILE ILE B . n 
B 1 39 HIS 39 525 525 HIS HIS B . n 
B 1 40 ARG 40 526 526 ARG ARG B . n 
B 1 41 GLN 41 527 527 GLN GLN B . n 
B 1 42 GLY 42 528 528 GLY GLY B . n 
B 1 43 THR 43 529 529 THR THR B . n 
B 1 44 LEU 44 530 530 LEU LEU B . n 
B 1 45 HIS 45 531 531 HIS HIS B . n 
B 1 46 VAL 46 532 532 VAL VAL B . n 
B 1 47 GLY 47 533 533 GLY GLY B . n 
B 1 48 ASP 48 534 534 ASP ASP B . n 
B 1 49 GLU 49 535 535 GLU GLU B . n 
B 1 50 ILE 50 536 536 ILE ILE B . n 
B 1 51 ARG 51 537 537 ARG ARG B . n 
B 1 52 GLU 52 538 538 GLU GLU B . n 
B 1 53 ILE 53 539 539 ILE ILE B . n 
B 1 54 ASN 54 540 540 ASN ASN B . n 
B 1 55 GLY 55 541 541 GLY GLY B . n 
B 1 56 ILE 56 542 542 ILE ILE B . n 
B 1 57 SER 57 543 543 SER SER B . n 
B 1 58 VAL 58 544 544 VAL VAL B . n 
B 1 59 ALA 59 545 545 ALA ALA B . n 
B 1 60 ASN 60 546 546 ASN ASN B . n 
B 1 61 GLN 61 547 547 GLN GLN B . n 
B 1 62 THR 62 548 548 THR THR B . n 
B 1 63 VAL 63 549 549 VAL VAL B . n 
B 1 64 GLU 64 550 550 GLU GLU B . n 
B 1 65 GLN 65 551 551 GLN GLN B . n 
B 1 66 LEU 66 552 552 LEU LEU B . n 
B 1 67 GLN 67 553 553 GLN GLN B . n 
B 1 68 LYS 68 554 554 LYS LYS B . n 
B 1 69 MET 69 555 555 MET MET B . n 
B 1 70 LEU 70 556 556 LEU LEU B . n 
B 1 71 ARG 71 557 557 ARG ARG B . n 
B 1 72 GLU 72 558 558 GLU GLU B . n 
B 1 73 MET 73 559 559 MET MET B . n 
B 1 74 ARG 74 560 560 ARG ARG B . n 
B 1 75 GLY 75 561 561 GLY GLY B . n 
B 1 76 SER 76 562 562 SER SER B . n 
B 1 77 ILE 77 563 563 ILE ILE B . n 
B 1 78 THR 78 564 564 THR THR B . n 
B 1 79 PHE 79 565 565 PHE PHE B . n 
B 1 80 LYS 80 566 566 LYS LYS B . n 
B 1 81 ILE 81 567 567 ILE ILE B . n 
B 1 82 VAL 82 568 568 VAL VAL B . n 
B 1 83 PRO 83 569 569 PRO PRO B . n 
B 1 84 SER 84 570 570 SER SER B . n 
B 1 85 TYR 85 571 571 TYR TYR B . n 
B 1 86 ARG 86 572 572 ARG ARG B . n 
B 1 87 GLU 87 573 573 GLU GLU B . n 
B 1 88 PHE 88 574 574 PHE PHE B . n 
# 
loop_
_pdbx_nonpoly_scheme.asym_id 
_pdbx_nonpoly_scheme.entity_id 
_pdbx_nonpoly_scheme.mon_id 
_pdbx_nonpoly_scheme.ndb_seq_num 
_pdbx_nonpoly_scheme.pdb_seq_num 
_pdbx_nonpoly_scheme.auth_seq_num 
_pdbx_nonpoly_scheme.pdb_mon_id 
_pdbx_nonpoly_scheme.auth_mon_id 
_pdbx_nonpoly_scheme.pdb_strand_id 
_pdbx_nonpoly_scheme.pdb_ins_code 
C 2 SO4 1  703 703 SO4 SO4 A . 
D 2 SO4 1  704 704 SO4 SO4 A . 
E 2 SO4 1  702 702 SO4 SO4 B . 
F 3 HOH 1  4   4   HOH HOH A . 
F 3 HOH 2  10  10  HOH HOH A . 
F 3 HOH 3  13  13  HOH HOH A . 
F 3 HOH 4  19  19  HOH HOH A . 
F 3 HOH 5  21  21  HOH HOH A . 
F 3 HOH 6  22  22  HOH HOH A . 
F 3 HOH 7  23  23  HOH HOH A . 
F 3 HOH 8  26  26  HOH HOH A . 
F 3 HOH 9  28  28  HOH HOH A . 
F 3 HOH 10 30  30  HOH HOH A . 
F 3 HOH 11 37  37  HOH HOH A . 
F 3 HOH 12 38  38  HOH HOH A . 
F 3 HOH 13 39  39  HOH HOH A . 
F 3 HOH 14 48  48  HOH HOH A . 
F 3 HOH 15 49  49  HOH HOH A . 
F 3 HOH 16 52  52  HOH HOH A . 
F 3 HOH 17 57  57  HOH HOH A . 
F 3 HOH 18 59  59  HOH HOH A . 
F 3 HOH 19 65  65  HOH HOH A . 
F 3 HOH 20 66  66  HOH HOH A . 
F 3 HOH 21 67  67  HOH HOH A . 
F 3 HOH 22 68  68  HOH HOH A . 
F 3 HOH 23 72  72  HOH HOH A . 
F 3 HOH 24 73  73  HOH HOH A . 
F 3 HOH 25 75  75  HOH HOH A . 
F 3 HOH 26 78  78  HOH HOH A . 
F 3 HOH 27 80  80  HOH HOH A . 
F 3 HOH 28 82  82  HOH HOH A . 
F 3 HOH 29 83  83  HOH HOH A . 
F 3 HOH 30 87  87  HOH HOH A . 
F 3 HOH 31 88  88  HOH HOH A . 
F 3 HOH 32 90  90  HOH HOH A . 
F 3 HOH 33 92  92  HOH HOH A . 
F 3 HOH 34 95  95  HOH HOH A . 
F 3 HOH 35 96  96  HOH HOH A . 
F 3 HOH 36 103 103 HOH HOH A . 
F 3 HOH 37 104 104 HOH HOH A . 
F 3 HOH 38 105 105 HOH HOH A . 
F 3 HOH 39 106 106 HOH HOH A . 
F 3 HOH 40 107 107 HOH HOH A . 
F 3 HOH 41 110 110 HOH HOH A . 
F 3 HOH 42 112 112 HOH HOH A . 
F 3 HOH 43 115 115 HOH HOH A . 
F 3 HOH 44 116 116 HOH HOH A . 
F 3 HOH 45 117 117 HOH HOH A . 
F 3 HOH 46 118 118 HOH HOH A . 
F 3 HOH 47 120 120 HOH HOH A . 
F 3 HOH 48 122 122 HOH HOH A . 
F 3 HOH 49 124 124 HOH HOH A . 
F 3 HOH 50 125 125 HOH HOH A . 
F 3 HOH 51 127 127 HOH HOH A . 
F 3 HOH 52 128 128 HOH HOH A . 
F 3 HOH 53 131 131 HOH HOH A . 
F 3 HOH 54 132 132 HOH HOH A . 
F 3 HOH 55 140 140 HOH HOH A . 
F 3 HOH 56 141 141 HOH HOH A . 
F 3 HOH 57 145 145 HOH HOH A . 
F 3 HOH 58 146 146 HOH HOH A . 
F 3 HOH 59 149 149 HOH HOH A . 
F 3 HOH 60 151 151 HOH HOH A . 
F 3 HOH 61 153 153 HOH HOH A . 
F 3 HOH 62 156 156 HOH HOH A . 
F 3 HOH 63 158 158 HOH HOH A . 
F 3 HOH 64 159 159 HOH HOH A . 
F 3 HOH 65 165 165 HOH HOH A . 
F 3 HOH 66 173 173 HOH HOH A . 
F 3 HOH 67 175 175 HOH HOH A . 
F 3 HOH 68 181 181 HOH HOH A . 
F 3 HOH 69 183 183 HOH HOH A . 
F 3 HOH 70 184 184 HOH HOH A . 
F 3 HOH 71 186 186 HOH HOH A . 
F 3 HOH 72 188 188 HOH HOH A . 
F 3 HOH 73 195 195 HOH HOH A . 
F 3 HOH 74 196 196 HOH HOH A . 
F 3 HOH 75 202 202 HOH HOH A . 
F 3 HOH 76 205 205 HOH HOH A . 
F 3 HOH 77 206 206 HOH HOH A . 
F 3 HOH 78 219 219 HOH HOH A . 
F 3 HOH 79 221 221 HOH HOH A . 
F 3 HOH 80 222 222 HOH HOH A . 
F 3 HOH 81 223 223 HOH HOH A . 
F 3 HOH 82 224 224 HOH HOH A . 
F 3 HOH 83 226 226 HOH HOH A . 
F 3 HOH 84 228 228 HOH HOH A . 
F 3 HOH 85 230 230 HOH HOH A . 
F 3 HOH 86 231 231 HOH HOH A . 
F 3 HOH 87 232 232 HOH HOH A . 
F 3 HOH 88 233 233 HOH HOH A . 
F 3 HOH 89 235 235 HOH HOH A . 
F 3 HOH 90 236 236 HOH HOH A . 
F 3 HOH 91 237 237 HOH HOH A . 
F 3 HOH 92 238 238 HOH HOH A . 
F 3 HOH 93 239 239 HOH HOH A . 
F 3 HOH 94 241 241 HOH HOH A . 
F 3 HOH 95 242 242 HOH HOH A . 
G 3 HOH 1  1   1   HOH HOH B . 
G 3 HOH 2  2   2   HOH HOH B . 
G 3 HOH 3  3   3   HOH HOH B . 
G 3 HOH 4  5   5   HOH HOH B . 
G 3 HOH 5  6   6   HOH HOH B . 
G 3 HOH 6  7   7   HOH HOH B . 
G 3 HOH 7  8   8   HOH HOH B . 
G 3 HOH 8  9   9   HOH HOH B . 
G 3 HOH 9  12  12  HOH HOH B . 
G 3 HOH 10 14  14  HOH HOH B . 
G 3 HOH 11 15  15  HOH HOH B . 
G 3 HOH 12 16  16  HOH HOH B . 
G 3 HOH 13 17  17  HOH HOH B . 
G 3 HOH 14 18  18  HOH HOH B . 
G 3 HOH 15 25  25  HOH HOH B . 
G 3 HOH 16 27  27  HOH HOH B . 
G 3 HOH 17 31  31  HOH HOH B . 
G 3 HOH 18 32  32  HOH HOH B . 
G 3 HOH 19 33  33  HOH HOH B . 
G 3 HOH 20 34  34  HOH HOH B . 
G 3 HOH 21 36  36  HOH HOH B . 
G 3 HOH 22 40  40  HOH HOH B . 
G 3 HOH 23 42  42  HOH HOH B . 
G 3 HOH 24 44  44  HOH HOH B . 
G 3 HOH 25 45  45  HOH HOH B . 
G 3 HOH 26 46  46  HOH HOH B . 
G 3 HOH 27 47  47  HOH HOH B . 
G 3 HOH 28 50  50  HOH HOH B . 
G 3 HOH 29 53  53  HOH HOH B . 
G 3 HOH 30 54  54  HOH HOH B . 
G 3 HOH 31 58  58  HOH HOH B . 
G 3 HOH 32 60  60  HOH HOH B . 
G 3 HOH 33 64  64  HOH HOH B . 
G 3 HOH 34 69  69  HOH HOH B . 
G 3 HOH 35 70  70  HOH HOH B . 
G 3 HOH 36 71  71  HOH HOH B . 
G 3 HOH 37 76  76  HOH HOH B . 
G 3 HOH 38 77  77  HOH HOH B . 
G 3 HOH 39 79  79  HOH HOH B . 
G 3 HOH 40 84  84  HOH HOH B . 
G 3 HOH 41 85  85  HOH HOH B . 
G 3 HOH 42 86  86  HOH HOH B . 
G 3 HOH 43 89  89  HOH HOH B . 
G 3 HOH 44 91  91  HOH HOH B . 
G 3 HOH 45 93  93  HOH HOH B . 
G 3 HOH 46 97  97  HOH HOH B . 
G 3 HOH 47 98  98  HOH HOH B . 
G 3 HOH 48 99  99  HOH HOH B . 
G 3 HOH 49 100 100 HOH HOH B . 
G 3 HOH 50 108 108 HOH HOH B . 
G 3 HOH 51 114 114 HOH HOH B . 
G 3 HOH 52 119 119 HOH HOH B . 
G 3 HOH 53 121 121 HOH HOH B . 
G 3 HOH 54 123 123 HOH HOH B . 
G 3 HOH 55 129 129 HOH HOH B . 
G 3 HOH 56 133 133 HOH HOH B . 
G 3 HOH 57 134 134 HOH HOH B . 
G 3 HOH 58 135 135 HOH HOH B . 
G 3 HOH 59 136 136 HOH HOH B . 
G 3 HOH 60 138 138 HOH HOH B . 
G 3 HOH 61 139 139 HOH HOH B . 
G 3 HOH 62 142 142 HOH HOH B . 
G 3 HOH 63 143 143 HOH HOH B . 
G 3 HOH 64 148 148 HOH HOH B . 
G 3 HOH 65 152 152 HOH HOH B . 
G 3 HOH 66 154 154 HOH HOH B . 
G 3 HOH 67 160 160 HOH HOH B . 
G 3 HOH 68 161 161 HOH HOH B . 
G 3 HOH 69 162 162 HOH HOH B . 
G 3 HOH 70 170 170 HOH HOH B . 
G 3 HOH 71 174 174 HOH HOH B . 
G 3 HOH 72 176 176 HOH HOH B . 
G 3 HOH 73 179 179 HOH HOH B . 
G 3 HOH 74 180 180 HOH HOH B . 
G 3 HOH 75 189 189 HOH HOH B . 
G 3 HOH 76 190 190 HOH HOH B . 
G 3 HOH 77 203 203 HOH HOH B . 
G 3 HOH 78 210 210 HOH HOH B . 
G 3 HOH 79 213 213 HOH HOH B . 
G 3 HOH 80 214 214 HOH HOH B . 
G 3 HOH 81 215 215 HOH HOH B . 
G 3 HOH 82 216 216 HOH HOH B . 
G 3 HOH 83 217 217 HOH HOH B . 
G 3 HOH 84 218 218 HOH HOH B . 
G 3 HOH 85 220 220 HOH HOH B . 
G 3 HOH 86 225 225 HOH HOH B . 
G 3 HOH 87 227 227 HOH HOH B . 
G 3 HOH 88 229 229 HOH HOH B . 
G 3 HOH 89 234 234 HOH HOH B . 
G 3 HOH 90 240 240 HOH HOH B . 
# 
loop_
_pdbx_unobs_or_zero_occ_atoms.id 
_pdbx_unobs_or_zero_occ_atoms.PDB_model_num 
_pdbx_unobs_or_zero_occ_atoms.polymer_flag 
_pdbx_unobs_or_zero_occ_atoms.occupancy_flag 
_pdbx_unobs_or_zero_occ_atoms.auth_asym_id 
_pdbx_unobs_or_zero_occ_atoms.auth_comp_id 
_pdbx_unobs_or_zero_occ_atoms.auth_seq_id 
_pdbx_unobs_or_zero_occ_atoms.PDB_ins_code 
_pdbx_unobs_or_zero_occ_atoms.auth_atom_id 
_pdbx_unobs_or_zero_occ_atoms.label_alt_id 
_pdbx_unobs_or_zero_occ_atoms.label_asym_id 
_pdbx_unobs_or_zero_occ_atoms.label_comp_id 
_pdbx_unobs_or_zero_occ_atoms.label_seq_id 
_pdbx_unobs_or_zero_occ_atoms.label_atom_id 
1  1 Y 1 A ARG 487 ? CB  ? A ARG 1  CB  
2  1 Y 1 A ARG 487 ? CG  ? A ARG 1  CG  
3  1 Y 1 A ARG 487 ? CD  ? A ARG 1  CD  
4  1 Y 1 A ARG 487 ? NE  ? A ARG 1  NE  
5  1 Y 1 A ARG 487 ? CZ  ? A ARG 1  CZ  
6  1 Y 1 A ARG 487 ? NH1 ? A ARG 1  NH1 
7  1 Y 1 A ARG 487 ? NH2 ? A ARG 1  NH2 
8  1 Y 1 A ASN 508 ? CG  ? A ASN 22 CG  
9  1 Y 1 A ASN 508 ? OD1 ? A ASN 22 OD1 
10 1 Y 1 A ASN 508 ? ND2 ? A ASN 22 ND2 
11 1 Y 1 A GLU 509 ? CG  ? A GLU 23 CG  
12 1 Y 1 A GLU 509 ? CD  ? A GLU 23 CD  
13 1 Y 1 A GLU 509 ? OE1 ? A GLU 23 OE1 
14 1 Y 1 A GLU 509 ? OE2 ? A GLU 23 OE2 
15 1 Y 1 B ARG 487 ? CB  ? B ARG 1  CB  
16 1 Y 1 B ARG 487 ? CG  ? B ARG 1  CG  
17 1 Y 1 B ARG 487 ? CD  ? B ARG 1  CD  
18 1 Y 1 B ARG 487 ? NE  ? B ARG 1  NE  
19 1 Y 1 B ARG 487 ? CZ  ? B ARG 1  CZ  
20 1 Y 1 B ARG 487 ? NH1 ? B ARG 1  NH1 
21 1 Y 1 B ARG 487 ? NH2 ? B ARG 1  NH2 
22 1 Y 1 B LYS 554 ? CG  ? B LYS 68 CG  
23 1 Y 1 B LYS 554 ? CD  ? B LYS 68 CD  
24 1 Y 1 B LYS 554 ? CE  ? B LYS 68 CE  
25 1 Y 1 B LYS 554 ? NZ  ? B LYS 68 NZ  
26 1 Y 1 B ARG 557 ? CG  ? B ARG 71 CG  
27 1 Y 1 B ARG 557 ? CD  ? B ARG 71 CD  
28 1 Y 1 B ARG 557 ? NE  ? B ARG 71 NE  
29 1 Y 1 B ARG 557 ? CZ  ? B ARG 71 CZ  
30 1 Y 1 B ARG 557 ? NH1 ? B ARG 71 NH1 
31 1 Y 1 B ARG 557 ? NH2 ? B ARG 71 NH2 
# 
_cell.entry_id           1KWA 
_cell.length_a           40.800 
_cell.length_b           97.000 
_cell.length_c           92.000 
_cell.angle_alpha        90.00 
_cell.angle_beta         90.00 
_cell.angle_gamma        90.00 
_cell.Z_PDB              16 
_cell.pdbx_unique_axis   ? 
# 
_symmetry.entry_id                         1KWA 
_symmetry.space_group_name_H-M             'C 2 2 21' 
_symmetry.pdbx_full_space_group_name_H-M   ? 
_symmetry.cell_setting                     ? 
_symmetry.Int_Tables_number                20 
# 
_exptl.entry_id          1KWA 
_exptl.method            'X-RAY DIFFRACTION' 
_exptl.crystals_number   1 
# 
_exptl_crystal.id                    1 
_exptl_crystal.density_meas          ? 
_exptl_crystal.density_Matthews      2.3 
_exptl_crystal.density_percent_sol   55. 
_exptl_crystal.description           ? 
# 
_exptl_crystal_grow.crystal_id      1 
_exptl_crystal_grow.method          ? 
_exptl_crystal_grow.temp            294 
_exptl_crystal_grow.temp_details    ? 
_exptl_crystal_grow.pH              6.5 
_exptl_crystal_grow.pdbx_pH_range   ? 
_exptl_crystal_grow.pdbx_details    
'PROTEIN WAS CRYSTALLIZED IN 1.8M AMMONIUM SULFATE AND 100MM MES PH 6.5 AT 21 DEGREES C., temperature 294K' 
# 
_diffrn.id                     1 
_diffrn.ambient_temp           110 
_diffrn.ambient_temp_details   ? 
_diffrn.crystal_id             1 
# 
_diffrn_detector.diffrn_id              1 
_diffrn_detector.detector               'IMAGE PLATE AREA DETECTOR' 
_diffrn_detector.type                   MARRESEARCH 
_diffrn_detector.pdbx_collection_date   1996-12 
_diffrn_detector.details                MIRROR 
# 
_diffrn_radiation.diffrn_id                        1 
_diffrn_radiation.wavelength_id                    1 
_diffrn_radiation.pdbx_monochromatic_or_laue_m_l   M 
_diffrn_radiation.monochromator                    'SI(111)' 
_diffrn_radiation.pdbx_diffrn_protocol             ? 
_diffrn_radiation.pdbx_scattering_type             x-ray 
# 
loop_
_diffrn_radiation_wavelength.id 
_diffrn_radiation_wavelength.wavelength 
_diffrn_radiation_wavelength.wt 
1 0.979 1.0 
2 1.033 1.0 
# 
_diffrn_source.diffrn_id                   1 
_diffrn_source.source                      SYNCHROTRON 
_diffrn_source.type                        'SSRL BEAMLINE BL1-5' 
_diffrn_source.pdbx_synchrotron_site       SSRL 
_diffrn_source.pdbx_synchrotron_beamline   BL1-5 
_diffrn_source.pdbx_wavelength             0.979 
_diffrn_source.pdbx_wavelength_list        '0.979, 1.033' 
# 
_reflns.entry_id                     1KWA 
_reflns.observed_criterion_sigma_I   2. 
_reflns.observed_criterion_sigma_F   ? 
_reflns.d_resolution_low             30. 
_reflns.d_resolution_high            1.93 
_reflns.number_obs                   14216 
_reflns.number_all                   ? 
_reflns.percent_possible_obs         88.4 
_reflns.pdbx_Rmerge_I_obs            ? 
_reflns.pdbx_Rsym_value              0.0320000 
_reflns.pdbx_netI_over_sigmaI        21.6 
_reflns.B_iso_Wilson_estimate        13.0 
_reflns.pdbx_redundancy              3.5 
_reflns.pdbx_diffrn_id               1 
_reflns.pdbx_ordinal                 1 
# 
_reflns_shell.d_res_high             1.93 
_reflns_shell.d_res_low              1.96 
_reflns_shell.percent_possible_all   78.1 
_reflns_shell.Rmerge_I_obs           ? 
_reflns_shell.pdbx_Rsym_value        0.2930000 
_reflns_shell.meanI_over_sigI_obs    3.1 
_reflns_shell.pdbx_redundancy        2.0 
_reflns_shell.pdbx_diffrn_id         ? 
_reflns_shell.pdbx_ordinal           1 
# 
_refine.entry_id                                 1KWA 
_refine.ls_number_reflns_obs                     13564 
_refine.ls_number_reflns_all                     ? 
_refine.pdbx_ls_sigma_I                          ? 
_refine.pdbx_ls_sigma_F                          0.0 
_refine.pdbx_data_cutoff_high_absF               ? 
_refine.pdbx_data_cutoff_low_absF                ? 
_refine.pdbx_data_cutoff_high_rms_absF           ? 
_refine.ls_d_res_low                             30.00 
_refine.ls_d_res_high                            1.93 
_refine.ls_percent_reflns_obs                    96.0 
_refine.ls_R_factor_obs                          0.2510000 
_refine.ls_R_factor_all                          ? 
_refine.ls_R_factor_R_work                       0.2510000 
_refine.ls_R_factor_R_free                       0.2980000 
_refine.ls_R_factor_R_free_error                 0.008 
_refine.ls_R_factor_R_free_error_details         ? 
_refine.ls_percent_reflns_R_free                 9.4 
_refine.ls_number_reflns_R_free                  1278 
_refine.ls_number_parameters                     ? 
_refine.ls_number_restraints                     ? 
_refine.occupancy_min                            ? 
_refine.occupancy_max                            ? 
_refine.B_iso_mean                               29.1 
_refine.aniso_B[1][1]                            -3.94 
_refine.aniso_B[2][2]                            0.52 
_refine.aniso_B[3][3]                            3.43 
_refine.aniso_B[1][2]                            0.00 
_refine.aniso_B[1][3]                            0.00 
_refine.aniso_B[2][3]                            0.00 
_refine.solvent_model_details                    'FLAT MODEL' 
_refine.solvent_model_param_ksol                 0.359 
_refine.solvent_model_param_bsol                 48.61 
_refine.pdbx_ls_cross_valid_method               THROUGHOUT 
_refine.details                                  'BULK SOLVENT MODEL USED' 
_refine.pdbx_starting_model                      ? 
_refine.pdbx_method_to_determine_struct          'MAD, SIR' 
_refine.pdbx_isotropic_thermal_model             RESTRAINED 
_refine.pdbx_stereochemistry_target_values       ? 
_refine.pdbx_stereochem_target_val_spec_case     ? 
_refine.pdbx_R_Free_selection_details            RANDOM 
_refine.pdbx_overall_ESU_R                       ? 
_refine.pdbx_overall_ESU_R_Free                  ? 
_refine.overall_SU_ML                            ? 
_refine.overall_SU_B                             ? 
_refine.pdbx_refine_id                           'X-RAY DIFFRACTION' 
_refine.pdbx_diffrn_id                           1 
_refine.pdbx_TLS_residual_ADP_flag               ? 
_refine.correlation_coeff_Fo_to_Fc               ? 
_refine.correlation_coeff_Fo_to_Fc_free          ? 
_refine.pdbx_solvent_vdw_probe_radii             ? 
_refine.pdbx_solvent_ion_probe_radii             ? 
_refine.pdbx_solvent_shrinkage_radii             ? 
_refine.pdbx_overall_phase_error                 ? 
_refine.overall_SU_R_Cruickshank_DPI             ? 
_refine.pdbx_overall_SU_R_free_Cruickshank_DPI   ? 
_refine.pdbx_overall_SU_R_Blow_DPI               ? 
_refine.pdbx_overall_SU_R_free_Blow_DPI          ? 
# 
_refine_analyze.entry_id                        1KWA 
_refine_analyze.Luzzati_coordinate_error_obs    0.27 
_refine_analyze.Luzzati_sigma_a_obs             0.17 
_refine_analyze.Luzzati_d_res_low_obs           5.00 
_refine_analyze.Luzzati_coordinate_error_free   0.34 
_refine_analyze.Luzzati_sigma_a_free            0.27 
_refine_analyze.Luzzati_d_res_low_free          ? 
_refine_analyze.number_disordered_residues      ? 
_refine_analyze.occupancy_sum_hydrogen          ? 
_refine_analyze.occupancy_sum_non_hydrogen      ? 
_refine_analyze.pdbx_refine_id                  'X-RAY DIFFRACTION' 
# 
_refine_hist.pdbx_refine_id                   'X-RAY DIFFRACTION' 
_refine_hist.cycle_id                         LAST 
_refine_hist.pdbx_number_atoms_protein        1373 
_refine_hist.pdbx_number_atoms_nucleic_acid   0 
_refine_hist.pdbx_number_atoms_ligand         15 
_refine_hist.number_atoms_solvent             185 
_refine_hist.number_atoms_total               1573 
_refine_hist.d_res_high                       1.93 
_refine_hist.d_res_low                        30.00 
# 
loop_
_refine_ls_restr.type 
_refine_ls_restr.dev_ideal 
_refine_ls_restr.dev_ideal_target 
_refine_ls_restr.weight 
_refine_ls_restr.number 
_refine_ls_restr.pdbx_refine_id 
_refine_ls_restr.pdbx_restraint_function 
c_bond_d                0.006 ?   ? ? 'X-RAY DIFFRACTION' ? 
c_bond_d_na             ?     ?   ? ? 'X-RAY DIFFRACTION' ? 
c_bond_d_prot           ?     ?   ? ? 'X-RAY DIFFRACTION' ? 
c_angle_d               ?     ?   ? ? 'X-RAY DIFFRACTION' ? 
c_angle_d_na            ?     ?   ? ? 'X-RAY DIFFRACTION' ? 
c_angle_d_prot          ?     ?   ? ? 'X-RAY DIFFRACTION' ? 
c_angle_deg             1.4   ?   ? ? 'X-RAY DIFFRACTION' ? 
c_angle_deg_na          ?     ?   ? ? 'X-RAY DIFFRACTION' ? 
c_angle_deg_prot        ?     ?   ? ? 'X-RAY DIFFRACTION' ? 
c_dihedral_angle_d      23.8  ?   ? ? 'X-RAY DIFFRACTION' ? 
c_dihedral_angle_d_na   ?     ?   ? ? 'X-RAY DIFFRACTION' ? 
c_dihedral_angle_d_prot ?     ?   ? ? 'X-RAY DIFFRACTION' ? 
c_improper_angle_d      0.70  ?   ? ? 'X-RAY DIFFRACTION' ? 
c_improper_angle_d_na   ?     ?   ? ? 'X-RAY DIFFRACTION' ? 
c_improper_angle_d_prot ?     ?   ? ? 'X-RAY DIFFRACTION' ? 
c_mcbond_it             1.24  1.5 ? ? 'X-RAY DIFFRACTION' ? 
c_mcangle_it            1.85  2.0 ? ? 'X-RAY DIFFRACTION' ? 
c_scbond_it             2.02  2.0 ? ? 'X-RAY DIFFRACTION' ? 
c_scangle_it            2.78  2.5 ? ? 'X-RAY DIFFRACTION' ? 
# 
_refine_ls_shell.pdbx_total_number_of_bins_used   6 
_refine_ls_shell.d_res_high                       1.93 
_refine_ls_shell.d_res_low                        2.05 
_refine_ls_shell.number_reflns_R_work             1957 
_refine_ls_shell.R_factor_R_work                  0.2780000 
_refine_ls_shell.percent_reflns_obs               93.0 
_refine_ls_shell.R_factor_R_free                  0.3350000 
_refine_ls_shell.R_factor_R_free_error            0.023 
_refine_ls_shell.percent_reflns_R_free            9.4 
_refine_ls_shell.number_reflns_R_free             204 
_refine_ls_shell.pdbx_refine_id                   'X-RAY DIFFRACTION' 
_refine_ls_shell.number_reflns_all                ? 
_refine_ls_shell.R_factor_all                     ? 
# 
loop_
_pdbx_xplor_file.serial_no 
_pdbx_xplor_file.param_file 
_pdbx_xplor_file.topol_file 
_pdbx_xplor_file.pdbx_refine_id 
1 PROTEIN_REP.PARAM PROTEIN.TOP 'X-RAY DIFFRACTION' 
2 SULPHATE_ION.PARA ?           'X-RAY DIFFRACTION' 
3 WATER_REP.PARAM   ?           'X-RAY DIFFRACTION' 
# 
_struct_ncs_oper.id             1 
_struct_ncs_oper.code           given 
_struct_ncs_oper.details        ? 
_struct_ncs_oper.matrix[1][1]   0.07931925 
_struct_ncs_oper.matrix[1][2]   -0.78118452 
_struct_ncs_oper.matrix[1][3]   0.61924063 
_struct_ncs_oper.matrix[2][1]   0.90988909 
_struct_ncs_oper.matrix[2][2]   -0.19701354 
_struct_ncs_oper.matrix[2][3]   -0.36508623 
_struct_ncs_oper.matrix[3][1]   0.40719807 
_struct_ncs_oper.matrix[3][2]   0.59239904 
_struct_ncs_oper.matrix[3][3]   0.69516429 
_struct_ncs_oper.vector[1]      1.68032 
_struct_ncs_oper.vector[2]      -14.77849 
_struct_ncs_oper.vector[3]      -11.09280 
# 
_struct.entry_id                  1KWA 
_struct.title                     'HUMAN CASK/LIN-2 PDZ DOMAIN' 
_struct.pdbx_model_details        ? 
_struct.pdbx_CASP_flag            ? 
_struct.pdbx_model_type_details   ? 
# 
_struct_keywords.entry_id        1KWA 
_struct_keywords.pdbx_keywords   KINASE 
_struct_keywords.text            'PDZ DOMAIN, NEUREXIN, SYNDECAN, RECEPTOR CLUSTERING, KINASE' 
# 
loop_
_struct_asym.id 
_struct_asym.pdbx_blank_PDB_chainid_flag 
_struct_asym.pdbx_modified 
_struct_asym.entity_id 
_struct_asym.details 
A N N 1 ? 
B N N 1 ? 
C N N 2 ? 
D N N 2 ? 
E N N 2 ? 
F N N 3 ? 
G N N 3 ? 
# 
_struct_ref.id                         1 
_struct_ref.db_name                    UNP 
_struct_ref.db_code                    CSKP_HUMAN 
_struct_ref.entity_id                  1 
_struct_ref.pdbx_db_accession          O14936 
_struct_ref.pdbx_align_begin           1 
_struct_ref.pdbx_seq_one_letter_code   
;MADDDVLFEDVYELCEVIGKGPFSVVRRCINRETGQQFAVKIVDVAKFTSSPGLSTEDLKREASICHMLKHPHIVELLET
YSSDGMLYMVFEFMDGADLCFEIVKRADAGFVYSEAVASHYMRQILEALRYCHDNNIIHRDVKPHCVLLASKENSAPVKL
GGFGVAIQLGESGLVAGGRVGTPHFMAPEVVKREPYGKPVDVWGCGVILFILLSGCLPFYGTKERLFEGIIKGKYKMNPR
QWSHISESAKDLVRRMLMLDPAERITVYEALNHPWLKERDRYAYKIHLPETVEQLRKFNARRKLKGAVLAAVSSHKFNSF
YGDPPEELPDFSEDPTSSGLLAAERAVSQVLDSLEEIHALTDCSEKDLDFLHSVFQDQHLHTLLDLYDKINTKSSPQIRN
PPSDAVQRAKEVLEEISCYPENNDAKELKRILTQPHFMALLQTHDVVAHEVYSDEALRVTPPPTSPYLNGDSPESANGGM
DMENVTRVRLVQFQKNTDEPMGITLKMNELNHCIVARIMHGGMIHRQGTLHVGDEIREINGISVANQTVEQLQKMLREMR
GSITFKIVPSYRTQSSSCERDSPSTSRQSPANGHSSTNNSVSDLPSTTQPKGRQIYVRAQFEYDPAKDDLIPCKEAGIRF
RVGDIIQIISKDDHNWWQGKLENSKNGTAGLIPSSELQEWRVACIAMEKTKQEQQASCTWFGKKKKQYKDKYLAKHNADL
VTYEEVVKLPAFKRKTLVLLGAHGVGRRHIKNTLITKHPDRFAYPIPHTTRPPKRDEENGKNYYFVSHDQMMQDISNNEY
LEYGSHEDAMYGTKLETIRKIHEQGLIAILDVEPQALKVLRTAEFAPFVVFIAAPTITPGLNEDESLQRLQKESDILQRT
YAHYFDLTIINNEIDETIRHLEEAVELVCTAPQWVPVSWVY
;
_struct_ref.pdbx_db_isoform            ? 
# 
loop_
_struct_ref_seq.align_id 
_struct_ref_seq.ref_id 
_struct_ref_seq.pdbx_PDB_id_code 
_struct_ref_seq.pdbx_strand_id 
_struct_ref_seq.seq_align_beg 
_struct_ref_seq.pdbx_seq_align_beg_ins_code 
_struct_ref_seq.seq_align_end 
_struct_ref_seq.pdbx_seq_align_end_ins_code 
_struct_ref_seq.pdbx_db_accession 
_struct_ref_seq.db_align_beg 
_struct_ref_seq.pdbx_db_align_beg_ins_code 
_struct_ref_seq.db_align_end 
_struct_ref_seq.pdbx_db_align_end_ins_code 
_struct_ref_seq.pdbx_auth_seq_align_beg 
_struct_ref_seq.pdbx_auth_seq_align_end 
1 1 1KWA A 1 ? 86 ? O14936 487 ? 572 ? 487 572 
2 1 1KWA B 1 ? 86 ? O14936 487 ? 572 ? 487 572 
# 
loop_
_struct_ref_seq_dif.align_id 
_struct_ref_seq_dif.pdbx_pdb_id_code 
_struct_ref_seq_dif.mon_id 
_struct_ref_seq_dif.pdbx_pdb_strand_id 
_struct_ref_seq_dif.seq_num 
_struct_ref_seq_dif.pdbx_pdb_ins_code 
_struct_ref_seq_dif.pdbx_seq_db_name 
_struct_ref_seq_dif.pdbx_seq_db_accession_code 
_struct_ref_seq_dif.db_mon_id 
_struct_ref_seq_dif.pdbx_seq_db_seq_num 
_struct_ref_seq_dif.details 
_struct_ref_seq_dif.pdbx_auth_seq_num 
_struct_ref_seq_dif.pdbx_ordinal 
1 1KWA SER A 2 ? UNP O14936 VAL 488 conflict 488 1 
2 1KWA SER B 2 ? UNP O14936 VAL 488 conflict 488 2 
# 
loop_
_pdbx_struct_assembly.id 
_pdbx_struct_assembly.details 
_pdbx_struct_assembly.method_details 
_pdbx_struct_assembly.oligomeric_details 
_pdbx_struct_assembly.oligomeric_count 
1 author_and_software_defined_assembly PISA monomeric  1 
2 author_defined_assembly              ?    monomeric  1 
3 software_defined_assembly            PISA tetrameric 4 
4 software_defined_assembly            PISA dimeric    2 
5 software_defined_assembly            PISA dimeric    2 
# 
loop_
_pdbx_struct_assembly_prop.biol_id 
_pdbx_struct_assembly_prop.type 
_pdbx_struct_assembly_prop.value 
_pdbx_struct_assembly_prop.details 
3 'ABSA (A^2)' 6080  ? 
3 MORE         -126  ? 
3 'SSA (A^2)'  17120 ? 
4 'ABSA (A^2)' 1960  ? 
4 MORE         -54   ? 
4 'SSA (A^2)'  9640  ? 
5 'ABSA (A^2)' 1470  ? 
5 MORE         -40   ? 
5 'SSA (A^2)'  10130 ? 
# 
loop_
_pdbx_struct_assembly_gen.assembly_id 
_pdbx_struct_assembly_gen.oper_expression 
_pdbx_struct_assembly_gen.asym_id_list 
1 1   A,C,D,F       
2 1   B,E,G         
3 1,2 A,B,C,D,E,F,G 
4 1   A,B,C,D,E,F,G 
5 1   A,C,D,F       
5 2   B,E,G         
# 
loop_
_pdbx_struct_oper_list.id 
_pdbx_struct_oper_list.type 
_pdbx_struct_oper_list.name 
_pdbx_struct_oper_list.symmetry_operation 
_pdbx_struct_oper_list.matrix[1][1] 
_pdbx_struct_oper_list.matrix[1][2] 
_pdbx_struct_oper_list.matrix[1][3] 
_pdbx_struct_oper_list.vector[1] 
_pdbx_struct_oper_list.matrix[2][1] 
_pdbx_struct_oper_list.matrix[2][2] 
_pdbx_struct_oper_list.matrix[2][3] 
_pdbx_struct_oper_list.vector[2] 
_pdbx_struct_oper_list.matrix[3][1] 
_pdbx_struct_oper_list.matrix[3][2] 
_pdbx_struct_oper_list.matrix[3][3] 
_pdbx_struct_oper_list.vector[3] 
1 'identity operation'         1_555 x,y,z       1.0000000000  0.0000000000  0.0000000000 0.0000000000  0.0000000000  1.0000000000  0.0000000000  0.0000000000  0.0000000000 0.0000000000  1.0000000000 0.0000000000  
2 'crystal symmetry operation' 4_576 x,-y+2,-z+1 -0.9897194392 -0.0733103950 0.1228047945 24.3853029314 -0.0733103950 -0.4772255966 -0.8757176006 -6.3867069176 0.1228047945 -0.8757176006 0.4669450359 -5.8540596708 
# 
loop_
_struct_biol.id 
1 
2 
# 
loop_
_struct_conf.conf_type_id 
_struct_conf.id 
_struct_conf.pdbx_PDB_helix_id 
_struct_conf.beg_label_comp_id 
_struct_conf.beg_label_asym_id 
_struct_conf.beg_label_seq_id 
_struct_conf.pdbx_beg_PDB_ins_code 
_struct_conf.end_label_comp_id 
_struct_conf.end_label_asym_id 
_struct_conf.end_label_seq_id 
_struct_conf.pdbx_end_PDB_ins_code 
_struct_conf.beg_auth_comp_id 
_struct_conf.beg_auth_asym_id 
_struct_conf.beg_auth_seq_id 
_struct_conf.end_auth_comp_id 
_struct_conf.end_auth_asym_id 
_struct_conf.end_auth_seq_id 
_struct_conf.pdbx_PDB_helix_class 
_struct_conf.details 
_struct_conf.pdbx_PDB_helix_length 
HELX_P HELX_P1 1 LEU A 24 ? HIS A 26 ? LEU A 510 HIS A 512 5 ? 3  
HELX_P HELX_P2 2 MET A 37 ? GLN A 41 ? MET A 523 GLN A 527 1 ? 5  
HELX_P HELX_P3 3 VAL A 58 ? ASN A 60 ? VAL A 544 ASN A 546 5 ? 3  
HELX_P HELX_P4 4 VAL A 63 ? GLU A 72 ? VAL A 549 GLU A 558 1 ? 10 
HELX_P HELX_P5 5 MET B 37 ? GLN B 41 ? MET B 523 GLN B 527 1 ? 5  
HELX_P HELX_P6 6 VAL B 63 ? GLU B 72 ? VAL B 549 GLU B 558 1 ? 10 
# 
_struct_conf_type.id          HELX_P 
_struct_conf_type.criteria    ? 
_struct_conf_type.reference   ? 
# 
loop_
_struct_sheet.id 
_struct_sheet.type 
_struct_sheet.number_strands 
_struct_sheet.details 
A ? 3 ? 
B ? 2 ? 
C ? 3 ? 
D ? 2 ? 
# 
loop_
_struct_sheet_order.sheet_id 
_struct_sheet_order.range_id_1 
_struct_sheet_order.range_id_2 
_struct_sheet_order.offset 
_struct_sheet_order.sense 
A 1 2 ? anti-parallel 
A 2 3 ? anti-parallel 
B 1 2 ? anti-parallel 
C 1 2 ? anti-parallel 
C 2 3 ? anti-parallel 
D 1 2 ? anti-parallel 
# 
loop_
_struct_sheet_range.sheet_id 
_struct_sheet_range.id 
_struct_sheet_range.beg_label_comp_id 
_struct_sheet_range.beg_label_asym_id 
_struct_sheet_range.beg_label_seq_id 
_struct_sheet_range.pdbx_beg_PDB_ins_code 
_struct_sheet_range.end_label_comp_id 
_struct_sheet_range.end_label_asym_id 
_struct_sheet_range.end_label_seq_id 
_struct_sheet_range.pdbx_end_PDB_ins_code 
_struct_sheet_range.beg_auth_comp_id 
_struct_sheet_range.beg_auth_asym_id 
_struct_sheet_range.beg_auth_seq_id 
_struct_sheet_range.end_auth_comp_id 
_struct_sheet_range.end_auth_asym_id 
_struct_sheet_range.end_auth_seq_id 
A 1 ARG A 3  ? LYS A 9  ? ARG A 489 LYS A 495 
A 2 GLY A 75 ? VAL A 82 ? GLY A 561 VAL A 568 
A 3 GLU A 49 ? ILE A 53 ? GLU A 535 ILE A 539 
B 1 ILE A 17 ? LYS A 20 ? ILE A 503 LYS A 506 
B 2 ILE A 28 ? ILE A 32 ? ILE A 514 ILE A 518 
C 1 ARG B 3  ? LYS B 9  ? ARG B 489 LYS B 495 
C 2 GLY B 75 ? VAL B 82 ? GLY B 561 VAL B 568 
C 3 GLU B 49 ? ILE B 53 ? GLU B 535 ILE B 539 
D 1 ILE B 17 ? LYS B 20 ? ILE B 503 LYS B 506 
D 2 ILE B 28 ? ILE B 32 ? ILE B 514 ILE B 518 
# 
loop_
_pdbx_struct_sheet_hbond.sheet_id 
_pdbx_struct_sheet_hbond.range_id_1 
_pdbx_struct_sheet_hbond.range_id_2 
_pdbx_struct_sheet_hbond.range_1_label_atom_id 
_pdbx_struct_sheet_hbond.range_1_label_comp_id 
_pdbx_struct_sheet_hbond.range_1_label_asym_id 
_pdbx_struct_sheet_hbond.range_1_label_seq_id 
_pdbx_struct_sheet_hbond.range_1_PDB_ins_code 
_pdbx_struct_sheet_hbond.range_1_auth_atom_id 
_pdbx_struct_sheet_hbond.range_1_auth_comp_id 
_pdbx_struct_sheet_hbond.range_1_auth_asym_id 
_pdbx_struct_sheet_hbond.range_1_auth_seq_id 
_pdbx_struct_sheet_hbond.range_2_label_atom_id 
_pdbx_struct_sheet_hbond.range_2_label_comp_id 
_pdbx_struct_sheet_hbond.range_2_label_asym_id 
_pdbx_struct_sheet_hbond.range_2_label_seq_id 
_pdbx_struct_sheet_hbond.range_2_PDB_ins_code 
_pdbx_struct_sheet_hbond.range_2_auth_atom_id 
_pdbx_struct_sheet_hbond.range_2_auth_comp_id 
_pdbx_struct_sheet_hbond.range_2_auth_asym_id 
_pdbx_struct_sheet_hbond.range_2_auth_seq_id 
A 1 2 O ARG A 3  ? O ARG A 489 N ILE A 81 ? N ILE A 567 
A 2 3 O LYS A 80 ? O LYS A 566 N GLU A 52 ? N GLU A 538 
B 1 2 O THR A 18 ? O THR A 504 N ARG A 31 ? N ARG A 517 
C 1 2 O ARG B 3  ? O ARG B 489 N ILE B 81 ? N ILE B 567 
C 2 3 O LYS B 80 ? O LYS B 566 N GLU B 52 ? N GLU B 538 
D 1 2 O THR B 18 ? O THR B 504 N ARG B 31 ? N ARG B 517 
# 
loop_
_struct_site.id 
_struct_site.pdbx_evidence_code 
_struct_site.pdbx_auth_asym_id 
_struct_site.pdbx_auth_comp_id 
_struct_site.pdbx_auth_seq_id 
_struct_site.pdbx_auth_ins_code 
_struct_site.pdbx_num_residues 
_struct_site.details 
AC1 Software B SO4 702 ? 5 'BINDING SITE FOR RESIDUE SO4 B 702' 
AC2 Software A SO4 703 ? 4 'BINDING SITE FOR RESIDUE SO4 A 703' 
AC3 Software A SO4 704 ? 4 'BINDING SITE FOR RESIDUE SO4 A 704' 
# 
loop_
_struct_site_gen.id 
_struct_site_gen.site_id 
_struct_site_gen.pdbx_num_res 
_struct_site_gen.label_comp_id 
_struct_site_gen.label_asym_id 
_struct_site_gen.label_seq_id 
_struct_site_gen.pdbx_auth_ins_code 
_struct_site_gen.auth_comp_id 
_struct_site_gen.auth_asym_id 
_struct_site_gen.auth_seq_id 
_struct_site_gen.label_atom_id 
_struct_site_gen.label_alt_id 
_struct_site_gen.symmetry 
_struct_site_gen.details 
1  AC1 5 ARG A 71 ? ARG A 557 . ? 1_555 ? 
2  AC1 5 HOH G .  ? HOH B 2   . ? 1_555 ? 
3  AC1 5 HOH G .  ? HOH B 17  . ? 1_555 ? 
4  AC1 5 HIS B 45 ? HIS B 531 . ? 1_555 ? 
5  AC1 5 VAL B 46 ? VAL B 532 . ? 1_555 ? 
6  AC2 4 PRO A 14 ? PRO A 500 . ? 1_555 ? 
7  AC2 4 ARG A 71 ? ARG A 557 . ? 1_555 ? 
8  AC2 4 GLU B 87 ? GLU B 573 . ? 1_555 ? 
9  AC2 4 PHE B 88 ? PHE B 574 . ? 1_555 ? 
10 AC3 4 ARG A 31 ? ARG A 517 . ? 4_576 ? 
11 AC3 4 TYR A 85 ? TYR A 571 . ? 1_555 ? 
12 AC3 4 LYS B 20 ? LYS B 506 . ? 4_576 ? 
13 AC3 4 ARG B 31 ? ARG B 517 . ? 4_576 ? 
# 
_pdbx_validate_symm_contact.id                1 
_pdbx_validate_symm_contact.PDB_model_num     1 
_pdbx_validate_symm_contact.auth_atom_id_1    O 
_pdbx_validate_symm_contact.auth_asym_id_1    A 
_pdbx_validate_symm_contact.auth_comp_id_1    HOH 
_pdbx_validate_symm_contact.auth_seq_id_1     232 
_pdbx_validate_symm_contact.PDB_ins_code_1    ? 
_pdbx_validate_symm_contact.label_alt_id_1    ? 
_pdbx_validate_symm_contact.site_symmetry_1   1_555 
_pdbx_validate_symm_contact.auth_atom_id_2    O 
_pdbx_validate_symm_contact.auth_asym_id_2    A 
_pdbx_validate_symm_contact.auth_comp_id_2    HOH 
_pdbx_validate_symm_contact.auth_seq_id_2     232 
_pdbx_validate_symm_contact.PDB_ins_code_2    ? 
_pdbx_validate_symm_contact.label_alt_id_2    ? 
_pdbx_validate_symm_contact.site_symmetry_2   3_655 
_pdbx_validate_symm_contact.dist              2.06 
# 
_pdbx_validate_torsion.id              1 
_pdbx_validate_torsion.PDB_model_num   1 
_pdbx_validate_torsion.auth_comp_id    ASN 
_pdbx_validate_torsion.auth_asym_id    B 
_pdbx_validate_torsion.auth_seq_id     546 
_pdbx_validate_torsion.PDB_ins_code    ? 
_pdbx_validate_torsion.label_alt_id    ? 
_pdbx_validate_torsion.phi             -68.15 
_pdbx_validate_torsion.psi             37.81 
# 
loop_
_pdbx_struct_special_symmetry.id 
_pdbx_struct_special_symmetry.PDB_model_num 
_pdbx_struct_special_symmetry.auth_asym_id 
_pdbx_struct_special_symmetry.auth_comp_id 
_pdbx_struct_special_symmetry.auth_seq_id 
_pdbx_struct_special_symmetry.PDB_ins_code 
_pdbx_struct_special_symmetry.label_asym_id 
_pdbx_struct_special_symmetry.label_comp_id 
_pdbx_struct_special_symmetry.label_seq_id 
1 1 A HOH 105 ? F HOH . 
2 1 B HOH 3   ? G HOH . 
3 1 B HOH 85  ? G HOH . 
4 1 B HOH 100 ? G HOH . 
# 
loop_
_pdbx_unobs_or_zero_occ_residues.id 
_pdbx_unobs_or_zero_occ_residues.PDB_model_num 
_pdbx_unobs_or_zero_occ_residues.polymer_flag 
_pdbx_unobs_or_zero_occ_residues.occupancy_flag 
_pdbx_unobs_or_zero_occ_residues.auth_asym_id 
_pdbx_unobs_or_zero_occ_residues.auth_comp_id 
_pdbx_unobs_or_zero_occ_residues.auth_seq_id 
_pdbx_unobs_or_zero_occ_residues.PDB_ins_code 
_pdbx_unobs_or_zero_occ_residues.label_asym_id 
_pdbx_unobs_or_zero_occ_residues.label_comp_id 
_pdbx_unobs_or_zero_occ_residues.label_seq_id 
1 1 Y 1 B ASN 508 ? B ASN 22 
2 1 Y 1 B GLU 509 ? B GLU 23 
# 
loop_
_chem_comp_atom.comp_id 
_chem_comp_atom.atom_id 
_chem_comp_atom.type_symbol 
_chem_comp_atom.pdbx_aromatic_flag 
_chem_comp_atom.pdbx_stereo_config 
_chem_comp_atom.pdbx_ordinal 
ALA N    N N N 1   
ALA CA   C N S 2   
ALA C    C N N 3   
ALA O    O N N 4   
ALA CB   C N N 5   
ALA OXT  O N N 6   
ALA H    H N N 7   
ALA H2   H N N 8   
ALA HA   H N N 9   
ALA HB1  H N N 10  
ALA HB2  H N N 11  
ALA HB3  H N N 12  
ALA HXT  H N N 13  
ARG N    N N N 14  
ARG CA   C N S 15  
ARG C    C N N 16  
ARG O    O N N 17  
ARG CB   C N N 18  
ARG CG   C N N 19  
ARG CD   C N N 20  
ARG NE   N N N 21  
ARG CZ   C N N 22  
ARG NH1  N N N 23  
ARG NH2  N N N 24  
ARG OXT  O N N 25  
ARG H    H N N 26  
ARG H2   H N N 27  
ARG HA   H N N 28  
ARG HB2  H N N 29  
ARG HB3  H N N 30  
ARG HG2  H N N 31  
ARG HG3  H N N 32  
ARG HD2  H N N 33  
ARG HD3  H N N 34  
ARG HE   H N N 35  
ARG HH11 H N N 36  
ARG HH12 H N N 37  
ARG HH21 H N N 38  
ARG HH22 H N N 39  
ARG HXT  H N N 40  
ASN N    N N N 41  
ASN CA   C N S 42  
ASN C    C N N 43  
ASN O    O N N 44  
ASN CB   C N N 45  
ASN CG   C N N 46  
ASN OD1  O N N 47  
ASN ND2  N N N 48  
ASN OXT  O N N 49  
ASN H    H N N 50  
ASN H2   H N N 51  
ASN HA   H N N 52  
ASN HB2  H N N 53  
ASN HB3  H N N 54  
ASN HD21 H N N 55  
ASN HD22 H N N 56  
ASN HXT  H N N 57  
ASP N    N N N 58  
ASP CA   C N S 59  
ASP C    C N N 60  
ASP O    O N N 61  
ASP CB   C N N 62  
ASP CG   C N N 63  
ASP OD1  O N N 64  
ASP OD2  O N N 65  
ASP OXT  O N N 66  
ASP H    H N N 67  
ASP H2   H N N 68  
ASP HA   H N N 69  
ASP HB2  H N N 70  
ASP HB3  H N N 71  
ASP HD2  H N N 72  
ASP HXT  H N N 73  
CYS N    N N N 74  
CYS CA   C N R 75  
CYS C    C N N 76  
CYS O    O N N 77  
CYS CB   C N N 78  
CYS SG   S N N 79  
CYS OXT  O N N 80  
CYS H    H N N 81  
CYS H2   H N N 82  
CYS HA   H N N 83  
CYS HB2  H N N 84  
CYS HB3  H N N 85  
CYS HG   H N N 86  
CYS HXT  H N N 87  
GLN N    N N N 88  
GLN CA   C N S 89  
GLN C    C N N 90  
GLN O    O N N 91  
GLN CB   C N N 92  
GLN CG   C N N 93  
GLN CD   C N N 94  
GLN OE1  O N N 95  
GLN NE2  N N N 96  
GLN OXT  O N N 97  
GLN H    H N N 98  
GLN H2   H N N 99  
GLN HA   H N N 100 
GLN HB2  H N N 101 
GLN HB3  H N N 102 
GLN HG2  H N N 103 
GLN HG3  H N N 104 
GLN HE21 H N N 105 
GLN HE22 H N N 106 
GLN HXT  H N N 107 
GLU N    N N N 108 
GLU CA   C N S 109 
GLU C    C N N 110 
GLU O    O N N 111 
GLU CB   C N N 112 
GLU CG   C N N 113 
GLU CD   C N N 114 
GLU OE1  O N N 115 
GLU OE2  O N N 116 
GLU OXT  O N N 117 
GLU H    H N N 118 
GLU H2   H N N 119 
GLU HA   H N N 120 
GLU HB2  H N N 121 
GLU HB3  H N N 122 
GLU HG2  H N N 123 
GLU HG3  H N N 124 
GLU HE2  H N N 125 
GLU HXT  H N N 126 
GLY N    N N N 127 
GLY CA   C N N 128 
GLY C    C N N 129 
GLY O    O N N 130 
GLY OXT  O N N 131 
GLY H    H N N 132 
GLY H2   H N N 133 
GLY HA2  H N N 134 
GLY HA3  H N N 135 
GLY HXT  H N N 136 
HIS N    N N N 137 
HIS CA   C N S 138 
HIS C    C N N 139 
HIS O    O N N 140 
HIS CB   C N N 141 
HIS CG   C Y N 142 
HIS ND1  N Y N 143 
HIS CD2  C Y N 144 
HIS CE1  C Y N 145 
HIS NE2  N Y N 146 
HIS OXT  O N N 147 
HIS H    H N N 148 
HIS H2   H N N 149 
HIS HA   H N N 150 
HIS HB2  H N N 151 
HIS HB3  H N N 152 
HIS HD1  H N N 153 
HIS HD2  H N N 154 
HIS HE1  H N N 155 
HIS HE2  H N N 156 
HIS HXT  H N N 157 
HOH O    O N N 158 
HOH H1   H N N 159 
HOH H2   H N N 160 
ILE N    N N N 161 
ILE CA   C N S 162 
ILE C    C N N 163 
ILE O    O N N 164 
ILE CB   C N S 165 
ILE CG1  C N N 166 
ILE CG2  C N N 167 
ILE CD1  C N N 168 
ILE OXT  O N N 169 
ILE H    H N N 170 
ILE H2   H N N 171 
ILE HA   H N N 172 
ILE HB   H N N 173 
ILE HG12 H N N 174 
ILE HG13 H N N 175 
ILE HG21 H N N 176 
ILE HG22 H N N 177 
ILE HG23 H N N 178 
ILE HD11 H N N 179 
ILE HD12 H N N 180 
ILE HD13 H N N 181 
ILE HXT  H N N 182 
LEU N    N N N 183 
LEU CA   C N S 184 
LEU C    C N N 185 
LEU O    O N N 186 
LEU CB   C N N 187 
LEU CG   C N N 188 
LEU CD1  C N N 189 
LEU CD2  C N N 190 
LEU OXT  O N N 191 
LEU H    H N N 192 
LEU H2   H N N 193 
LEU HA   H N N 194 
LEU HB2  H N N 195 
LEU HB3  H N N 196 
LEU HG   H N N 197 
LEU HD11 H N N 198 
LEU HD12 H N N 199 
LEU HD13 H N N 200 
LEU HD21 H N N 201 
LEU HD22 H N N 202 
LEU HD23 H N N 203 
LEU HXT  H N N 204 
LYS N    N N N 205 
LYS CA   C N S 206 
LYS C    C N N 207 
LYS O    O N N 208 
LYS CB   C N N 209 
LYS CG   C N N 210 
LYS CD   C N N 211 
LYS CE   C N N 212 
LYS NZ   N N N 213 
LYS OXT  O N N 214 
LYS H    H N N 215 
LYS H2   H N N 216 
LYS HA   H N N 217 
LYS HB2  H N N 218 
LYS HB3  H N N 219 
LYS HG2  H N N 220 
LYS HG3  H N N 221 
LYS HD2  H N N 222 
LYS HD3  H N N 223 
LYS HE2  H N N 224 
LYS HE3  H N N 225 
LYS HZ1  H N N 226 
LYS HZ2  H N N 227 
LYS HZ3  H N N 228 
LYS HXT  H N N 229 
MET N    N N N 230 
MET CA   C N S 231 
MET C    C N N 232 
MET O    O N N 233 
MET CB   C N N 234 
MET CG   C N N 235 
MET SD   S N N 236 
MET CE   C N N 237 
MET OXT  O N N 238 
MET H    H N N 239 
MET H2   H N N 240 
MET HA   H N N 241 
MET HB2  H N N 242 
MET HB3  H N N 243 
MET HG2  H N N 244 
MET HG3  H N N 245 
MET HE1  H N N 246 
MET HE2  H N N 247 
MET HE3  H N N 248 
MET HXT  H N N 249 
PHE N    N N N 250 
PHE CA   C N S 251 
PHE C    C N N 252 
PHE O    O N N 253 
PHE CB   C N N 254 
PHE CG   C Y N 255 
PHE CD1  C Y N 256 
PHE CD2  C Y N 257 
PHE CE1  C Y N 258 
PHE CE2  C Y N 259 
PHE CZ   C Y N 260 
PHE OXT  O N N 261 
PHE H    H N N 262 
PHE H2   H N N 263 
PHE HA   H N N 264 
PHE HB2  H N N 265 
PHE HB3  H N N 266 
PHE HD1  H N N 267 
PHE HD2  H N N 268 
PHE HE1  H N N 269 
PHE HE2  H N N 270 
PHE HZ   H N N 271 
PHE HXT  H N N 272 
PRO N    N N N 273 
PRO CA   C N S 274 
PRO C    C N N 275 
PRO O    O N N 276 
PRO CB   C N N 277 
PRO CG   C N N 278 
PRO CD   C N N 279 
PRO OXT  O N N 280 
PRO H    H N N 281 
PRO HA   H N N 282 
PRO HB2  H N N 283 
PRO HB3  H N N 284 
PRO HG2  H N N 285 
PRO HG3  H N N 286 
PRO HD2  H N N 287 
PRO HD3  H N N 288 
PRO HXT  H N N 289 
SER N    N N N 290 
SER CA   C N S 291 
SER C    C N N 292 
SER O    O N N 293 
SER CB   C N N 294 
SER OG   O N N 295 
SER OXT  O N N 296 
SER H    H N N 297 
SER H2   H N N 298 
SER HA   H N N 299 
SER HB2  H N N 300 
SER HB3  H N N 301 
SER HG   H N N 302 
SER HXT  H N N 303 
SO4 S    S N N 304 
SO4 O1   O N N 305 
SO4 O2   O N N 306 
SO4 O3   O N N 307 
SO4 O4   O N N 308 
THR N    N N N 309 
THR CA   C N S 310 
THR C    C N N 311 
THR O    O N N 312 
THR CB   C N R 313 
THR OG1  O N N 314 
THR CG2  C N N 315 
THR OXT  O N N 316 
THR H    H N N 317 
THR H2   H N N 318 
THR HA   H N N 319 
THR HB   H N N 320 
THR HG1  H N N 321 
THR HG21 H N N 322 
THR HG22 H N N 323 
THR HG23 H N N 324 
THR HXT  H N N 325 
TYR N    N N N 326 
TYR CA   C N S 327 
TYR C    C N N 328 
TYR O    O N N 329 
TYR CB   C N N 330 
TYR CG   C Y N 331 
TYR CD1  C Y N 332 
TYR CD2  C Y N 333 
TYR CE1  C Y N 334 
TYR CE2  C Y N 335 
TYR CZ   C Y N 336 
TYR OH   O N N 337 
TYR OXT  O N N 338 
TYR H    H N N 339 
TYR H2   H N N 340 
TYR HA   H N N 341 
TYR HB2  H N N 342 
TYR HB3  H N N 343 
TYR HD1  H N N 344 
TYR HD2  H N N 345 
TYR HE1  H N N 346 
TYR HE2  H N N 347 
TYR HH   H N N 348 
TYR HXT  H N N 349 
VAL N    N N N 350 
VAL CA   C N S 351 
VAL C    C N N 352 
VAL O    O N N 353 
VAL CB   C N N 354 
VAL CG1  C N N 355 
VAL CG2  C N N 356 
VAL OXT  O N N 357 
VAL H    H N N 358 
VAL H2   H N N 359 
VAL HA   H N N 360 
VAL HB   H N N 361 
VAL HG11 H N N 362 
VAL HG12 H N N 363 
VAL HG13 H N N 364 
VAL HG21 H N N 365 
VAL HG22 H N N 366 
VAL HG23 H N N 367 
VAL HXT  H N N 368 
# 
loop_
_chem_comp_bond.comp_id 
_chem_comp_bond.atom_id_1 
_chem_comp_bond.atom_id_2 
_chem_comp_bond.value_order 
_chem_comp_bond.pdbx_aromatic_flag 
_chem_comp_bond.pdbx_stereo_config 
_chem_comp_bond.pdbx_ordinal 
ALA N   CA   sing N N 1   
ALA N   H    sing N N 2   
ALA N   H2   sing N N 3   
ALA CA  C    sing N N 4   
ALA CA  CB   sing N N 5   
ALA CA  HA   sing N N 6   
ALA C   O    doub N N 7   
ALA C   OXT  sing N N 8   
ALA CB  HB1  sing N N 9   
ALA CB  HB2  sing N N 10  
ALA CB  HB3  sing N N 11  
ALA OXT HXT  sing N N 12  
ARG N   CA   sing N N 13  
ARG N   H    sing N N 14  
ARG N   H2   sing N N 15  
ARG CA  C    sing N N 16  
ARG CA  CB   sing N N 17  
ARG CA  HA   sing N N 18  
ARG C   O    doub N N 19  
ARG C   OXT  sing N N 20  
ARG CB  CG   sing N N 21  
ARG CB  HB2  sing N N 22  
ARG CB  HB3  sing N N 23  
ARG CG  CD   sing N N 24  
ARG CG  HG2  sing N N 25  
ARG CG  HG3  sing N N 26  
ARG CD  NE   sing N N 27  
ARG CD  HD2  sing N N 28  
ARG CD  HD3  sing N N 29  
ARG NE  CZ   sing N N 30  
ARG NE  HE   sing N N 31  
ARG CZ  NH1  sing N N 32  
ARG CZ  NH2  doub N N 33  
ARG NH1 HH11 sing N N 34  
ARG NH1 HH12 sing N N 35  
ARG NH2 HH21 sing N N 36  
ARG NH2 HH22 sing N N 37  
ARG OXT HXT  sing N N 38  
ASN N   CA   sing N N 39  
ASN N   H    sing N N 40  
ASN N   H2   sing N N 41  
ASN CA  C    sing N N 42  
ASN CA  CB   sing N N 43  
ASN CA  HA   sing N N 44  
ASN C   O    doub N N 45  
ASN C   OXT  sing N N 46  
ASN CB  CG   sing N N 47  
ASN CB  HB2  sing N N 48  
ASN CB  HB3  sing N N 49  
ASN CG  OD1  doub N N 50  
ASN CG  ND2  sing N N 51  
ASN ND2 HD21 sing N N 52  
ASN ND2 HD22 sing N N 53  
ASN OXT HXT  sing N N 54  
ASP N   CA   sing N N 55  
ASP N   H    sing N N 56  
ASP N   H2   sing N N 57  
ASP CA  C    sing N N 58  
ASP CA  CB   sing N N 59  
ASP CA  HA   sing N N 60  
ASP C   O    doub N N 61  
ASP C   OXT  sing N N 62  
ASP CB  CG   sing N N 63  
ASP CB  HB2  sing N N 64  
ASP CB  HB3  sing N N 65  
ASP CG  OD1  doub N N 66  
ASP CG  OD2  sing N N 67  
ASP OD2 HD2  sing N N 68  
ASP OXT HXT  sing N N 69  
CYS N   CA   sing N N 70  
CYS N   H    sing N N 71  
CYS N   H2   sing N N 72  
CYS CA  C    sing N N 73  
CYS CA  CB   sing N N 74  
CYS CA  HA   sing N N 75  
CYS C   O    doub N N 76  
CYS C   OXT  sing N N 77  
CYS CB  SG   sing N N 78  
CYS CB  HB2  sing N N 79  
CYS CB  HB3  sing N N 80  
CYS SG  HG   sing N N 81  
CYS OXT HXT  sing N N 82  
GLN N   CA   sing N N 83  
GLN N   H    sing N N 84  
GLN N   H2   sing N N 85  
GLN CA  C    sing N N 86  
GLN CA  CB   sing N N 87  
GLN CA  HA   sing N N 88  
GLN C   O    doub N N 89  
GLN C   OXT  sing N N 90  
GLN CB  CG   sing N N 91  
GLN CB  HB2  sing N N 92  
GLN CB  HB3  sing N N 93  
GLN CG  CD   sing N N 94  
GLN CG  HG2  sing N N 95  
GLN CG  HG3  sing N N 96  
GLN CD  OE1  doub N N 97  
GLN CD  NE2  sing N N 98  
GLN NE2 HE21 sing N N 99  
GLN NE2 HE22 sing N N 100 
GLN OXT HXT  sing N N 101 
GLU N   CA   sing N N 102 
GLU N   H    sing N N 103 
GLU N   H2   sing N N 104 
GLU CA  C    sing N N 105 
GLU CA  CB   sing N N 106 
GLU CA  HA   sing N N 107 
GLU C   O    doub N N 108 
GLU C   OXT  sing N N 109 
GLU CB  CG   sing N N 110 
GLU CB  HB2  sing N N 111 
GLU CB  HB3  sing N N 112 
GLU CG  CD   sing N N 113 
GLU CG  HG2  sing N N 114 
GLU CG  HG3  sing N N 115 
GLU CD  OE1  doub N N 116 
GLU CD  OE2  sing N N 117 
GLU OE2 HE2  sing N N 118 
GLU OXT HXT  sing N N 119 
GLY N   CA   sing N N 120 
GLY N   H    sing N N 121 
GLY N   H2   sing N N 122 
GLY CA  C    sing N N 123 
GLY CA  HA2  sing N N 124 
GLY CA  HA3  sing N N 125 
GLY C   O    doub N N 126 
GLY C   OXT  sing N N 127 
GLY OXT HXT  sing N N 128 
HIS N   CA   sing N N 129 
HIS N   H    sing N N 130 
HIS N   H2   sing N N 131 
HIS CA  C    sing N N 132 
HIS CA  CB   sing N N 133 
HIS CA  HA   sing N N 134 
HIS C   O    doub N N 135 
HIS C   OXT  sing N N 136 
HIS CB  CG   sing N N 137 
HIS CB  HB2  sing N N 138 
HIS CB  HB3  sing N N 139 
HIS CG  ND1  sing Y N 140 
HIS CG  CD2  doub Y N 141 
HIS ND1 CE1  doub Y N 142 
HIS ND1 HD1  sing N N 143 
HIS CD2 NE2  sing Y N 144 
HIS CD2 HD2  sing N N 145 
HIS CE1 NE2  sing Y N 146 
HIS CE1 HE1  sing N N 147 
HIS NE2 HE2  sing N N 148 
HIS OXT HXT  sing N N 149 
HOH O   H1   sing N N 150 
HOH O   H2   sing N N 151 
ILE N   CA   sing N N 152 
ILE N   H    sing N N 153 
ILE N   H2   sing N N 154 
ILE CA  C    sing N N 155 
ILE CA  CB   sing N N 156 
ILE CA  HA   sing N N 157 
ILE C   O    doub N N 158 
ILE C   OXT  sing N N 159 
ILE CB  CG1  sing N N 160 
ILE CB  CG2  sing N N 161 
ILE CB  HB   sing N N 162 
ILE CG1 CD1  sing N N 163 
ILE CG1 HG12 sing N N 164 
ILE CG1 HG13 sing N N 165 
ILE CG2 HG21 sing N N 166 
ILE CG2 HG22 sing N N 167 
ILE CG2 HG23 sing N N 168 
ILE CD1 HD11 sing N N 169 
ILE CD1 HD12 sing N N 170 
ILE CD1 HD13 sing N N 171 
ILE OXT HXT  sing N N 172 
LEU N   CA   sing N N 173 
LEU N   H    sing N N 174 
LEU N   H2   sing N N 175 
LEU CA  C    sing N N 176 
LEU CA  CB   sing N N 177 
LEU CA  HA   sing N N 178 
LEU C   O    doub N N 179 
LEU C   OXT  sing N N 180 
LEU CB  CG   sing N N 181 
LEU CB  HB2  sing N N 182 
LEU CB  HB3  sing N N 183 
LEU CG  CD1  sing N N 184 
LEU CG  CD2  sing N N 185 
LEU CG  HG   sing N N 186 
LEU CD1 HD11 sing N N 187 
LEU CD1 HD12 sing N N 188 
LEU CD1 HD13 sing N N 189 
LEU CD2 HD21 sing N N 190 
LEU CD2 HD22 sing N N 191 
LEU CD2 HD23 sing N N 192 
LEU OXT HXT  sing N N 193 
LYS N   CA   sing N N 194 
LYS N   H    sing N N 195 
LYS N   H2   sing N N 196 
LYS CA  C    sing N N 197 
LYS CA  CB   sing N N 198 
LYS CA  HA   sing N N 199 
LYS C   O    doub N N 200 
LYS C   OXT  sing N N 201 
LYS CB  CG   sing N N 202 
LYS CB  HB2  sing N N 203 
LYS CB  HB3  sing N N 204 
LYS CG  CD   sing N N 205 
LYS CG  HG2  sing N N 206 
LYS CG  HG3  sing N N 207 
LYS CD  CE   sing N N 208 
LYS CD  HD2  sing N N 209 
LYS CD  HD3  sing N N 210 
LYS CE  NZ   sing N N 211 
LYS CE  HE2  sing N N 212 
LYS CE  HE3  sing N N 213 
LYS NZ  HZ1  sing N N 214 
LYS NZ  HZ2  sing N N 215 
LYS NZ  HZ3  sing N N 216 
LYS OXT HXT  sing N N 217 
MET N   CA   sing N N 218 
MET N   H    sing N N 219 
MET N   H2   sing N N 220 
MET CA  C    sing N N 221 
MET CA  CB   sing N N 222 
MET CA  HA   sing N N 223 
MET C   O    doub N N 224 
MET C   OXT  sing N N 225 
MET CB  CG   sing N N 226 
MET CB  HB2  sing N N 227 
MET CB  HB3  sing N N 228 
MET CG  SD   sing N N 229 
MET CG  HG2  sing N N 230 
MET CG  HG3  sing N N 231 
MET SD  CE   sing N N 232 
MET CE  HE1  sing N N 233 
MET CE  HE2  sing N N 234 
MET CE  HE3  sing N N 235 
MET OXT HXT  sing N N 236 
PHE N   CA   sing N N 237 
PHE N   H    sing N N 238 
PHE N   H2   sing N N 239 
PHE CA  C    sing N N 240 
PHE CA  CB   sing N N 241 
PHE CA  HA   sing N N 242 
PHE C   O    doub N N 243 
PHE C   OXT  sing N N 244 
PHE CB  CG   sing N N 245 
PHE CB  HB2  sing N N 246 
PHE CB  HB3  sing N N 247 
PHE CG  CD1  doub Y N 248 
PHE CG  CD2  sing Y N 249 
PHE CD1 CE1  sing Y N 250 
PHE CD1 HD1  sing N N 251 
PHE CD2 CE2  doub Y N 252 
PHE CD2 HD2  sing N N 253 
PHE CE1 CZ   doub Y N 254 
PHE CE1 HE1  sing N N 255 
PHE CE2 CZ   sing Y N 256 
PHE CE2 HE2  sing N N 257 
PHE CZ  HZ   sing N N 258 
PHE OXT HXT  sing N N 259 
PRO N   CA   sing N N 260 
PRO N   CD   sing N N 261 
PRO N   H    sing N N 262 
PRO CA  C    sing N N 263 
PRO CA  CB   sing N N 264 
PRO CA  HA   sing N N 265 
PRO C   O    doub N N 266 
PRO C   OXT  sing N N 267 
PRO CB  CG   sing N N 268 
PRO CB  HB2  sing N N 269 
PRO CB  HB3  sing N N 270 
PRO CG  CD   sing N N 271 
PRO CG  HG2  sing N N 272 
PRO CG  HG3  sing N N 273 
PRO CD  HD2  sing N N 274 
PRO CD  HD3  sing N N 275 
PRO OXT HXT  sing N N 276 
SER N   CA   sing N N 277 
SER N   H    sing N N 278 
SER N   H2   sing N N 279 
SER CA  C    sing N N 280 
SER CA  CB   sing N N 281 
SER CA  HA   sing N N 282 
SER C   O    doub N N 283 
SER C   OXT  sing N N 284 
SER CB  OG   sing N N 285 
SER CB  HB2  sing N N 286 
SER CB  HB3  sing N N 287 
SER OG  HG   sing N N 288 
SER OXT HXT  sing N N 289 
SO4 S   O1   doub N N 290 
SO4 S   O2   doub N N 291 
SO4 S   O3   sing N N 292 
SO4 S   O4   sing N N 293 
THR N   CA   sing N N 294 
THR N   H    sing N N 295 
THR N   H2   sing N N 296 
THR CA  C    sing N N 297 
THR CA  CB   sing N N 298 
THR CA  HA   sing N N 299 
THR C   O    doub N N 300 
THR C   OXT  sing N N 301 
THR CB  OG1  sing N N 302 
THR CB  CG2  sing N N 303 
THR CB  HB   sing N N 304 
THR OG1 HG1  sing N N 305 
THR CG2 HG21 sing N N 306 
THR CG2 HG22 sing N N 307 
THR CG2 HG23 sing N N 308 
THR OXT HXT  sing N N 309 
TYR N   CA   sing N N 310 
TYR N   H    sing N N 311 
TYR N   H2   sing N N 312 
TYR CA  C    sing N N 313 
TYR CA  CB   sing N N 314 
TYR CA  HA   sing N N 315 
TYR C   O    doub N N 316 
TYR C   OXT  sing N N 317 
TYR CB  CG   sing N N 318 
TYR CB  HB2  sing N N 319 
TYR CB  HB3  sing N N 320 
TYR CG  CD1  doub Y N 321 
TYR CG  CD2  sing Y N 322 
TYR CD1 CE1  sing Y N 323 
TYR CD1 HD1  sing N N 324 
TYR CD2 CE2  doub Y N 325 
TYR CD2 HD2  sing N N 326 
TYR CE1 CZ   doub Y N 327 
TYR CE1 HE1  sing N N 328 
TYR CE2 CZ   sing Y N 329 
TYR CE2 HE2  sing N N 330 
TYR CZ  OH   sing N N 331 
TYR OH  HH   sing N N 332 
TYR OXT HXT  sing N N 333 
VAL N   CA   sing N N 334 
VAL N   H    sing N N 335 
VAL N   H2   sing N N 336 
VAL CA  C    sing N N 337 
VAL CA  CB   sing N N 338 
VAL CA  HA   sing N N 339 
VAL C   O    doub N N 340 
VAL C   OXT  sing N N 341 
VAL CB  CG1  sing N N 342 
VAL CB  CG2  sing N N 343 
VAL CB  HB   sing N N 344 
VAL CG1 HG11 sing N N 345 
VAL CG1 HG12 sing N N 346 
VAL CG1 HG13 sing N N 347 
VAL CG2 HG21 sing N N 348 
VAL CG2 HG22 sing N N 349 
VAL CG2 HG23 sing N N 350 
VAL OXT HXT  sing N N 351 
# 
_atom_sites.entry_id                    1KWA 
_atom_sites.fract_transf_matrix[1][1]   -0.00175726 
_atom_sites.fract_transf_matrix[1][2]   0.01253099 
_atom_sites.fract_transf_matrix[1][3]   -0.02099110 
_atom_sites.fract_transf_matrix[2][1]   0.00907242 
_atom_sites.fract_transf_matrix[2][2]   -0.00383180 
_atom_sites.fract_transf_matrix[2][3]   -0.00304695 
_atom_sites.fract_transf_matrix[3][1]   -0.00510281 
_atom_sites.fract_transf_matrix[3][2]   -0.00842306 
_atom_sites.fract_transf_matrix[3][3]   -0.00460111 
_atom_sites.fract_transf_vector[1]      0.330436 
_atom_sites.fract_transf_vector[2]      0.868201 
_atom_sites.fract_transf_vector[3]      0.521871 
# 
loop_
_atom_type.symbol 
C 
N 
O 
S 
# 
loop_
_atom_site.group_PDB 
_atom_site.id 
_atom_site.type_symbol 
_atom_site.label_atom_id 
_atom_site.label_alt_id 
_atom_site.label_comp_id 
_atom_site.label_asym_id 
_atom_site.label_entity_id 
_atom_site.label_seq_id 
_atom_site.pdbx_PDB_ins_code 
_atom_site.Cartn_x 
_atom_site.Cartn_y 
_atom_site.Cartn_z 
_atom_site.occupancy 
_atom_site.B_iso_or_equiv 
_atom_site.pdbx_formal_charge 
_atom_site.auth_seq_id 
_atom_site.auth_comp_id 
_atom_site.auth_asym_id 
_atom_site.auth_atom_id 
_atom_site.pdbx_PDB_model_num 
ATOM   1    N N   . ARG A 1 1  ? 19.340  15.444  12.191  1.00 42.24 ? 487 ARG A N   1 
ATOM   2    C CA  . ARG A 1 1  ? 19.904  15.309  10.817  1.00 41.69 ? 487 ARG A CA  1 
ATOM   3    C C   . ARG A 1 1  ? 18.825  15.022  9.793   1.00 41.41 ? 487 ARG A C   1 
ATOM   4    O O   . ARG A 1 1  ? 19.021  14.226  8.874   1.00 42.15 ? 487 ARG A O   1 
ATOM   5    N N   . SER A 1 2  ? 17.678  15.671  9.953   1.00 41.05 ? 488 SER A N   1 
ATOM   6    C CA  . SER A 1 2  ? 16.571  15.482  9.031   1.00 40.67 ? 488 SER A CA  1 
ATOM   7    C C   . SER A 1 2  ? 16.669  16.495  7.901   1.00 40.07 ? 488 SER A C   1 
ATOM   8    O O   . SER A 1 2  ? 17.667  17.205  7.766   1.00 40.54 ? 488 SER A O   1 
ATOM   9    C CB  . SER A 1 2  ? 15.233  15.656  9.754   1.00 40.47 ? 488 SER A CB  1 
ATOM   10   O OG  . SER A 1 2  ? 15.073  16.984  10.217  1.00 41.09 ? 488 SER A OG  1 
ATOM   11   N N   . ARG A 1 3  ? 15.620  16.561  7.097   1.00 39.07 ? 489 ARG A N   1 
ATOM   12   C CA  . ARG A 1 3  ? 15.576  17.481  5.978   1.00 38.58 ? 489 ARG A CA  1 
ATOM   13   C C   . ARG A 1 3  ? 14.140  17.771  5.580   1.00 38.04 ? 489 ARG A C   1 
ATOM   14   O O   . ARG A 1 3  ? 13.250  16.936  5.759   1.00 36.07 ? 489 ARG A O   1 
ATOM   15   C CB  . ARG A 1 3  ? 16.324  16.880  4.796   1.00 40.61 ? 489 ARG A CB  1 
ATOM   16   C CG  . ARG A 1 3  ? 16.161  17.614  3.485   1.00 43.19 ? 489 ARG A CG  1 
ATOM   17   C CD  . ARG A 1 3  ? 16.776  16.756  2.414   1.00 46.56 ? 489 ARG A CD  1 
ATOM   18   N NE  . ARG A 1 3  ? 16.496  17.199  1.057   1.00 48.91 ? 489 ARG A NE  1 
ATOM   19   C CZ  . ARG A 1 3  ? 16.792  16.470  -0.015  1.00 50.40 ? 489 ARG A CZ  1 
ATOM   20   N NH1 . ARG A 1 3  ? 17.367  15.282  0.140   1.00 51.27 ? 489 ARG A NH1 1 
ATOM   21   N NH2 . ARG A 1 3  ? 16.510  16.913  -1.234  1.00 50.44 ? 489 ARG A NH2 1 
ATOM   22   N N   . LEU A 1 4  ? 13.929  18.969  5.045   1.00 36.52 ? 490 LEU A N   1 
ATOM   23   C CA  . LEU A 1 4  ? 12.617  19.392  4.589   1.00 36.13 ? 490 LEU A CA  1 
ATOM   24   C C   . LEU A 1 4  ? 12.603  19.405  3.073   1.00 36.03 ? 490 LEU A C   1 
ATOM   25   O O   . LEU A 1 4  ? 13.513  19.929  2.434   1.00 36.89 ? 490 LEU A O   1 
ATOM   26   C CB  . LEU A 1 4  ? 12.278  20.784  5.132   1.00 35.04 ? 490 LEU A CB  1 
ATOM   27   C CG  . LEU A 1 4  ? 12.009  20.858  6.637   1.00 33.97 ? 490 LEU A CG  1 
ATOM   28   C CD1 . LEU A 1 4  ? 11.761  22.295  7.056   1.00 33.62 ? 490 LEU A CD1 1 
ATOM   29   C CD2 . LEU A 1 4  ? 10.805  19.991  6.971   1.00 33.21 ? 490 LEU A CD2 1 
ATOM   30   N N   . VAL A 1 5  ? 11.566  18.804  2.507   1.00 36.69 ? 491 VAL A N   1 
ATOM   31   C CA  . VAL A 1 5  ? 11.400  18.725  1.065   1.00 36.52 ? 491 VAL A CA  1 
ATOM   32   C C   . VAL A 1 5  ? 9.981   19.163  0.754   1.00 36.76 ? 491 VAL A C   1 
ATOM   33   O O   . VAL A 1 5  ? 9.036   18.748  1.421   1.00 36.41 ? 491 VAL A O   1 
ATOM   34   C CB  . VAL A 1 5  ? 11.618  17.279  0.566   1.00 37.17 ? 491 VAL A CB  1 
ATOM   35   C CG1 . VAL A 1 5  ? 11.412  17.207  -0.933  1.00 37.70 ? 491 VAL A CG1 1 
ATOM   36   C CG2 . VAL A 1 5  ? 13.020  16.811  0.935   1.00 36.86 ? 491 VAL A CG2 1 
ATOM   37   N N   . GLN A 1 6  ? 9.832   20.006  -0.257  1.00 36.79 ? 492 GLN A N   1 
ATOM   38   C CA  . GLN A 1 6  ? 8.520   20.501  -0.623  1.00 37.11 ? 492 GLN A CA  1 
ATOM   39   C C   . GLN A 1 6  ? 8.236   20.305  -2.103  1.00 37.12 ? 492 GLN A C   1 
ATOM   40   O O   . GLN A 1 6  ? 9.154   20.166  -2.913  1.00 37.41 ? 492 GLN A O   1 
ATOM   41   C CB  . GLN A 1 6  ? 8.437   21.981  -0.248  1.00 37.32 ? 492 GLN A CB  1 
ATOM   42   C CG  . GLN A 1 6  ? 7.149   22.724  -0.650  1.00 38.49 ? 492 GLN A CG  1 
ATOM   43   C CD  . GLN A 1 6  ? 7.062   23.046  -2.139  1.00 40.28 ? 492 GLN A CD  1 
ATOM   44   O OE1 . GLN A 1 6  ? 8.006   22.832  -2.905  1.00 40.53 ? 492 GLN A OE1 1 
ATOM   45   N NE2 . GLN A 1 6  ? 5.921   23.594  -2.549  1.00 39.36 ? 492 GLN A NE2 1 
ATOM   46   N N   . PHE A 1 7  ? 6.955   20.269  -2.445  1.00 36.91 ? 493 PHE A N   1 
ATOM   47   C CA  . PHE A 1 7  ? 6.540   20.107  -3.827  1.00 37.32 ? 493 PHE A CA  1 
ATOM   48   C C   . PHE A 1 7  ? 5.065   20.490  -3.913  1.00 36.72 ? 493 PHE A C   1 
ATOM   49   O O   . PHE A 1 7  ? 4.342   20.417  -2.918  1.00 36.12 ? 493 PHE A O   1 
ATOM   50   C CB  . PHE A 1 7  ? 6.775   18.658  -4.283  1.00 39.06 ? 493 PHE A CB  1 
ATOM   51   C CG  . PHE A 1 7  ? 5.648   17.716  -3.970  1.00 39.39 ? 493 PHE A CG  1 
ATOM   52   C CD1 . PHE A 1 7  ? 4.556   17.615  -4.828  1.00 40.34 ? 493 PHE A CD1 1 
ATOM   53   C CD2 . PHE A 1 7  ? 5.675   16.933  -2.824  1.00 39.50 ? 493 PHE A CD2 1 
ATOM   54   C CE1 . PHE A 1 7  ? 3.508   16.744  -4.552  1.00 40.68 ? 493 PHE A CE1 1 
ATOM   55   C CE2 . PHE A 1 7  ? 4.628   16.059  -2.541  1.00 40.69 ? 493 PHE A CE2 1 
ATOM   56   C CZ  . PHE A 1 7  ? 3.545   15.966  -3.406  1.00 40.56 ? 493 PHE A CZ  1 
ATOM   57   N N   . GLN A 1 8  ? 4.632   20.925  -5.093  1.00 36.20 ? 494 GLN A N   1 
ATOM   58   C CA  . GLN A 1 8  ? 3.250   21.336  -5.306  1.00 36.36 ? 494 GLN A CA  1 
ATOM   59   C C   . GLN A 1 8  ? 2.427   20.212  -5.908  1.00 37.57 ? 494 GLN A C   1 
ATOM   60   O O   . GLN A 1 8  ? 2.896   19.475  -6.774  1.00 37.73 ? 494 GLN A O   1 
ATOM   61   C CB  . GLN A 1 8  ? 3.181   22.564  -6.234  1.00 35.57 ? 494 GLN A CB  1 
ATOM   62   C CG  . GLN A 1 8  ? 3.791   23.821  -5.670  1.00 34.52 ? 494 GLN A CG  1 
ATOM   63   C CD  . GLN A 1 8  ? 2.982   24.408  -4.533  1.00 32.73 ? 494 GLN A CD  1 
ATOM   64   O OE1 . GLN A 1 8  ? 3.523   24.726  -3.486  1.00 34.20 ? 494 GLN A OE1 1 
ATOM   65   N NE2 . GLN A 1 8  ? 1.662   24.534  -4.735  1.00 31.05 ? 494 GLN A NE2 1 
ATOM   66   N N   . LYS A 1 9  ? 1.193   20.097  -5.434  1.00 38.25 ? 495 LYS A N   1 
ATOM   67   C CA  . LYS A 1 9  ? 0.261   19.095  -5.924  1.00 39.41 ? 495 LYS A CA  1 
ATOM   68   C C   . LYS A 1 9  ? -0.999  19.858  -6.319  1.00 39.63 ? 495 LYS A C   1 
ATOM   69   O O   . LYS A 1 9  ? -2.044  19.718  -5.688  1.00 39.13 ? 495 LYS A O   1 
ATOM   70   C CB  . LYS A 1 9  ? -0.045  18.073  -4.819  1.00 39.47 ? 495 LYS A CB  1 
ATOM   71   C CG  . LYS A 1 9  ? -1.036  16.986  -5.216  1.00 40.90 ? 495 LYS A CG  1 
ATOM   72   C CD  . LYS A 1 9  ? -1.207  15.953  -4.108  1.00 42.90 ? 495 LYS A CD  1 
ATOM   73   C CE  . LYS A 1 9  ? -2.328  14.969  -4.423  1.00 43.91 ? 495 LYS A CE  1 
ATOM   74   N NZ  . LYS A 1 9  ? -2.141  14.273  -5.727  1.00 44.10 ? 495 LYS A NZ  1 
ATOM   75   N N   . ASN A 1 10 ? -0.887  20.679  -7.364  1.00 40.65 ? 496 ASN A N   1 
ATOM   76   C CA  . ASN A 1 10 ? -2.019  21.478  -7.825  1.00 42.19 ? 496 ASN A CA  1 
ATOM   77   C C   . ASN A 1 10 ? -2.828  20.790  -8.919  1.00 41.99 ? 496 ASN A C   1 
ATOM   78   O O   . ASN A 1 10 ? -3.551  21.444  -9.679  1.00 41.70 ? 496 ASN A O   1 
ATOM   79   C CB  . ASN A 1 10 ? -1.569  22.859  -8.339  1.00 44.36 ? 496 ASN A CB  1 
ATOM   80   C CG  . ASN A 1 10 ? -0.805  22.769  -9.648  1.00 47.31 ? 496 ASN A CG  1 
ATOM   81   O OD1 . ASN A 1 10 ? 0.423   22.870  -9.670  1.00 49.94 ? 496 ASN A OD1 1 
ATOM   82   N ND2 . ASN A 1 10 ? -1.532  22.576  -10.755 1.00 48.15 ? 496 ASN A ND2 1 
ATOM   83   N N   . THR A 1 11 ? -2.711  19.470  -8.997  1.00 41.29 ? 497 THR A N   1 
ATOM   84   C CA  . THR A 1 11 ? -3.425  18.671  -9.990  1.00 40.57 ? 497 THR A CA  1 
ATOM   85   C C   . THR A 1 11 ? -3.966  17.428  -9.291  1.00 40.43 ? 497 THR A C   1 
ATOM   86   O O   . THR A 1 11 ? -3.701  17.219  -8.106  1.00 40.35 ? 497 THR A O   1 
ATOM   87   C CB  . THR A 1 11 ? -2.482  18.237  -11.131 1.00 40.99 ? 497 THR A CB  1 
ATOM   88   O OG1 . THR A 1 11 ? -1.396  17.479  -10.586 1.00 40.34 ? 497 THR A OG1 1 
ATOM   89   C CG2 . THR A 1 11 ? -1.928  19.456  -11.861 1.00 40.78 ? 497 THR A CG2 1 
ATOM   90   N N   . ASP A 1 12 ? -4.722  16.605  -10.013 1.00 39.91 ? 498 ASP A N   1 
ATOM   91   C CA  . ASP A 1 12 ? -5.265  15.385  -9.428  1.00 39.74 ? 498 ASP A CA  1 
ATOM   92   C C   . ASP A 1 12 ? -4.443  14.166  -9.835  1.00 38.59 ? 498 ASP A C   1 
ATOM   93   O O   . ASP A 1 12 ? -4.864  13.024  -9.633  1.00 37.55 ? 498 ASP A O   1 
ATOM   94   C CB  . ASP A 1 12 ? -6.724  15.187  -9.839  1.00 41.11 ? 498 ASP A CB  1 
ATOM   95   C CG  . ASP A 1 12 ? -7.620  16.306  -9.352  1.00 42.76 ? 498 ASP A CG  1 
ATOM   96   O OD1 . ASP A 1 12 ? -7.650  16.559  -8.128  1.00 43.66 ? 498 ASP A OD1 1 
ATOM   97   O OD2 . ASP A 1 12 ? -8.297  16.929  -10.192 1.00 43.33 ? 498 ASP A OD2 1 
ATOM   98   N N   . GLU A 1 13 ? -3.279  14.423  -10.423 1.00 36.80 ? 499 GLU A N   1 
ATOM   99   C CA  . GLU A 1 13 ? -2.374  13.360  -10.837 1.00 35.41 ? 499 GLU A CA  1 
ATOM   100  C C   . GLU A 1 13 ? -1.767  12.742  -9.583  1.00 33.46 ? 499 GLU A C   1 
ATOM   101  O O   . GLU A 1 13 ? -1.484  13.446  -8.613  1.00 33.70 ? 499 GLU A O   1 
ATOM   102  C CB  . GLU A 1 13 ? -1.254  13.929  -11.724 1.00 36.78 ? 499 GLU A CB  1 
ATOM   103  C CG  . GLU A 1 13 ? 0.026   13.084  -11.739 1.00 39.49 ? 499 GLU A CG  1 
ATOM   104  C CD  . GLU A 1 13 ? 1.113   13.645  -12.648 1.00 40.14 ? 499 GLU A CD  1 
ATOM   105  O OE1 . GLU A 1 13 ? 1.391   14.862  -12.573 1.00 41.25 ? 499 GLU A OE1 1 
ATOM   106  O OE2 . GLU A 1 13 ? 1.703   12.861  -13.421 1.00 40.65 ? 499 GLU A OE2 1 
ATOM   107  N N   . PRO A 1 14 ? -1.580  11.415  -9.574  1.00 31.61 ? 500 PRO A N   1 
ATOM   108  C CA  . PRO A 1 14 ? -0.991  10.777  -8.396  1.00 29.56 ? 500 PRO A CA  1 
ATOM   109  C C   . PRO A 1 14 ? 0.419   11.327  -8.203  1.00 26.78 ? 500 PRO A C   1 
ATOM   110  O O   . PRO A 1 14 ? 1.006   11.872  -9.132  1.00 25.90 ? 500 PRO A O   1 
ATOM   111  C CB  . PRO A 1 14 ? -0.992  9.298   -8.780  1.00 30.67 ? 500 PRO A CB  1 
ATOM   112  C CG  . PRO A 1 14 ? -2.212  9.211   -9.708  1.00 32.05 ? 500 PRO A CG  1 
ATOM   113  C CD  . PRO A 1 14 ? -1.900  10.398  -10.589 1.00 30.45 ? 500 PRO A CD  1 
ATOM   114  N N   . MET A 1 15 ? 0.956   11.202  -6.997  1.00 25.34 ? 501 MET A N   1 
ATOM   115  C CA  . MET A 1 15 ? 2.306   11.684  -6.738  1.00 23.48 ? 501 MET A CA  1 
ATOM   116  C C   . MET A 1 15 ? 3.294   10.744  -7.402  1.00 20.86 ? 501 MET A C   1 
ATOM   117  O O   . MET A 1 15 ? 4.409   11.125  -7.722  1.00 19.86 ? 501 MET A O   1 
ATOM   118  C CB  . MET A 1 15 ? 2.584   11.719  -5.239  1.00 25.63 ? 501 MET A CB  1 
ATOM   119  C CG  . MET A 1 15 ? 1.761   12.729  -4.476  1.00 28.15 ? 501 MET A CG  1 
ATOM   120  S SD  . MET A 1 15 ? 2.062   12.578  -2.715  1.00 31.55 ? 501 MET A SD  1 
ATOM   121  C CE  . MET A 1 15 ? 3.830   12.775  -2.651  1.00 31.54 ? 501 MET A CE  1 
ATOM   122  N N   . GLY A 1 16 ? 2.870   9.505   -7.609  1.00 19.74 ? 502 GLY A N   1 
ATOM   123  C CA  . GLY A 1 16 ? 3.746   8.536   -8.227  1.00 19.41 ? 502 GLY A CA  1 
ATOM   124  C C   . GLY A 1 16 ? 4.704   7.901   -7.240  1.00 19.77 ? 502 GLY A C   1 
ATOM   125  O O   . GLY A 1 16 ? 5.886   7.727   -7.542  1.00 19.51 ? 502 GLY A O   1 
ATOM   126  N N   . ILE A 1 17 ? 4.214   7.578   -6.046  1.00 18.96 ? 503 ILE A N   1 
ATOM   127  C CA  . ILE A 1 17 ? 5.048   6.924   -5.047  1.00 19.16 ? 503 ILE A CA  1 
ATOM   128  C C   . ILE A 1 17 ? 4.279   5.867   -4.281  1.00 17.38 ? 503 ILE A C   1 
ATOM   129  O O   . ILE A 1 17 ? 3.044   5.865   -4.249  1.00 17.75 ? 503 ILE A O   1 
ATOM   130  C CB  . ILE A 1 17 ? 5.653   7.909   -4.004  1.00 19.78 ? 503 ILE A CB  1 
ATOM   131  C CG1 . ILE A 1 17 ? 4.540   8.728   -3.338  1.00 22.19 ? 503 ILE A CG1 1 
ATOM   132  C CG2 . ILE A 1 17 ? 6.719   8.773   -4.660  1.00 23.12 ? 503 ILE A CG2 1 
ATOM   133  C CD1 . ILE A 1 17 ? 5.031   9.673   -2.258  1.00 22.16 ? 503 ILE A CD1 1 
ATOM   134  N N   . THR A 1 18 ? 5.033   4.958   -3.682  1.00 15.28 ? 504 THR A N   1 
ATOM   135  C CA  . THR A 1 18 ? 4.476   3.886   -2.874  1.00 16.22 ? 504 THR A CA  1 
ATOM   136  C C   . THR A 1 18 ? 5.171   4.012   -1.526  1.00 15.29 ? 504 THR A C   1 
ATOM   137  O O   . THR A 1 18 ? 6.398   4.068   -1.468  1.00 15.74 ? 504 THR A O   1 
ATOM   138  C CB  . THR A 1 18 ? 4.805   2.491   -3.448  1.00 15.65 ? 504 THR A CB  1 
ATOM   139  O OG1 . THR A 1 18 ? 4.253   2.365   -4.763  1.00 16.88 ? 504 THR A OG1 1 
ATOM   140  C CG2 . THR A 1 18 ? 4.235   1.402   -2.552  1.00 16.57 ? 504 THR A CG2 1 
ATOM   141  N N   . LEU A 1 19 ? 4.389   4.071   -0.456  1.00 14.89 ? 505 LEU A N   1 
ATOM   142  C CA  . LEU A 1 19 ? 4.945   4.180   0.892   1.00 15.07 ? 505 LEU A CA  1 
ATOM   143  C C   . LEU A 1 19 ? 4.710   2.894   1.679   1.00 16.99 ? 505 LEU A C   1 
ATOM   144  O O   . LEU A 1 19 ? 3.678   2.248   1.513   1.00 16.79 ? 505 LEU A O   1 
ATOM   145  C CB  . LEU A 1 19 ? 4.287   5.338   1.639   1.00 14.51 ? 505 LEU A CB  1 
ATOM   146  C CG  . LEU A 1 19 ? 4.423   6.725   1.008   1.00 13.77 ? 505 LEU A CG  1 
ATOM   147  C CD1 . LEU A 1 19 ? 3.720   7.758   1.880   1.00 15.29 ? 505 LEU A CD1 1 
ATOM   148  C CD2 . LEU A 1 19 ? 5.898   7.074   0.864   1.00 12.39 ? 505 LEU A CD2 1 
ATOM   149  N N   . LYS A 1 20 ? 5.673   2.531   2.523   1.00 18.06 ? 506 LYS A N   1 
ATOM   150  C CA  . LYS A 1 20 ? 5.569   1.339   3.374   1.00 21.82 ? 506 LYS A CA  1 
ATOM   151  C C   . LYS A 1 20 ? 4.854   1.819   4.643   1.00 23.05 ? 506 LYS A C   1 
ATOM   152  O O   . LYS A 1 20 ? 5.414   2.586   5.426   1.00 22.73 ? 506 LYS A O   1 
ATOM   153  C CB  . LYS A 1 20 ? 6.969   0.803   3.708   1.00 22.74 ? 506 LYS A CB  1 
ATOM   154  C CG  . LYS A 1 20 ? 6.991   -0.434  4.608   1.00 26.50 ? 506 LYS A CG  1 
ATOM   155  C CD  . LYS A 1 20 ? 6.224   -1.593  3.997   1.00 28.36 ? 506 LYS A CD  1 
ATOM   156  C CE  . LYS A 1 20 ? 6.332   -2.854  4.844   1.00 30.90 ? 506 LYS A CE  1 
ATOM   157  N NZ  . LYS A 1 20 ? 5.553   -3.984  4.261   1.00 32.08 ? 506 LYS A NZ  1 
ATOM   158  N N   . MET A 1 21 ? 3.620   1.351   4.823   1.00 24.78 ? 507 MET A N   1 
ATOM   159  C CA  . MET A 1 21 ? 2.737   1.748   5.930   1.00 28.35 ? 507 MET A CA  1 
ATOM   160  C C   . MET A 1 21 ? 2.684   0.774   7.108   1.00 29.98 ? 507 MET A C   1 
ATOM   161  O O   . MET A 1 21 ? 2.059   1.066   8.134   1.00 32.40 ? 507 MET A O   1 
ATOM   162  C CB  . MET A 1 21 ? 1.311   1.904   5.380   1.00 27.39 ? 507 MET A CB  1 
ATOM   163  C CG  . MET A 1 21 ? 1.234   2.595   4.028   1.00 28.70 ? 507 MET A CG  1 
ATOM   164  S SD  . MET A 1 21 ? 1.300   4.384   4.101   1.00 30.67 ? 507 MET A SD  1 
ATOM   165  C CE  . MET A 1 21 ? -0.336  4.718   4.819   1.00 30.38 ? 507 MET A CE  1 
ATOM   166  N N   . ASN A 1 22 ? 3.311   -0.386  6.952   1.00 31.79 ? 508 ASN A N   1 
ATOM   167  C CA  . ASN A 1 22 ? 3.318   -1.419  7.983   1.00 34.37 ? 508 ASN A CA  1 
ATOM   168  C C   . ASN A 1 22 ? 3.630   -0.886  9.378   1.00 35.08 ? 508 ASN A C   1 
ATOM   169  O O   . ASN A 1 22 ? 2.936   -1.204  10.346  1.00 35.83 ? 508 ASN A O   1 
ATOM   170  C CB  . ASN A 1 22 ? 4.319   -2.510  7.604   1.00 33.48 ? 508 ASN A CB  1 
ATOM   171  N N   . GLU A 1 23 ? 4.677   -0.077  9.474   1.00 35.99 ? 509 GLU A N   1 
ATOM   172  C CA  . GLU A 1 23 ? 5.095   0.495   10.746  1.00 36.70 ? 509 GLU A CA  1 
ATOM   173  C C   . GLU A 1 23 ? 5.261   2.008   10.616  1.00 37.39 ? 509 GLU A C   1 
ATOM   174  O O   . GLU A 1 23 ? 6.303   2.488   10.171  1.00 37.69 ? 509 GLU A O   1 
ATOM   175  C CB  . GLU A 1 23 ? 6.409   -0.142  11.185  1.00 37.60 ? 509 GLU A CB  1 
ATOM   176  N N   . LEU A 1 24 ? 4.233   2.756   11.004  1.00 37.47 ? 510 LEU A N   1 
ATOM   177  C CA  . LEU A 1 24 ? 4.283   4.210   10.916  1.00 38.41 ? 510 LEU A CA  1 
ATOM   178  C C   . LEU A 1 24 ? 5.385   4.823   11.770  1.00 38.30 ? 510 LEU A C   1 
ATOM   179  O O   . LEU A 1 24 ? 5.651   6.025   11.684  1.00 37.71 ? 510 LEU A O   1 
ATOM   180  C CB  . LEU A 1 24 ? 2.914   4.808   11.258  1.00 39.45 ? 510 LEU A CB  1 
ATOM   181  C CG  . LEU A 1 24 ? 2.027   5.049   10.024  1.00 40.88 ? 510 LEU A CG  1 
ATOM   182  C CD1 . LEU A 1 24 ? 2.149   3.900   9.036   1.00 41.72 ? 510 LEU A CD1 1 
ATOM   183  C CD2 . LEU A 1 24 ? 0.588   5.257   10.459  1.00 40.71 ? 510 LEU A CD2 1 
ATOM   184  N N   . ASN A 1 25 ? 6.025   3.995   12.591  1.00 37.95 ? 511 ASN A N   1 
ATOM   185  C CA  . ASN A 1 25 ? 7.134   4.462   13.410  1.00 38.22 ? 511 ASN A CA  1 
ATOM   186  C C   . ASN A 1 25 ? 8.269   4.772   12.437  1.00 37.27 ? 511 ASN A C   1 
ATOM   187  O O   . ASN A 1 25 ? 9.141   5.595   12.716  1.00 37.91 ? 511 ASN A O   1 
ATOM   188  C CB  . ASN A 1 25 ? 7.545   3.388   14.427  1.00 39.04 ? 511 ASN A CB  1 
ATOM   189  C CG  . ASN A 1 25 ? 7.552   1.990   13.837  1.00 40.83 ? 511 ASN A CG  1 
ATOM   190  O OD1 . ASN A 1 25 ? 6.514   1.481   13.415  1.00 41.17 ? 511 ASN A OD1 1 
ATOM   191  N ND2 . ASN A 1 25 ? 8.720   1.358   13.815  1.00 42.15 ? 511 ASN A ND2 1 
ATOM   192  N N   . HIS A 1 26 ? 8.238   4.105   11.287  1.00 36.02 ? 512 HIS A N   1 
ATOM   193  C CA  . HIS A 1 26 ? 9.228   4.323   10.238  1.00 33.77 ? 512 HIS A CA  1 
ATOM   194  C C   . HIS A 1 26 ? 8.576   4.185   8.857   1.00 31.47 ? 512 HIS A C   1 
ATOM   195  O O   . HIS A 1 26 ? 8.672   3.135   8.212   1.00 31.47 ? 512 HIS A O   1 
ATOM   196  C CB  . HIS A 1 26 ? 10.398  3.339   10.366  1.00 36.46 ? 512 HIS A CB  1 
ATOM   197  C CG  . HIS A 1 26 ? 11.104  3.403   11.689  1.00 38.52 ? 512 HIS A CG  1 
ATOM   198  N ND1 . HIS A 1 26 ? 10.766  2.596   12.753  1.00 39.30 ? 512 HIS A ND1 1 
ATOM   199  C CD2 . HIS A 1 26 ? 12.100  4.209   12.127  1.00 39.28 ? 512 HIS A CD2 1 
ATOM   200  C CE1 . HIS A 1 26 ? 11.526  2.900   13.792  1.00 39.73 ? 512 HIS A CE1 1 
ATOM   201  N NE2 . HIS A 1 26 ? 12.343  3.876   13.438  1.00 38.90 ? 512 HIS A NE2 1 
ATOM   202  N N   . CYS A 1 27 ? 7.900   5.248   8.424   1.00 27.89 ? 513 CYS A N   1 
ATOM   203  C CA  . CYS A 1 27 ? 7.232   5.276   7.125   1.00 24.80 ? 513 CYS A CA  1 
ATOM   204  C C   . CYS A 1 27 ? 8.282   5.457   6.038   1.00 22.44 ? 513 CYS A C   1 
ATOM   205  O O   . CYS A 1 27 ? 8.902   6.515   5.937   1.00 21.95 ? 513 CYS A O   1 
ATOM   206  C CB  . CYS A 1 27 ? 6.229   6.428   7.078   1.00 25.59 ? 513 CYS A CB  1 
ATOM   207  S SG  . CYS A 1 27 ? 5.291   6.530   5.534   1.00 24.59 ? 513 CYS A SG  1 
ATOM   208  N N   . ILE A 1 28 ? 8.460   4.425   5.219   1.00 20.29 ? 514 ILE A N   1 
ATOM   209  C CA  . ILE A 1 28 ? 9.470   4.435   4.165   1.00 18.49 ? 514 ILE A CA  1 
ATOM   210  C C   . ILE A 1 28 ? 8.955   4.568   2.732   1.00 17.83 ? 514 ILE A C   1 
ATOM   211  O O   . ILE A 1 28 ? 7.914   4.006   2.378   1.00 18.15 ? 514 ILE A O   1 
ATOM   212  C CB  . ILE A 1 28 ? 10.310  3.131   4.219   1.00 18.41 ? 514 ILE A CB  1 
ATOM   213  C CG1 . ILE A 1 28 ? 10.862  2.918   5.635   1.00 19.57 ? 514 ILE A CG1 1 
ATOM   214  C CG2 . ILE A 1 28 ? 11.418  3.176   3.170   1.00 16.91 ? 514 ILE A CG2 1 
ATOM   215  C CD1 . ILE A 1 28 ? 11.683  4.069   6.172   1.00 20.20 ? 514 ILE A CD1 1 
ATOM   216  N N   . VAL A 1 29 ? 9.698   5.305   1.910   1.00 15.73 ? 515 VAL A N   1 
ATOM   217  C CA  . VAL A 1 29 ? 9.358   5.442   0.499   1.00 14.87 ? 515 VAL A CA  1 
ATOM   218  C C   . VAL A 1 29 ? 9.856   4.139   -0.119  1.00 14.79 ? 515 VAL A C   1 
ATOM   219  O O   . VAL A 1 29 ? 11.062  3.921   -0.227  1.00 16.39 ? 515 VAL A O   1 
ATOM   220  C CB  . VAL A 1 29 ? 10.101  6.621   -0.166  1.00 14.17 ? 515 VAL A CB  1 
ATOM   221  C CG1 . VAL A 1 29 ? 9.771   6.670   -1.653  1.00 11.30 ? 515 VAL A CG1 1 
ATOM   222  C CG2 . VAL A 1 29 ? 9.705   7.930   0.507   1.00 10.73 ? 515 VAL A CG2 1 
ATOM   223  N N   . ALA A 1 30 ? 8.930   3.277   -0.522  1.00 15.06 ? 516 ALA A N   1 
ATOM   224  C CA  . ALA A 1 30 ? 9.287   1.980   -1.087  1.00 16.59 ? 516 ALA A CA  1 
ATOM   225  C C   . ALA A 1 30 ? 9.455   1.943   -2.601  1.00 16.92 ? 516 ALA A C   1 
ATOM   226  O O   . ALA A 1 30 ? 10.195  1.115   -3.125  1.00 18.08 ? 516 ALA A O   1 
ATOM   227  C CB  . ALA A 1 30 ? 8.249   0.940   -0.665  1.00 16.96 ? 516 ALA A CB  1 
ATOM   228  N N   . ARG A 1 31 ? 8.764   2.837   -3.298  1.00 17.66 ? 517 ARG A N   1 
ATOM   229  C CA  . ARG A 1 31 ? 8.828   2.892   -4.747  1.00 19.12 ? 517 ARG A CA  1 
ATOM   230  C C   . ARG A 1 31 ? 8.525   4.293   -5.256  1.00 19.00 ? 517 ARG A C   1 
ATOM   231  O O   . ARG A 1 31 ? 7.793   5.058   -4.617  1.00 17.43 ? 517 ARG A O   1 
ATOM   232  C CB  . ARG A 1 31 ? 7.822   1.897   -5.335  1.00 21.08 ? 517 ARG A CB  1 
ATOM   233  C CG  . ARG A 1 31 ? 7.747   1.850   -6.852  1.00 24.82 ? 517 ARG A CG  1 
ATOM   234  C CD  . ARG A 1 31 ? 6.713   0.814   -7.292  1.00 28.00 ? 517 ARG A CD  1 
ATOM   235  N NE  . ARG A 1 31 ? 6.528   0.786   -8.742  1.00 31.86 ? 517 ARG A NE  1 
ATOM   236  C CZ  . ARG A 1 31 ? 5.668   -0.015  -9.365  1.00 33.24 ? 517 ARG A CZ  1 
ATOM   237  N NH1 . ARG A 1 31 ? 4.908   -0.850  -8.664  1.00 34.98 ? 517 ARG A NH1 1 
ATOM   238  N NH2 . ARG A 1 31 ? 5.555   0.025   -10.687 1.00 35.21 ? 517 ARG A NH2 1 
ATOM   239  N N   . ILE A 1 32 ? 9.099   4.622   -6.408  1.00 19.65 ? 518 ILE A N   1 
ATOM   240  C CA  . ILE A 1 32 ? 8.887   5.915   -7.050  1.00 21.08 ? 518 ILE A CA  1 
ATOM   241  C C   . ILE A 1 32 ? 8.630   5.629   -8.525  1.00 22.87 ? 518 ILE A C   1 
ATOM   242  O O   . ILE A 1 32 ? 9.499   5.110   -9.229  1.00 22.88 ? 518 ILE A O   1 
ATOM   243  C CB  . ILE A 1 32 ? 10.119  6.826   -6.896  1.00 21.17 ? 518 ILE A CB  1 
ATOM   244  C CG1 . ILE A 1 32 ? 10.311  7.181   -5.418  1.00 20.28 ? 518 ILE A CG1 1 
ATOM   245  C CG2 . ILE A 1 32 ? 9.951   8.087   -7.737  1.00 22.41 ? 518 ILE A CG2 1 
ATOM   246  C CD1 . ILE A 1 32 ? 11.493  8.078   -5.150  1.00 21.81 ? 518 ILE A CD1 1 
ATOM   247  N N   . MET A 1 33 ? 7.425   5.952   -8.980  1.00 23.42 ? 519 MET A N   1 
ATOM   248  C CA  . MET A 1 33 ? 7.029   5.703   -10.360 1.00 26.84 ? 519 MET A CA  1 
ATOM   249  C C   . MET A 1 33 ? 7.787   6.585   -11.349 1.00 26.93 ? 519 MET A C   1 
ATOM   250  O O   . MET A 1 33 ? 7.708   7.812   -11.301 1.00 26.38 ? 519 MET A O   1 
ATOM   251  C CB  . MET A 1 33 ? 5.518   5.910   -10.495 1.00 29.94 ? 519 MET A CB  1 
ATOM   252  C CG  . MET A 1 33 ? 4.932   5.535   -11.842 1.00 33.74 ? 519 MET A CG  1 
ATOM   253  S SD  . MET A 1 33 ? 3.122   5.540   -11.788 1.00 42.49 ? 519 MET A SD  1 
ATOM   254  C CE  . MET A 1 33 ? 2.772   7.257   -11.320 1.00 38.19 ? 519 MET A CE  1 
ATOM   255  N N   . HIS A 1 34 ? 8.536   5.936   -12.237 1.00 27.63 ? 520 HIS A N   1 
ATOM   256  C CA  . HIS A 1 34 ? 9.332   6.620   -13.252 1.00 28.66 ? 520 HIS A CA  1 
ATOM   257  C C   . HIS A 1 34 ? 8.454   7.548   -14.093 1.00 28.22 ? 520 HIS A C   1 
ATOM   258  O O   . HIS A 1 34 ? 7.403   7.142   -14.589 1.00 28.37 ? 520 HIS A O   1 
ATOM   259  C CB  . HIS A 1 34 ? 9.997   5.579   -14.157 1.00 29.91 ? 520 HIS A CB  1 
ATOM   260  C CG  . HIS A 1 34 ? 10.913  6.164   -15.191 1.00 30.83 ? 520 HIS A CG  1 
ATOM   261  N ND1 . HIS A 1 34 ? 12.278  5.960   -15.171 1.00 32.30 ? 520 HIS A ND1 1 
ATOM   262  C CD2 . HIS A 1 34 ? 10.666  6.946   -16.265 1.00 30.74 ? 520 HIS A CD2 1 
ATOM   263  C CE1 . HIS A 1 34 ? 12.829  6.594   -16.190 1.00 32.57 ? 520 HIS A CE1 1 
ATOM   264  N NE2 . HIS A 1 34 ? 11.876  7.202   -16.871 1.00 32.33 ? 520 HIS A NE2 1 
ATOM   265  N N   . GLY A 1 35 ? 8.900   8.788   -14.252 1.00 28.21 ? 521 GLY A N   1 
ATOM   266  C CA  . GLY A 1 35 ? 8.149   9.752   -15.037 1.00 28.28 ? 521 GLY A CA  1 
ATOM   267  C C   . GLY A 1 35 ? 7.064   10.420  -14.218 1.00 28.96 ? 521 GLY A C   1 
ATOM   268  O O   . GLY A 1 35 ? 6.451   11.398  -14.657 1.00 28.18 ? 521 GLY A O   1 
ATOM   269  N N   . GLY A 1 36 ? 6.830   9.890   -13.020 1.00 28.19 ? 522 GLY A N   1 
ATOM   270  C CA  . GLY A 1 36 ? 5.813   10.445  -12.150 1.00 27.65 ? 522 GLY A CA  1 
ATOM   271  C C   . GLY A 1 36 ? 6.203   11.798  -11.589 1.00 28.42 ? 522 GLY A C   1 
ATOM   272  O O   . GLY A 1 36 ? 7.337   12.243  -11.748 1.00 27.92 ? 522 GLY A O   1 
ATOM   273  N N   . MET A 1 37 ? 5.257   12.443  -10.914 1.00 28.85 ? 523 MET A N   1 
ATOM   274  C CA  . MET A 1 37 ? 5.469   13.757  -10.324 1.00 29.69 ? 523 MET A CA  1 
ATOM   275  C C   . MET A 1 37 ? 6.677   13.830  -9.393  1.00 28.31 ? 523 MET A C   1 
ATOM   276  O O   . MET A 1 37 ? 7.526   14.715  -9.530  1.00 26.05 ? 523 MET A O   1 
ATOM   277  C CB  . MET A 1 37 ? 4.225   14.183  -9.547  1.00 32.61 ? 523 MET A CB  1 
ATOM   278  C CG  . MET A 1 37 ? 4.307   15.600  -9.002  1.00 37.18 ? 523 MET A CG  1 
ATOM   279  S SD  . MET A 1 37 ? 3.009   15.952  -7.798  1.00 42.76 ? 523 MET A SD  1 
ATOM   280  C CE  . MET A 1 37 ? 1.547   15.450  -8.698  1.00 41.05 ? 523 MET A CE  1 
ATOM   281  N N   . ILE A 1 38 ? 6.739   12.917  -8.428  1.00 27.02 ? 524 ILE A N   1 
ATOM   282  C CA  . ILE A 1 38 ? 7.848   12.907  -7.481  1.00 26.96 ? 524 ILE A CA  1 
ATOM   283  C C   . ILE A 1 38 ? 9.160   12.662  -8.204  1.00 27.22 ? 524 ILE A C   1 
ATOM   284  O O   . ILE A 1 38 ? 10.159  13.331  -7.947  1.00 27.19 ? 524 ILE A O   1 
ATOM   285  C CB  . ILE A 1 38 ? 7.674   11.810  -6.413  1.00 26.75 ? 524 ILE A CB  1 
ATOM   286  C CG1 . ILE A 1 38 ? 6.497   12.156  -5.496  1.00 26.67 ? 524 ILE A CG1 1 
ATOM   287  C CG2 . ILE A 1 38 ? 8.966   11.651  -5.616  1.00 24.93 ? 524 ILE A CG2 1 
ATOM   288  C CD1 . ILE A 1 38 ? 6.702   13.409  -4.672  1.00 26.68 ? 524 ILE A CD1 1 
ATOM   289  N N   . HIS A 1 39 ? 9.144   11.699  -9.113  1.00 27.91 ? 525 HIS A N   1 
ATOM   290  C CA  . HIS A 1 39 ? 10.332  11.352  -9.865  1.00 30.74 ? 525 HIS A CA  1 
ATOM   291  C C   . HIS A 1 39 ? 10.937  12.517  -10.641 1.00 31.98 ? 525 HIS A C   1 
ATOM   292  O O   . HIS A 1 39 ? 12.086  12.890  -10.413 1.00 31.38 ? 525 HIS A O   1 
ATOM   293  C CB  . HIS A 1 39 ? 10.036  10.205  -10.828 1.00 30.51 ? 525 HIS A CB  1 
ATOM   294  C CG  . HIS A 1 39 ? 11.189  9.860   -11.712 1.00 31.49 ? 525 HIS A CG  1 
ATOM   295  N ND1 . HIS A 1 39 ? 12.430  9.527   -11.217 1.00 33.49 ? 525 HIS A ND1 1 
ATOM   296  C CD2 . HIS A 1 39 ? 11.302  9.832   -13.061 1.00 32.10 ? 525 HIS A CD2 1 
ATOM   297  C CE1 . HIS A 1 39 ? 13.259  9.306   -12.223 1.00 33.15 ? 525 HIS A CE1 1 
ATOM   298  N NE2 . HIS A 1 39 ? 12.598  9.485   -13.351 1.00 32.92 ? 525 HIS A NE2 1 
ATOM   299  N N   . ARG A 1 40 ? 10.178  13.101  -11.557 1.00 33.35 ? 526 ARG A N   1 
ATOM   300  C CA  . ARG A 1 40 ? 10.735  14.192  -12.336 1.00 34.99 ? 526 ARG A CA  1 
ATOM   301  C C   . ARG A 1 40 ? 11.312  15.358  -11.529 1.00 35.90 ? 526 ARG A C   1 
ATOM   302  O O   . ARG A 1 40 ? 12.218  16.038  -12.000 1.00 35.82 ? 526 ARG A O   1 
ATOM   303  C CB  . ARG A 1 40 ? 9.726   14.686  -13.383 1.00 35.48 ? 526 ARG A CB  1 
ATOM   304  C CG  . ARG A 1 40 ? 8.304   14.958  -12.921 1.00 36.01 ? 526 ARG A CG  1 
ATOM   305  C CD  . ARG A 1 40 ? 7.519   15.514  -14.106 1.00 37.12 ? 526 ARG A CD  1 
ATOM   306  N NE  . ARG A 1 40 ? 6.143   15.899  -13.800 1.00 36.76 ? 526 ARG A NE  1 
ATOM   307  C CZ  . ARG A 1 40 ? 5.138   15.048  -13.616 1.00 37.27 ? 526 ARG A CZ  1 
ATOM   308  N NH1 . ARG A 1 40 ? 5.340   13.739  -13.706 1.00 36.79 ? 526 ARG A NH1 1 
ATOM   309  N NH2 . ARG A 1 40 ? 3.926   15.514  -13.346 1.00 36.92 ? 526 ARG A NH2 1 
ATOM   310  N N   . GLN A 1 41 ? 10.832  15.574  -10.306 1.00 36.85 ? 527 GLN A N   1 
ATOM   311  C CA  . GLN A 1 41 ? 11.353  16.678  -9.504  1.00 37.62 ? 527 GLN A CA  1 
ATOM   312  C C   . GLN A 1 41 ? 12.524  16.320  -8.588  1.00 37.99 ? 527 GLN A C   1 
ATOM   313  O O   . GLN A 1 41 ? 13.264  17.205  -8.151  1.00 38.51 ? 527 GLN A O   1 
ATOM   314  C CB  . GLN A 1 41 ? 10.233  17.313  -8.681  1.00 37.78 ? 527 GLN A CB  1 
ATOM   315  C CG  . GLN A 1 41 ? 9.054   17.743  -9.531  1.00 39.76 ? 527 GLN A CG  1 
ATOM   316  C CD  . GLN A 1 41 ? 8.165   18.751  -8.839  1.00 40.86 ? 527 GLN A CD  1 
ATOM   317  O OE1 . GLN A 1 41 ? 7.673   18.514  -7.735  1.00 41.64 ? 527 GLN A OE1 1 
ATOM   318  N NE2 . GLN A 1 41 ? 7.951   19.887  -9.491  1.00 40.29 ? 527 GLN A NE2 1 
ATOM   319  N N   . GLY A 1 42 ? 12.696  15.032  -8.302  1.00 37.85 ? 528 GLY A N   1 
ATOM   320  C CA  . GLY A 1 42 ? 13.789  14.600  -7.444  1.00 37.67 ? 528 GLY A CA  1 
ATOM   321  C C   . GLY A 1 42 ? 13.572  14.922  -5.978  1.00 37.69 ? 528 GLY A C   1 
ATOM   322  O O   . GLY A 1 42 ? 14.518  15.013  -5.199  1.00 38.12 ? 528 GLY A O   1 
ATOM   323  N N   . THR A 1 43 ? 12.311  15.080  -5.598  1.00 38.41 ? 529 THR A N   1 
ATOM   324  C CA  . THR A 1 43 ? 11.947  15.396  -4.224  1.00 37.51 ? 529 THR A CA  1 
ATOM   325  C C   . THR A 1 43 ? 12.170  14.262  -3.211  1.00 36.76 ? 529 THR A C   1 
ATOM   326  O O   . THR A 1 43 ? 12.268  14.517  -2.008  1.00 36.46 ? 529 THR A O   1 
ATOM   327  C CB  . THR A 1 43 ? 10.474  15.879  -4.166  1.00 38.93 ? 529 THR A CB  1 
ATOM   328  O OG1 . THR A 1 43 ? 9.928   15.628  -2.865  1.00 40.38 ? 529 THR A OG1 1 
ATOM   329  C CG2 . THR A 1 43 ? 9.642   15.193  -5.236  1.00 39.90 ? 529 THR A CG2 1 
ATOM   330  N N   . LEU A 1 44 ? 12.277  13.022  -3.687  1.00 34.99 ? 530 LEU A N   1 
ATOM   331  C CA  . LEU A 1 44 ? 12.478  11.882  -2.791  1.00 32.73 ? 530 LEU A CA  1 
ATOM   332  C C   . LEU A 1 44 ? 13.263  10.726  -3.423  1.00 31.10 ? 530 LEU A C   1 
ATOM   333  O O   . LEU A 1 44 ? 13.430  10.668  -4.639  1.00 31.03 ? 530 LEU A O   1 
ATOM   334  C CB  . LEU A 1 44 ? 11.122  11.347  -2.317  1.00 32.33 ? 530 LEU A CB  1 
ATOM   335  C CG  . LEU A 1 44 ? 10.189  12.245  -1.496  1.00 32.58 ? 530 LEU A CG  1 
ATOM   336  C CD1 . LEU A 1 44 ? 8.849   11.546  -1.304  1.00 32.84 ? 530 LEU A CD1 1 
ATOM   337  C CD2 . LEU A 1 44 ? 10.824  12.562  -0.152  1.00 32.87 ? 530 LEU A CD2 1 
ATOM   338  N N   . HIS A 1 45 ? 13.748  9.817   -2.577  1.00 28.56 ? 531 HIS A N   1 
ATOM   339  C CA  . HIS A 1 45 ? 14.476  8.631   -3.023  1.00 26.94 ? 531 HIS A CA  1 
ATOM   340  C C   . HIS A 1 45 ? 13.933  7.404   -2.306  1.00 24.24 ? 531 HIS A C   1 
ATOM   341  O O   . HIS A 1 45 ? 13.504  7.492   -1.160  1.00 21.73 ? 531 HIS A O   1 
ATOM   342  C CB  . HIS A 1 45 ? 15.971  8.709   -2.701  1.00 29.90 ? 531 HIS A CB  1 
ATOM   343  C CG  . HIS A 1 45 ? 16.721  9.733   -3.489  1.00 32.30 ? 531 HIS A CG  1 
ATOM   344  N ND1 . HIS A 1 45 ? 16.669  11.081  -3.204  1.00 34.53 ? 531 HIS A ND1 1 
ATOM   345  C CD2 . HIS A 1 45 ? 17.540  9.604   -4.558  1.00 33.71 ? 531 HIS A CD2 1 
ATOM   346  C CE1 . HIS A 1 45 ? 17.427  11.737  -4.063  1.00 35.13 ? 531 HIS A CE1 1 
ATOM   347  N NE2 . HIS A 1 45 ? 17.967  10.865  -4.896  1.00 35.07 ? 531 HIS A NE2 1 
ATOM   348  N N   . VAL A 1 46 ? 13.956  6.260   -2.979  1.00 22.63 ? 532 VAL A N   1 
ATOM   349  C CA  . VAL A 1 46 ? 13.497  5.024   -2.354  1.00 20.68 ? 532 VAL A CA  1 
ATOM   350  C C   . VAL A 1 46 ? 14.325  4.858   -1.089  1.00 19.50 ? 532 VAL A C   1 
ATOM   351  O O   . VAL A 1 46 ? 15.544  5.036   -1.116  1.00 20.75 ? 532 VAL A O   1 
ATOM   352  C CB  . VAL A 1 46 ? 13.745  3.804   -3.261  1.00 21.08 ? 532 VAL A CB  1 
ATOM   353  C CG1 . VAL A 1 46 ? 13.379  2.517   -2.522  1.00 20.27 ? 532 VAL A CG1 1 
ATOM   354  C CG2 . VAL A 1 46 ? 12.930  3.935   -4.531  1.00 22.56 ? 532 VAL A CG2 1 
ATOM   355  N N   . GLY A 1 47 ? 13.672  4.538   0.018   1.00 17.85 ? 533 GLY A N   1 
ATOM   356  C CA  . GLY A 1 47 ? 14.397  4.367   1.257   1.00 18.95 ? 533 GLY A CA  1 
ATOM   357  C C   . GLY A 1 47 ? 14.259  5.541   2.211   1.00 19.18 ? 533 GLY A C   1 
ATOM   358  O O   . GLY A 1 47 ? 14.410  5.362   3.414   1.00 18.19 ? 533 GLY A O   1 
ATOM   359  N N   . ASP A 1 48 ? 13.984  6.740   1.693   1.00 18.73 ? 534 ASP A N   1 
ATOM   360  C CA  . ASP A 1 48 ? 13.832  7.903   2.580   1.00 18.16 ? 534 ASP A CA  1 
ATOM   361  C C   . ASP A 1 48 ? 12.722  7.623   3.573   1.00 18.83 ? 534 ASP A C   1 
ATOM   362  O O   . ASP A 1 48 ? 11.740  6.958   3.244   1.00 16.47 ? 534 ASP A O   1 
ATOM   363  C CB  . ASP A 1 48 ? 13.440  9.181   1.823   1.00 16.97 ? 534 ASP A CB  1 
ATOM   364  C CG  . ASP A 1 48 ? 14.493  9.659   0.855   1.00 16.18 ? 534 ASP A CG  1 
ATOM   365  O OD1 . ASP A 1 48 ? 15.676  9.311   1.015   1.00 17.94 ? 534 ASP A OD1 1 
ATOM   366  O OD2 . ASP A 1 48 ? 14.127  10.426  -0.063  1.00 17.17 ? 534 ASP A OD2 1 
ATOM   367  N N   . GLU A 1 49 ? 12.867  8.142   4.786   1.00 19.40 ? 535 GLU A N   1 
ATOM   368  C CA  . GLU A 1 49 ? 11.840  7.961   5.803   1.00 20.62 ? 535 GLU A CA  1 
ATOM   369  C C   . GLU A 1 49 ? 11.076  9.275   5.914   1.00 20.44 ? 535 GLU A C   1 
ATOM   370  O O   . GLU A 1 49 ? 11.677  10.341  6.014   1.00 20.53 ? 535 GLU A O   1 
ATOM   371  C CB  . GLU A 1 49 ? 12.462  7.609   7.163   1.00 22.26 ? 535 GLU A CB  1 
ATOM   372  C CG  . GLU A 1 49 ? 11.436  7.349   8.275   1.00 25.13 ? 535 GLU A CG  1 
ATOM   373  C CD  . GLU A 1 49 ? 12.076  6.981   9.612   1.00 27.73 ? 535 GLU A CD  1 
ATOM   374  O OE1 . GLU A 1 49 ? 12.888  6.033   9.641   1.00 29.59 ? 535 GLU A OE1 1 
ATOM   375  O OE2 . GLU A 1 49 ? 11.758  7.629   10.634  1.00 28.02 ? 535 GLU A OE2 1 
ATOM   376  N N   . ILE A 1 50 ? 9.753   9.202   5.857   1.00 20.83 ? 536 ILE A N   1 
ATOM   377  C CA  . ILE A 1 50 ? 8.935   10.399  5.983   1.00 20.65 ? 536 ILE A CA  1 
ATOM   378  C C   . ILE A 1 50 ? 8.533   10.488  7.446   1.00 20.13 ? 536 ILE A C   1 
ATOM   379  O O   . ILE A 1 50 ? 7.952   9.555   7.999   1.00 20.80 ? 536 ILE A O   1 
ATOM   380  C CB  . ILE A 1 50 ? 7.683   10.332  5.070   1.00 20.18 ? 536 ILE A CB  1 
ATOM   381  C CG1 . ILE A 1 50 ? 8.127   10.364  3.602   1.00 20.26 ? 536 ILE A CG1 1 
ATOM   382  C CG2 . ILE A 1 50 ? 6.750   11.507  5.376   1.00 20.40 ? 536 ILE A CG2 1 
ATOM   383  C CD1 . ILE A 1 50 ? 6.999   10.208  2.599   1.00 22.64 ? 536 ILE A CD1 1 
ATOM   384  N N   . ARG A 1 51 ? 8.893   11.603  8.072   1.00 20.28 ? 537 ARG A N   1 
ATOM   385  C CA  . ARG A 1 51 ? 8.610   11.842  9.477   1.00 21.36 ? 537 ARG A CA  1 
ATOM   386  C C   . ARG A 1 51 ? 7.378   12.706  9.711   1.00 19.36 ? 537 ARG A C   1 
ATOM   387  O O   . ARG A 1 51 ? 6.580   12.433  10.603  1.00 18.82 ? 537 ARG A O   1 
ATOM   388  C CB  . ARG A 1 51 ? 9.828   12.486  10.140  1.00 24.58 ? 537 ARG A CB  1 
ATOM   389  C CG  . ARG A 1 51 ? 10.867  11.486  10.596  1.00 29.16 ? 537 ARG A CG  1 
ATOM   390  C CD  . ARG A 1 51 ? 10.249  10.644  11.688  1.00 33.62 ? 537 ARG A CD  1 
ATOM   391  N NE  . ARG A 1 51 ? 11.134  9.615   12.208  1.00 36.66 ? 537 ARG A NE  1 
ATOM   392  C CZ  . ARG A 1 51 ? 10.750  8.707   13.097  1.00 38.46 ? 537 ARG A CZ  1 
ATOM   393  N NH1 . ARG A 1 51 ? 9.504   8.720   13.557  1.00 38.70 ? 537 ARG A NH1 1 
ATOM   394  N NH2 . ARG A 1 51 ? 11.603  7.788   13.527  1.00 39.72 ? 537 ARG A NH2 1 
ATOM   395  N N   . GLU A 1 52 ? 7.237   13.746  8.904   1.00 17.74 ? 538 GLU A N   1 
ATOM   396  C CA  . GLU A 1 52 ? 6.107   14.663  9.015   1.00 18.98 ? 538 GLU A CA  1 
ATOM   397  C C   . GLU A 1 52 ? 5.629   15.097  7.634   1.00 18.33 ? 538 GLU A C   1 
ATOM   398  O O   . GLU A 1 52 ? 6.397   15.100  6.672   1.00 18.49 ? 538 GLU A O   1 
ATOM   399  C CB  . GLU A 1 52 ? 6.511   15.907  9.827   1.00 18.31 ? 538 GLU A CB  1 
ATOM   400  C CG  . GLU A 1 52 ? 6.558   15.722  11.346  1.00 21.65 ? 538 GLU A CG  1 
ATOM   401  C CD  . GLU A 1 52 ? 7.173   16.927  12.067  1.00 21.80 ? 538 GLU A CD  1 
ATOM   402  O OE1 . GLU A 1 52 ? 6.981   18.071  11.600  1.00 21.04 ? 538 GLU A OE1 1 
ATOM   403  O OE2 . GLU A 1 52 ? 7.832   16.733  13.108  1.00 22.31 ? 538 GLU A OE2 1 
ATOM   404  N N   . ILE A 1 53 ? 4.348   15.438  7.545   1.00 18.72 ? 539 ILE A N   1 
ATOM   405  C CA  . ILE A 1 53 ? 3.739   15.918  6.310   1.00 17.70 ? 539 ILE A CA  1 
ATOM   406  C C   . ILE A 1 53 ? 3.025   17.201  6.731   1.00 18.98 ? 539 ILE A C   1 
ATOM   407  O O   . ILE A 1 53 ? 2.064   17.155  7.487   1.00 17.90 ? 539 ILE A O   1 
ATOM   408  C CB  . ILE A 1 53 ? 2.692   14.930  5.753   1.00 17.66 ? 539 ILE A CB  1 
ATOM   409  C CG1 . ILE A 1 53 ? 3.313   13.539  5.606   1.00 17.98 ? 539 ILE A CG1 1 
ATOM   410  C CG2 . ILE A 1 53 ? 2.193   15.426  4.389   1.00 18.05 ? 539 ILE A CG2 1 
ATOM   411  C CD1 . ILE A 1 53 ? 2.339   12.470  5.136   1.00 18.08 ? 539 ILE A CD1 1 
ATOM   412  N N   . ASN A 1 54 ? 3.503   18.342  6.243   1.00 20.76 ? 540 ASN A N   1 
ATOM   413  C CA  . ASN A 1 54 ? 2.938   19.636  6.616   1.00 22.06 ? 540 ASN A CA  1 
ATOM   414  C C   . ASN A 1 54 ? 2.869   19.774  8.131   1.00 22.05 ? 540 ASN A C   1 
ATOM   415  O O   . ASN A 1 54 ? 1.852   20.188  8.690   1.00 22.37 ? 540 ASN A O   1 
ATOM   416  C CB  . ASN A 1 54 ? 1.544   19.848  6.014   1.00 22.58 ? 540 ASN A CB  1 
ATOM   417  C CG  . ASN A 1 54 ? 1.585   20.026  4.515   1.00 24.05 ? 540 ASN A CG  1 
ATOM   418  O OD1 . ASN A 1 54 ? 2.554   20.553  3.974   1.00 27.26 ? 540 ASN A OD1 1 
ATOM   419  N ND2 . ASN A 1 54 ? 0.521   19.620  3.837   1.00 27.41 ? 540 ASN A ND2 1 
ATOM   420  N N   . GLY A 1 55 ? 3.965   19.410  8.786   1.00 21.77 ? 541 GLY A N   1 
ATOM   421  C CA  . GLY A 1 55 ? 4.054   19.510  10.230  1.00 21.39 ? 541 GLY A CA  1 
ATOM   422  C C   . GLY A 1 55 ? 3.329   18.452  11.037  1.00 21.93 ? 541 GLY A C   1 
ATOM   423  O O   . GLY A 1 55 ? 3.372   18.487  12.266  1.00 23.09 ? 541 GLY A O   1 
ATOM   424  N N   . ILE A 1 56 ? 2.667   17.511  10.371  1.00 21.10 ? 542 ILE A N   1 
ATOM   425  C CA  . ILE A 1 56 ? 1.934   16.466  11.081  1.00 21.07 ? 542 ILE A CA  1 
ATOM   426  C C   . ILE A 1 56 ? 2.777   15.196  11.192  1.00 21.28 ? 542 ILE A C   1 
ATOM   427  O O   . ILE A 1 56 ? 3.230   14.654  10.185  1.00 19.43 ? 542 ILE A O   1 
ATOM   428  C CB  . ILE A 1 56 ? 0.617   16.133  10.354  1.00 20.14 ? 542 ILE A CB  1 
ATOM   429  C CG1 . ILE A 1 56 ? -0.189  17.416  10.140  1.00 21.12 ? 542 ILE A CG1 1 
ATOM   430  C CG2 . ILE A 1 56 ? -0.190  15.135  11.173  1.00 21.45 ? 542 ILE A CG2 1 
ATOM   431  C CD1 . ILE A 1 56 ? -1.429  17.240  9.303   1.00 18.77 ? 542 ILE A CD1 1 
ATOM   432  N N   . SER A 1 57 ? 2.983   14.730  12.419  1.00 21.35 ? 543 SER A N   1 
ATOM   433  C CA  . SER A 1 57 ? 3.780   13.531  12.661  1.00 23.92 ? 543 SER A CA  1 
ATOM   434  C C   . SER A 1 57 ? 3.125   12.268  12.128  1.00 23.88 ? 543 SER A C   1 
ATOM   435  O O   . SER A 1 57 ? 1.998   11.943  12.491  1.00 23.91 ? 543 SER A O   1 
ATOM   436  C CB  . SER A 1 57 ? 4.046   13.366  14.160  1.00 25.85 ? 543 SER A CB  1 
ATOM   437  O OG  . SER A 1 57 ? 4.658   12.112  14.433  1.00 27.22 ? 543 SER A OG  1 
ATOM   438  N N   . VAL A 1 58 ? 3.845   11.558  11.267  1.00 24.73 ? 544 VAL A N   1 
ATOM   439  C CA  . VAL A 1 58 ? 3.343   10.323  10.688  1.00 26.22 ? 544 VAL A CA  1 
ATOM   440  C C   . VAL A 1 58 ? 3.208   9.221   11.741  1.00 27.34 ? 544 VAL A C   1 
ATOM   441  O O   . VAL A 1 58 ? 2.341   8.355   11.635  1.00 26.71 ? 544 VAL A O   1 
ATOM   442  C CB  . VAL A 1 58 ? 4.275   9.821   9.567   1.00 26.92 ? 544 VAL A CB  1 
ATOM   443  C CG1 . VAL A 1 58 ? 3.833   8.439   9.095   1.00 28.85 ? 544 VAL A CG1 1 
ATOM   444  C CG2 . VAL A 1 58 ? 4.246   10.797  8.399   1.00 28.42 ? 544 VAL A CG2 1 
ATOM   445  N N   . ALA A 1 59 ? 4.064   9.252   12.757  1.00 29.23 ? 545 ALA A N   1 
ATOM   446  C CA  . ALA A 1 59 ? 4.021   8.232   13.800  1.00 31.77 ? 545 ALA A CA  1 
ATOM   447  C C   . ALA A 1 59 ? 2.727   8.258   14.632  1.00 34.14 ? 545 ALA A C   1 
ATOM   448  O O   . ALA A 1 59 ? 2.384   7.247   15.243  1.00 34.60 ? 545 ALA A O   1 
ATOM   449  C CB  . ALA A 1 59 ? 5.226   8.375   14.711  1.00 32.07 ? 545 ALA A CB  1 
ATOM   450  N N   . ASN A 1 60 ? 2.026   9.386   14.648  1.00 35.95 ? 546 ASN A N   1 
ATOM   451  C CA  . ASN A 1 60 ? 0.806   9.524   15.421  1.00 38.21 ? 546 ASN A CA  1 
ATOM   452  C C   . ASN A 1 60 ? -0.489  9.324   14.632  1.00 38.63 ? 546 ASN A C   1 
ATOM   453  O O   . ASN A 1 60 ? -1.577  9.510   15.166  1.00 39.68 ? 546 ASN A O   1 
ATOM   454  C CB  . ASN A 1 60 ? 0.787   10.909  16.072  1.00 39.53 ? 546 ASN A CB  1 
ATOM   455  C CG  . ASN A 1 60 ? 1.931   11.097  17.044  1.00 41.86 ? 546 ASN A CG  1 
ATOM   456  O OD1 . ASN A 1 60 ? 2.546   12.173  17.065  1.00 44.03 ? 546 ASN A OD1 1 
ATOM   457  N ND2 . ASN A 1 60 ? 2.224   10.087  17.853  1.00 41.57 ? 546 ASN A ND2 1 
ATOM   458  N N   . GLN A 1 61 ? -0.371  8.930   13.373  1.00 39.31 ? 547 GLN A N   1 
ATOM   459  C CA  . GLN A 1 61 ? -1.550  8.707   12.535  1.00 39.78 ? 547 GLN A CA  1 
ATOM   460  C C   . GLN A 1 61 ? -1.796  7.222   12.331  1.00 39.96 ? 547 GLN A C   1 
ATOM   461  O O   . GLN A 1 61 ? -0.952  6.401   12.686  1.00 39.00 ? 547 GLN A O   1 
ATOM   462  C CB  . GLN A 1 61 ? -1.374  9.362   11.161  1.00 41.26 ? 547 GLN A CB  1 
ATOM   463  C CG  . GLN A 1 61 ? -1.101  10.849  11.187  1.00 42.89 ? 547 GLN A CG  1 
ATOM   464  C CD  . GLN A 1 61 ? -2.203  11.621  11.878  1.00 45.03 ? 547 GLN A CD  1 
ATOM   465  O OE1 . GLN A 1 61 ? -2.389  11.510  13.091  1.00 46.32 ? 547 GLN A OE1 1 
ATOM   466  N NE2 . GLN A 1 61 ? -2.954  12.399  11.106  1.00 45.66 ? 547 GLN A NE2 1 
ATOM   467  N N   . THR A 1 62 ? -2.956  6.885   11.768  1.00 39.46 ? 548 THR A N   1 
ATOM   468  C CA  . THR A 1 62 ? -3.292  5.498   11.470  1.00 39.44 ? 548 THR A CA  1 
ATOM   469  C C   . THR A 1 62 ? -3.150  5.394   9.960   1.00 39.69 ? 548 THR A C   1 
ATOM   470  O O   . THR A 1 62 ? -3.208  6.411   9.266   1.00 39.54 ? 548 THR A O   1 
ATOM   471  C CB  . THR A 1 62 ? -4.748  5.159   11.847  1.00 39.60 ? 548 THR A CB  1 
ATOM   472  O OG1 . THR A 1 62 ? -5.641  5.973   11.081  1.00 38.52 ? 548 THR A OG1 1 
ATOM   473  C CG2 . THR A 1 62 ? -4.988  5.395   13.329  1.00 40.07 ? 548 THR A CG2 1 
ATOM   474  N N   . VAL A 1 63 ? -2.963  4.185   9.443   1.00 38.94 ? 549 VAL A N   1 
ATOM   475  C CA  . VAL A 1 63 ? -2.815  4.029   8.004   1.00 38.72 ? 549 VAL A CA  1 
ATOM   476  C C   . VAL A 1 63 ? -3.983  4.686   7.285   1.00 38.57 ? 549 VAL A C   1 
ATOM   477  O O   . VAL A 1 63 ? -3.801  5.368   6.278   1.00 38.09 ? 549 VAL A O   1 
ATOM   478  C CB  . VAL A 1 63 ? -2.739  2.548   7.602   1.00 38.35 ? 549 VAL A CB  1 
ATOM   479  C CG1 . VAL A 1 63 ? -2.693  2.420   6.091   1.00 38.48 ? 549 VAL A CG1 1 
ATOM   480  C CG2 . VAL A 1 63 ? -1.502  1.914   8.217   1.00 38.30 ? 549 VAL A CG2 1 
ATOM   481  N N   . GLU A 1 64 ? -5.184  4.490   7.817   1.00 39.11 ? 550 GLU A N   1 
ATOM   482  C CA  . GLU A 1 64 ? -6.374  5.076   7.225   1.00 39.70 ? 550 GLU A CA  1 
ATOM   483  C C   . GLU A 1 64 ? -6.234  6.592   7.195   1.00 39.28 ? 550 GLU A C   1 
ATOM   484  O O   . GLU A 1 64 ? -6.457  7.227   6.160   1.00 38.79 ? 550 GLU A O   1 
ATOM   485  C CB  . GLU A 1 64 ? -7.616  4.694   8.027   1.00 41.09 ? 550 GLU A CB  1 
ATOM   486  C CG  . GLU A 1 64 ? -8.883  5.233   7.420   1.00 43.67 ? 550 GLU A CG  1 
ATOM   487  C CD  . GLU A 1 64 ? -8.991  4.862   5.961   1.00 44.41 ? 550 GLU A CD  1 
ATOM   488  O OE1 . GLU A 1 64 ? -8.966  3.653   5.660   1.00 45.42 ? 550 GLU A OE1 1 
ATOM   489  O OE2 . GLU A 1 64 ? -9.090  5.778   5.118   1.00 45.93 ? 550 GLU A OE2 1 
ATOM   490  N N   . GLN A 1 65 ? -5.860  7.166   8.335   1.00 38.06 ? 551 GLN A N   1 
ATOM   491  C CA  . GLN A 1 65 ? -5.678  8.607   8.432   1.00 37.72 ? 551 GLN A CA  1 
ATOM   492  C C   . GLN A 1 65 ? -4.583  9.093   7.482   1.00 36.67 ? 551 GLN A C   1 
ATOM   493  O O   . GLN A 1 65 ? -4.779  10.066  6.752   1.00 36.44 ? 551 GLN A O   1 
ATOM   494  C CB  . GLN A 1 65 ? -5.335  9.011   9.873   1.00 37.75 ? 551 GLN A CB  1 
ATOM   495  C CG  . GLN A 1 65 ? -6.446  8.733   10.880  1.00 38.70 ? 551 GLN A CG  1 
ATOM   496  C CD  . GLN A 1 65 ? -6.093  9.178   12.292  1.00 39.25 ? 551 GLN A CD  1 
ATOM   497  O OE1 . GLN A 1 65 ? -5.129  8.696   12.888  1.00 38.64 ? 551 GLN A OE1 1 
ATOM   498  N NE2 . GLN A 1 65 ? -6.881  10.104  12.833  1.00 39.45 ? 551 GLN A NE2 1 
ATOM   499  N N   . LEU A 1 66 ? -3.436  8.416   7.486   1.00 35.25 ? 552 LEU A N   1 
ATOM   500  C CA  . LEU A 1 66 ? -2.332  8.813   6.614   1.00 34.01 ? 552 LEU A CA  1 
ATOM   501  C C   . LEU A 1 66 ? -2.741  8.667   5.154   1.00 33.30 ? 552 LEU A C   1 
ATOM   502  O O   . LEU A 1 66 ? -2.462  9.537   4.326   1.00 32.03 ? 552 LEU A O   1 
ATOM   503  C CB  . LEU A 1 66 ? -1.092  7.955   6.892   1.00 33.96 ? 552 LEU A CB  1 
ATOM   504  C CG  . LEU A 1 66 ? 0.194   8.358   6.156   1.00 33.77 ? 552 LEU A CG  1 
ATOM   505  C CD1 . LEU A 1 66 ? 0.595   9.775   6.557   1.00 33.02 ? 552 LEU A CD1 1 
ATOM   506  C CD2 . LEU A 1 66 ? 1.310   7.382   6.502   1.00 34.21 ? 552 LEU A CD2 1 
ATOM   507  N N   . GLN A 1 67 ? -3.410  7.559   4.854   1.00 32.81 ? 553 GLN A N   1 
ATOM   508  C CA  . GLN A 1 67 ? -3.879  7.264   3.508   1.00 32.22 ? 553 GLN A CA  1 
ATOM   509  C C   . GLN A 1 67 ? -4.754  8.392   2.971   1.00 31.35 ? 553 GLN A C   1 
ATOM   510  O O   . GLN A 1 67 ? -4.442  8.997   1.947   1.00 30.82 ? 553 GLN A O   1 
ATOM   511  C CB  . GLN A 1 67 ? -4.696  5.972   3.517   1.00 33.16 ? 553 GLN A CB  1 
ATOM   512  C CG  . GLN A 1 67 ? -5.126  5.496   2.149   1.00 32.75 ? 553 GLN A CG  1 
ATOM   513  C CD  . GLN A 1 67 ? -6.144  4.380   2.234   1.00 33.88 ? 553 GLN A CD  1 
ATOM   514  O OE1 . GLN A 1 67 ? -7.354  4.622   2.276   1.00 34.46 ? 553 GLN A OE1 1 
ATOM   515  N NE2 . GLN A 1 67 ? -5.659  3.149   2.298   1.00 33.25 ? 553 GLN A NE2 1 
ATOM   516  N N   . LYS A 1 68 ? -5.864  8.653   3.655   1.00 31.87 ? 554 LYS A N   1 
ATOM   517  C CA  . LYS A 1 68 ? -6.777  9.711   3.233   1.00 32.94 ? 554 LYS A CA  1 
ATOM   518  C C   . LYS A 1 68 ? -6.075  11.054  3.155   1.00 31.76 ? 554 LYS A C   1 
ATOM   519  O O   . LYS A 1 68 ? -6.181  11.765  2.157   1.00 32.05 ? 554 LYS A O   1 
ATOM   520  C CB  . LYS A 1 68 ? -7.965  9.828   4.188   1.00 34.43 ? 554 LYS A CB  1 
ATOM   521  C CG  . LYS A 1 68 ? -9.124  8.899   3.883   1.00 35.70 ? 554 LYS A CG  1 
ATOM   522  C CD  . LYS A 1 68 ? -10.333 9.295   4.707   1.00 36.48 ? 554 LYS A CD  1 
ATOM   523  C CE  . LYS A 1 68 ? -11.580 8.546   4.289   1.00 38.02 ? 554 LYS A CE  1 
ATOM   524  N NZ  . LYS A 1 68 ? -12.762 9.031   5.058   1.00 39.86 ? 554 LYS A NZ  1 
ATOM   525  N N   . MET A 1 69 ? -5.358  11.385  4.221   1.00 31.71 ? 555 MET A N   1 
ATOM   526  C CA  . MET A 1 69 ? -4.615  12.633  4.327   1.00 31.56 ? 555 MET A CA  1 
ATOM   527  C C   . MET A 1 69 ? -3.805  12.956  3.068   1.00 30.17 ? 555 MET A C   1 
ATOM   528  O O   . MET A 1 69 ? -4.039  13.971  2.408   1.00 29.59 ? 555 MET A O   1 
ATOM   529  C CB  . MET A 1 69 ? -3.710  12.534  5.550   1.00 34.70 ? 555 MET A CB  1 
ATOM   530  C CG  . MET A 1 69 ? -2.830  13.719  5.831   1.00 38.05 ? 555 MET A CG  1 
ATOM   531  S SD  . MET A 1 69 ? -1.968  13.427  7.381   1.00 41.62 ? 555 MET A SD  1 
ATOM   532  C CE  . MET A 1 69 ? -0.830  14.765  7.382   1.00 41.02 ? 555 MET A CE  1 
ATOM   533  N N   . LEU A 1 70 ? -2.856  12.084  2.739   1.00 28.72 ? 556 LEU A N   1 
ATOM   534  C CA  . LEU A 1 70 ? -2.011  12.255  1.564   1.00 27.03 ? 556 LEU A CA  1 
ATOM   535  C C   . LEU A 1 70 ? -2.771  12.378  0.251   1.00 27.07 ? 556 LEU A C   1 
ATOM   536  O O   . LEU A 1 70 ? -2.443  13.213  -0.590  1.00 26.67 ? 556 LEU A O   1 
ATOM   537  C CB  . LEU A 1 70 ? -1.033  11.081  1.450   1.00 28.90 ? 556 LEU A CB  1 
ATOM   538  C CG  . LEU A 1 70 ? 0.343   11.205  2.100   1.00 30.48 ? 556 LEU A CG  1 
ATOM   539  C CD1 . LEU A 1 70 ? 1.004   9.842   2.204   1.00 30.91 ? 556 LEU A CD1 1 
ATOM   540  C CD2 . LEU A 1 70 ? 1.191   12.165  1.272   1.00 29.74 ? 556 LEU A CD2 1 
ATOM   541  N N   . ARG A 1 71 ? -3.783  11.541  0.066   1.00 25.10 ? 557 ARG A N   1 
ATOM   542  C CA  . ARG A 1 71 ? -4.535  11.572  -1.173  1.00 25.71 ? 557 ARG A CA  1 
ATOM   543  C C   . ARG A 1 71 ? -5.443  12.775  -1.351  1.00 25.12 ? 557 ARG A C   1 
ATOM   544  O O   . ARG A 1 71 ? -5.703  13.188  -2.480  1.00 24.23 ? 557 ARG A O   1 
ATOM   545  C CB  . ARG A 1 71 ? -5.336  10.279  -1.327  1.00 26.79 ? 557 ARG A CB  1 
ATOM   546  C CG  . ARG A 1 71 ? -4.435  9.068   -1.514  1.00 27.02 ? 557 ARG A CG  1 
ATOM   547  C CD  . ARG A 1 71 ? -5.230  7.787   -1.674  1.00 26.05 ? 557 ARG A CD  1 
ATOM   548  N NE  . ARG A 1 71 ? -4.340  6.639   -1.814  1.00 25.53 ? 557 ARG A NE  1 
ATOM   549  C CZ  . ARG A 1 71 ? -4.752  5.386   -1.947  1.00 26.62 ? 557 ARG A CZ  1 
ATOM   550  N NH1 . ARG A 1 71 ? -6.052  5.112   -1.966  1.00 26.99 ? 557 ARG A NH1 1 
ATOM   551  N NH2 . ARG A 1 71 ? -3.869  4.406   -2.064  1.00 25.71 ? 557 ARG A NH2 1 
ATOM   552  N N   . GLU A 1 72 ? -5.900  13.350  -0.240  1.00 26.03 ? 558 GLU A N   1 
ATOM   553  C CA  . GLU A 1 72 ? -6.801  14.494  -0.301  1.00 25.47 ? 558 GLU A CA  1 
ATOM   554  C C   . GLU A 1 72 ? -6.082  15.841  -0.354  1.00 24.35 ? 558 GLU A C   1 
ATOM   555  O O   . GLU A 1 72 ? -6.674  16.846  -0.741  1.00 22.57 ? 558 GLU A O   1 
ATOM   556  C CB  . GLU A 1 72 ? -7.764  14.448  0.891   1.00 26.90 ? 558 GLU A CB  1 
ATOM   557  C CG  . GLU A 1 72 ? -8.403  13.075  1.070   1.00 30.82 ? 558 GLU A CG  1 
ATOM   558  C CD  . GLU A 1 72 ? -9.556  13.055  2.058   1.00 31.94 ? 558 GLU A CD  1 
ATOM   559  O OE1 . GLU A 1 72 ? -9.413  13.608  3.172   1.00 32.96 ? 558 GLU A OE1 1 
ATOM   560  O OE2 . GLU A 1 72 ? -10.605 12.461  1.719   1.00 32.82 ? 558 GLU A OE2 1 
ATOM   561  N N   . MET A 1 73 ? -4.804  15.860  0.017   1.00 23.82 ? 559 MET A N   1 
ATOM   562  C CA  . MET A 1 73 ? -4.031  17.097  0.003   1.00 24.16 ? 559 MET A CA  1 
ATOM   563  C C   . MET A 1 73 ? -3.780  17.679  -1.379  1.00 23.85 ? 559 MET A C   1 
ATOM   564  O O   . MET A 1 73 ? -3.497  16.958  -2.334  1.00 24.03 ? 559 MET A O   1 
ATOM   565  C CB  . MET A 1 73 ? -2.676  16.904  0.689   1.00 23.60 ? 559 MET A CB  1 
ATOM   566  C CG  . MET A 1 73 ? -2.745  16.711  2.181   1.00 26.68 ? 559 MET A CG  1 
ATOM   567  S SD  . MET A 1 73 ? -1.105  16.450  2.883   1.00 27.89 ? 559 MET A SD  1 
ATOM   568  C CE  . MET A 1 73 ? -1.507  16.461  4.614   1.00 29.63 ? 559 MET A CE  1 
ATOM   569  N N   . ARG A 1 74 ? -3.872  19.002  -1.454  1.00 23.80 ? 560 ARG A N   1 
ATOM   570  C CA  . ARG A 1 74 ? -3.632  19.765  -2.673  1.00 22.50 ? 560 ARG A CA  1 
ATOM   571  C C   . ARG A 1 74 ? -2.901  21.029  -2.254  1.00 22.57 ? 560 ARG A C   1 
ATOM   572  O O   . ARG A 1 74 ? -3.050  21.496  -1.124  1.00 21.49 ? 560 ARG A O   1 
ATOM   573  C CB  . ARG A 1 74 ? -4.945  20.143  -3.355  1.00 23.75 ? 560 ARG A CB  1 
ATOM   574  C CG  . ARG A 1 74 ? -5.698  18.986  -3.957  1.00 24.23 ? 560 ARG A CG  1 
ATOM   575  C CD  . ARG A 1 74 ? -4.976  18.420  -5.174  1.00 26.39 ? 560 ARG A CD  1 
ATOM   576  N NE  . ARG A 1 74 ? -5.714  17.284  -5.714  1.00 26.48 ? 560 ARG A NE  1 
ATOM   577  C CZ  . ARG A 1 74 ? -5.875  16.133  -5.072  1.00 27.92 ? 560 ARG A CZ  1 
ATOM   578  N NH1 . ARG A 1 74 ? -5.349  15.968  -3.866  1.00 28.43 ? 560 ARG A NH1 1 
ATOM   579  N NH2 . ARG A 1 74 ? -6.581  15.154  -5.623  1.00 26.78 ? 560 ARG A NH2 1 
ATOM   580  N N   . GLY A 1 75 ? -2.109  21.585  -3.162  1.00 22.70 ? 561 GLY A N   1 
ATOM   581  C CA  . GLY A 1 75 ? -1.371  22.785  -2.834  1.00 23.40 ? 561 GLY A CA  1 
ATOM   582  C C   . GLY A 1 75 ? 0.044   22.426  -2.433  1.00 25.15 ? 561 GLY A C   1 
ATOM   583  O O   . GLY A 1 75 ? 0.601   21.441  -2.922  1.00 25.97 ? 561 GLY A O   1 
ATOM   584  N N   . SER A 1 76 ? 0.628   23.212  -1.539  1.00 25.24 ? 562 SER A N   1 
ATOM   585  C CA  . SER A 1 76 ? 1.991   22.952  -1.105  1.00 27.60 ? 562 SER A CA  1 
ATOM   586  C C   . SER A 1 76 ? 2.046   21.815  -0.096  1.00 27.09 ? 562 SER A C   1 
ATOM   587  O O   . SER A 1 76 ? 1.292   21.788  0.874   1.00 28.03 ? 562 SER A O   1 
ATOM   588  C CB  . SER A 1 76 ? 2.606   24.216  -0.497  1.00 27.69 ? 562 SER A CB  1 
ATOM   589  O OG  . SER A 1 76 ? 3.977   24.022  -0.190  1.00 32.64 ? 562 SER A OG  1 
ATOM   590  N N   . ILE A 1 77 ? 2.944   20.870  -0.344  1.00 27.13 ? 563 ILE A N   1 
ATOM   591  C CA  . ILE A 1 77 ? 3.120   19.734  0.540   1.00 25.99 ? 563 ILE A CA  1 
ATOM   592  C C   . ILE A 1 77 ? 4.575   19.665  0.964   1.00 25.70 ? 563 ILE A C   1 
ATOM   593  O O   . ILE A 1 77 ? 5.479   19.613  0.130   1.00 26.05 ? 563 ILE A O   1 
ATOM   594  C CB  . ILE A 1 77 ? 2.714   18.418  -0.155  1.00 25.98 ? 563 ILE A CB  1 
ATOM   595  C CG1 . ILE A 1 77 ? 1.242   18.492  -0.558  1.00 25.24 ? 563 ILE A CG1 1 
ATOM   596  C CG2 . ILE A 1 77 ? 2.969   17.231  0.771   1.00 23.70 ? 563 ILE A CG2 1 
ATOM   597  C CD1 . ILE A 1 77 ? 0.702   17.238  -1.207  1.00 27.01 ? 563 ILE A CD1 1 
ATOM   598  N N   . THR A 1 78 ? 4.804   19.683  2.269   1.00 25.81 ? 564 THR A N   1 
ATOM   599  C CA  . THR A 1 78 ? 6.159   19.614  2.787   1.00 25.61 ? 564 THR A CA  1 
ATOM   600  C C   . THR A 1 78 ? 6.388   18.362  3.605   1.00 24.62 ? 564 THR A C   1 
ATOM   601  O O   . THR A 1 78 ? 5.627   18.061  4.527   1.00 23.30 ? 564 THR A O   1 
ATOM   602  C CB  . THR A 1 78 ? 6.496   20.834  3.660   1.00 25.45 ? 564 THR A CB  1 
ATOM   603  O OG1 . THR A 1 78 ? 6.563   22.004  2.836   1.00 25.16 ? 564 THR A OG1 1 
ATOM   604  C CG2 . THR A 1 78 ? 7.823   20.622  4.374   1.00 25.78 ? 564 THR A CG2 1 
ATOM   605  N N   . PHE A 1 79 ? 7.442   17.631  3.253   1.00 24.65 ? 565 PHE A N   1 
ATOM   606  C CA  . PHE A 1 79 ? 7.784   16.412  3.962   1.00 24.01 ? 565 PHE A CA  1 
ATOM   607  C C   . PHE A 1 79 ? 9.045   16.609  4.795   1.00 24.86 ? 565 PHE A C   1 
ATOM   608  O O   . PHE A 1 79 ? 10.026  17.183  4.322   1.00 25.53 ? 565 PHE A O   1 
ATOM   609  C CB  . PHE A 1 79 ? 8.047   15.252  2.991   1.00 24.38 ? 565 PHE A CB  1 
ATOM   610  C CG  . PHE A 1 79 ? 6.861   14.849  2.160   1.00 24.66 ? 565 PHE A CG  1 
ATOM   611  C CD1 . PHE A 1 79 ? 5.827   14.107  2.715   1.00 25.28 ? 565 PHE A CD1 1 
ATOM   612  C CD2 . PHE A 1 79 ? 6.798   15.179  0.811   1.00 26.28 ? 565 PHE A CD2 1 
ATOM   613  C CE1 . PHE A 1 79 ? 4.745   13.690  1.940   1.00 25.51 ? 565 PHE A CE1 1 
ATOM   614  C CE2 . PHE A 1 79 ? 5.723   14.767  0.027   1.00 25.59 ? 565 PHE A CE2 1 
ATOM   615  C CZ  . PHE A 1 79 ? 4.694   14.019  0.593   1.00 24.40 ? 565 PHE A CZ  1 
ATOM   616  N N   . LYS A 1 80 ? 9.013   16.141  6.037   1.00 23.98 ? 566 LYS A N   1 
ATOM   617  C CA  . LYS A 1 80 ? 10.187  16.200  6.893   1.00 24.18 ? 566 LYS A CA  1 
ATOM   618  C C   . LYS A 1 80 ? 10.716  14.781  6.741   1.00 22.81 ? 566 LYS A C   1 
ATOM   619  O O   . LYS A 1 80 ? 10.063  13.824  7.149   1.00 21.24 ? 566 LYS A O   1 
ATOM   620  C CB  . LYS A 1 80 ? 9.804   16.453  8.348   1.00 24.86 ? 566 LYS A CB  1 
ATOM   621  C CG  . LYS A 1 80 ? 10.995  16.460  9.301   1.00 26.53 ? 566 LYS A CG  1 
ATOM   622  C CD  . LYS A 1 80 ? 10.533  16.597  10.742  1.00 28.00 ? 566 LYS A CD  1 
ATOM   623  C CE  . LYS A 1 80 ? 11.706  16.589  11.707  1.00 29.96 ? 566 LYS A CE  1 
ATOM   624  N NZ  . LYS A 1 80 ? 12.607  17.748  11.485  1.00 32.00 ? 566 LYS A NZ  1 
ATOM   625  N N   . ILE A 1 81 ? 11.891  14.635  6.148   1.00 22.70 ? 567 ILE A N   1 
ATOM   626  C CA  . ILE A 1 81 ? 12.415  13.296  5.935   1.00 21.69 ? 567 ILE A CA  1 
ATOM   627  C C   . ILE A 1 81 ? 13.798  13.017  6.488   1.00 23.42 ? 567 ILE A C   1 
ATOM   628  O O   . ILE A 1 81 ? 14.560  13.930  6.825   1.00 23.59 ? 567 ILE A O   1 
ATOM   629  C CB  . ILE A 1 81 ? 12.487  12.963  4.440   1.00 21.07 ? 567 ILE A CB  1 
ATOM   630  C CG1 . ILE A 1 81 ? 13.523  13.867  3.769   1.00 20.29 ? 567 ILE A CG1 1 
ATOM   631  C CG2 . ILE A 1 81 ? 11.120  13.142  3.789   1.00 18.57 ? 567 ILE A CG2 1 
ATOM   632  C CD1 . ILE A 1 81 ? 13.902  13.451  2.368   1.00 18.51 ? 567 ILE A CD1 1 
ATOM   633  N N   . VAL A 1 82 ? 14.099  11.727  6.581   1.00 22.07 ? 568 VAL A N   1 
ATOM   634  C CA  . VAL A 1 82 ? 15.406  11.261  7.003   1.00 21.75 ? 568 VAL A CA  1 
ATOM   635  C C   . VAL A 1 82 ? 15.898  10.620  5.715   1.00 21.42 ? 568 VAL A C   1 
ATOM   636  O O   . VAL A 1 82 ? 15.459  9.523   5.350   1.00 19.57 ? 568 VAL A O   1 
ATOM   637  C CB  . VAL A 1 82 ? 15.330  10.191  8.107   1.00 22.54 ? 568 VAL A CB  1 
ATOM   638  C CG1 . VAL A 1 82 ? 16.739  9.701   8.444   1.00 24.47 ? 568 VAL A CG1 1 
ATOM   639  C CG2 . VAL A 1 82 ? 14.664  10.766  9.348   1.00 22.35 ? 568 VAL A CG2 1 
ATOM   640  N N   . PRO A 1 83 ? 16.779  11.320  4.984   1.00 21.44 ? 569 PRO A N   1 
ATOM   641  C CA  . PRO A 1 83 ? 17.357  10.868  3.717   1.00 21.29 ? 569 PRO A CA  1 
ATOM   642  C C   . PRO A 1 83 ? 18.097  9.545   3.874   1.00 20.87 ? 569 PRO A C   1 
ATOM   643  O O   . PRO A 1 83 ? 18.763  9.308   4.880   1.00 19.93 ? 569 PRO A O   1 
ATOM   644  C CB  . PRO A 1 83 ? 18.278  12.027  3.339   1.00 21.73 ? 569 PRO A CB  1 
ATOM   645  C CG  . PRO A 1 83 ? 18.681  12.571  4.701   1.00 23.28 ? 569 PRO A CG  1 
ATOM   646  C CD  . PRO A 1 83 ? 17.319  12.645  5.328   1.00 22.20 ? 569 PRO A CD  1 
ATOM   647  N N   . SER A 1 84 ? 17.967  8.682   2.876   1.00 20.04 ? 570 SER A N   1 
ATOM   648  C CA  . SER A 1 84 ? 18.611  7.378   2.924   1.00 19.33 ? 570 SER A CA  1 
ATOM   649  C C   . SER A 1 84 ? 19.942  7.340   2.174   1.00 18.62 ? 570 SER A C   1 
ATOM   650  O O   . SER A 1 84 ? 20.818  6.543   2.510   1.00 18.34 ? 570 SER A O   1 
ATOM   651  C CB  . SER A 1 84 ? 17.668  6.316   2.360   1.00 18.67 ? 570 SER A CB  1 
ATOM   652  O OG  . SER A 1 84 ? 17.317  6.625   1.024   1.00 20.10 ? 570 SER A OG  1 
ATOM   653  N N   . TYR A 1 85 ? 20.090  8.191   1.162   1.00 17.96 ? 571 TYR A N   1 
ATOM   654  C CA  . TYR A 1 85 ? 21.333  8.239   0.386   1.00 19.59 ? 571 TYR A CA  1 
ATOM   655  C C   . TYR A 1 85 ? 22.296  9.285   0.934   1.00 20.07 ? 571 TYR A C   1 
ATOM   656  O O   . TYR A 1 85 ? 21.916  10.436  1.141   1.00 18.49 ? 571 TYR A O   1 
ATOM   657  C CB  . TYR A 1 85 ? 21.062  8.570   -1.089  1.00 21.35 ? 571 TYR A CB  1 
ATOM   658  C CG  . TYR A 1 85 ? 20.439  7.462   -1.913  1.00 23.26 ? 571 TYR A CG  1 
ATOM   659  C CD1 . TYR A 1 85 ? 19.173  6.965   -1.614  1.00 23.82 ? 571 TYR A CD1 1 
ATOM   660  C CD2 . TYR A 1 85 ? 21.110  6.938   -3.024  1.00 24.50 ? 571 TYR A CD2 1 
ATOM   661  C CE1 . TYR A 1 85 ? 18.585  5.978   -2.398  1.00 24.92 ? 571 TYR A CE1 1 
ATOM   662  C CE2 . TYR A 1 85 ? 20.525  5.945   -3.817  1.00 25.67 ? 571 TYR A CE2 1 
ATOM   663  C CZ  . TYR A 1 85 ? 19.264  5.473   -3.496  1.00 25.45 ? 571 TYR A CZ  1 
ATOM   664  O OH  . TYR A 1 85 ? 18.672  4.497   -4.271  1.00 26.30 ? 571 TYR A OH  1 
ATOM   665  N N   . ARG A 1 86 ? 23.545  8.880   1.148   1.00 18.72 ? 572 ARG A N   1 
ATOM   666  C CA  . ARG A 1 86 ? 24.573  9.783   1.659   1.00 21.10 ? 572 ARG A CA  1 
ATOM   667  C C   . ARG A 1 86 ? 25.871  9.550   0.887   1.00 22.07 ? 572 ARG A C   1 
ATOM   668  O O   . ARG A 1 86 ? 26.239  8.406   0.620   1.00 20.35 ? 572 ARG A O   1 
ATOM   669  C CB  . ARG A 1 86 ? 24.826  9.528   3.151   1.00 23.14 ? 572 ARG A CB  1 
ATOM   670  C CG  . ARG A 1 86 ? 23.667  9.866   4.090   1.00 26.13 ? 572 ARG A CG  1 
ATOM   671  C CD  . ARG A 1 86 ? 23.336  11.356  4.046   1.00 29.62 ? 572 ARG A CD  1 
ATOM   672  N NE  . ARG A 1 86 ? 22.459  11.768  5.142   1.00 32.30 ? 572 ARG A NE  1 
ATOM   673  C CZ  . ARG A 1 86 ? 22.015  13.010  5.317   1.00 33.11 ? 572 ARG A CZ  1 
ATOM   674  N NH1 . ARG A 1 86 ? 22.367  13.967  4.467   1.00 35.42 ? 572 ARG A NH1 1 
ATOM   675  N NH2 . ARG A 1 86 ? 21.236  13.302  6.349   1.00 34.01 ? 572 ARG A NH2 1 
ATOM   676  N N   . GLU A 1 87 ? 26.557  10.628  0.520   1.00 22.83 ? 573 GLU A N   1 
ATOM   677  C CA  . GLU A 1 87 ? 27.814  10.497  -0.205  1.00 24.57 ? 573 GLU A CA  1 
ATOM   678  C C   . GLU A 1 87 ? 29.003  10.600  0.742   1.00 24.32 ? 573 GLU A C   1 
ATOM   679  O O   . GLU A 1 87 ? 28.978  11.365  1.718   1.00 21.08 ? 573 GLU A O   1 
ATOM   680  C CB  . GLU A 1 87 ? 27.917  11.555  -1.304  1.00 27.84 ? 573 GLU A CB  1 
ATOM   681  C CG  . GLU A 1 87 ? 26.954  11.327  -2.460  1.00 30.68 ? 573 GLU A CG  1 
ATOM   682  C CD  . GLU A 1 87 ? 27.020  12.434  -3.491  1.00 33.92 ? 573 GLU A CD  1 
ATOM   683  O OE1 . GLU A 1 87 ? 26.773  13.601  -3.117  1.00 35.83 ? 573 GLU A OE1 1 
ATOM   684  O OE2 . GLU A 1 87 ? 27.311  12.146  -4.671  1.00 35.01 ? 573 GLU A OE2 1 
ATOM   685  N N   . PHE A 1 88 ? 30.035  9.812   0.442   1.00 23.22 ? 574 PHE A N   1 
ATOM   686  C CA  . PHE A 1 88 ? 31.249  9.754   1.252   1.00 23.61 ? 574 PHE A CA  1 
ATOM   687  C C   . PHE A 1 88 ? 32.502  9.870   0.387   1.00 22.41 ? 574 PHE A C   1 
ATOM   688  O O   . PHE A 1 88 ? 33.546  10.252  0.946   1.00 21.55 ? 574 PHE A O   1 
ATOM   689  C CB  . PHE A 1 88 ? 31.320  8.439   2.029   1.00 25.42 ? 574 PHE A CB  1 
ATOM   690  C CG  . PHE A 1 88 ? 30.096  8.143   2.838   1.00 26.86 ? 574 PHE A CG  1 
ATOM   691  C CD1 . PHE A 1 88 ? 28.881  7.880   2.216   1.00 27.17 ? 574 PHE A CD1 1 
ATOM   692  C CD2 . PHE A 1 88 ? 30.157  8.123   4.222   1.00 29.84 ? 574 PHE A CD2 1 
ATOM   693  C CE1 . PHE A 1 88 ? 27.745  7.601   2.958   1.00 28.91 ? 574 PHE A CE1 1 
ATOM   694  C CE2 . PHE A 1 88 ? 29.025  7.843   4.976   1.00 31.01 ? 574 PHE A CE2 1 
ATOM   695  C CZ  . PHE A 1 88 ? 27.813  7.582   4.342   1.00 28.89 ? 574 PHE A CZ  1 
ATOM   696  O OXT . PHE A 1 88 ? 32.435  9.530   -0.815  1.00 21.93 ? 574 PHE A OXT 1 
ATOM   697  N N   . ARG B 1 1  ? -2.885  -1.168  11.113  1.00 33.97 ? 487 ARG B N   1 
ATOM   698  C CA  . ARG B 1 1  ? -3.612  -2.206  11.905  1.00 31.94 ? 487 ARG B CA  1 
ATOM   699  C C   . ARG B 1 1  ? -4.254  -3.224  10.981  1.00 31.64 ? 487 ARG B C   1 
ATOM   700  O O   . ARG B 1 1  ? -4.741  -2.859  9.906   1.00 31.80 ? 487 ARG B O   1 
ATOM   701  N N   . SER B 1 2  ? -4.275  -4.490  11.388  1.00 30.08 ? 488 SER B N   1 
ATOM   702  C CA  . SER B 1 2  ? -4.857  -5.522  10.539  1.00 28.95 ? 488 SER B CA  1 
ATOM   703  C C   . SER B 1 2  ? -6.375  -5.472  10.454  1.00 27.43 ? 488 SER B C   1 
ATOM   704  O O   . SER B 1 2  ? -7.056  -4.927  11.332  1.00 26.62 ? 488 SER B O   1 
ATOM   705  C CB  . SER B 1 2  ? -4.422  -6.916  10.995  1.00 29.92 ? 488 SER B CB  1 
ATOM   706  O OG  . SER B 1 2  ? -5.055  -7.293  12.200  1.00 34.75 ? 488 SER B OG  1 
ATOM   707  N N   . ARG B 1 3  ? -6.896  -6.069  9.386   1.00 24.27 ? 489 ARG B N   1 
ATOM   708  C CA  . ARG B 1 3  ? -8.322  -6.096  9.137   1.00 23.82 ? 489 ARG B CA  1 
ATOM   709  C C   . ARG B 1 3  ? -8.723  -7.506  8.729   1.00 22.46 ? 489 ARG B C   1 
ATOM   710  O O   . ARG B 1 3  ? -7.918  -8.252  8.160   1.00 20.29 ? 489 ARG B O   1 
ATOM   711  C CB  . ARG B 1 3  ? -8.646  -5.117  8.017   1.00 25.21 ? 489 ARG B CB  1 
ATOM   712  C CG  . ARG B 1 3  ? -8.034  -3.747  8.273   1.00 29.94 ? 489 ARG B CG  1 
ATOM   713  C CD  . ARG B 1 3  ? -7.930  -2.932  7.006   1.00 33.19 ? 489 ARG B CD  1 
ATOM   714  N NE  . ARG B 1 3  ? -7.126  -1.730  7.220   1.00 36.80 ? 489 ARG B NE  1 
ATOM   715  C CZ  . ARG B 1 3  ? -6.861  -0.832  6.277   1.00 37.43 ? 489 ARG B CZ  1 
ATOM   716  N NH1 . ARG B 1 3  ? -7.339  -0.998  5.051   1.00 38.01 ? 489 ARG B NH1 1 
ATOM   717  N NH2 . ARG B 1 3  ? -6.115  0.227   6.558   1.00 38.11 ? 489 ARG B NH2 1 
ATOM   718  N N   . LEU B 1 4  ? -9.965  -7.862  9.030   1.00 21.29 ? 490 LEU B N   1 
ATOM   719  C CA  . LEU B 1 4  ? -10.496 -9.174  8.697   1.00 19.88 ? 490 LEU B CA  1 
ATOM   720  C C   . LEU B 1 4  ? -11.588 -8.910  7.666   1.00 19.08 ? 490 LEU B C   1 
ATOM   721  O O   . LEU B 1 4  ? -12.726 -8.578  8.001   1.00 19.48 ? 490 LEU B O   1 
ATOM   722  C CB  . LEU B 1 4  ? -11.064 -9.848  9.947   1.00 20.77 ? 490 LEU B CB  1 
ATOM   723  C CG  . LEU B 1 4  ? -10.990 -11.376 9.931   1.00 23.83 ? 490 LEU B CG  1 
ATOM   724  C CD1 . LEU B 1 4  ? -9.524  -11.781 9.801   1.00 23.53 ? 490 LEU B CD1 1 
ATOM   725  C CD2 . LEU B 1 4  ? -11.585 -11.962 11.204  1.00 24.93 ? 490 LEU B CD2 1 
ATOM   726  N N   . VAL B 1 5  ? -11.212 -9.056  6.403   1.00 17.46 ? 491 VAL B N   1 
ATOM   727  C CA  . VAL B 1 5  ? -12.084 -8.810  5.265   1.00 16.03 ? 491 VAL B CA  1 
ATOM   728  C C   . VAL B 1 5  ? -12.820 -10.053 4.765   1.00 16.02 ? 491 VAL B C   1 
ATOM   729  O O   . VAL B 1 5  ? -12.198 -11.003 4.311   1.00 15.31 ? 491 VAL B O   1 
ATOM   730  C CB  . VAL B 1 5  ? -11.264 -8.223  4.092   1.00 14.43 ? 491 VAL B CB  1 
ATOM   731  C CG1 . VAL B 1 5  ? -12.162 -7.934  2.908   1.00 15.81 ? 491 VAL B CG1 1 
ATOM   732  C CG2 . VAL B 1 5  ? -10.549 -6.957  4.556   1.00 16.08 ? 491 VAL B CG2 1 
ATOM   733  N N   . GLN B 1 6  ? -14.146 -10.019 4.833   1.00 15.05 ? 492 GLN B N   1 
ATOM   734  C CA  . GLN B 1 6  ? -14.966 -11.134 4.375   1.00 15.63 ? 492 GLN B CA  1 
ATOM   735  C C   . GLN B 1 6  ? -15.666 -10.796 3.070   1.00 16.42 ? 492 GLN B C   1 
ATOM   736  O O   . GLN B 1 6  ? -15.954 -9.631  2.784   1.00 16.38 ? 492 GLN B O   1 
ATOM   737  C CB  . GLN B 1 6  ? -16.030 -11.496 5.425   1.00 17.03 ? 492 GLN B CB  1 
ATOM   738  C CG  . GLN B 1 6  ? -16.978 -12.650 5.043   1.00 17.30 ? 492 GLN B CG  1 
ATOM   739  C CD  . GLN B 1 6  ? -18.098 -12.262 4.069   1.00 17.74 ? 492 GLN B CD  1 
ATOM   740  O OE1 . GLN B 1 6  ? -18.837 -13.126 3.590   1.00 19.04 ? 492 GLN B OE1 1 
ATOM   741  N NE2 . GLN B 1 6  ? -18.240 -10.970 3.794   1.00 18.49 ? 492 GLN B NE2 1 
ATOM   742  N N   . PHE B 1 7  ? -15.926 -11.825 2.277   1.00 14.58 ? 493 PHE B N   1 
ATOM   743  C CA  . PHE B 1 7  ? -16.641 -11.649 1.030   1.00 16.53 ? 493 PHE B CA  1 
ATOM   744  C C   . PHE B 1 7  ? -17.137 -13.016 0.593   1.00 17.97 ? 493 PHE B C   1 
ATOM   745  O O   . PHE B 1 7  ? -16.592 -14.046 1.001   1.00 18.45 ? 493 PHE B O   1 
ATOM   746  C CB  . PHE B 1 7  ? -15.760 -10.958 -0.037  1.00 15.08 ? 493 PHE B CB  1 
ATOM   747  C CG  . PHE B 1 7  ? -14.585 -11.772 -0.522  1.00 14.60 ? 493 PHE B CG  1 
ATOM   748  C CD1 . PHE B 1 7  ? -14.734 -12.709 -1.537  1.00 15.87 ? 493 PHE B CD1 1 
ATOM   749  C CD2 . PHE B 1 7  ? -13.316 -11.561 0.010   1.00 14.77 ? 493 PHE B CD2 1 
ATOM   750  C CE1 . PHE B 1 7  ? -13.633 -13.418 -2.024  1.00 14.57 ? 493 PHE B CE1 1 
ATOM   751  C CE2 . PHE B 1 7  ? -12.212 -12.260 -0.465  1.00 15.27 ? 493 PHE B CE2 1 
ATOM   752  C CZ  . PHE B 1 7  ? -12.375 -13.195 -1.488  1.00 15.17 ? 493 PHE B CZ  1 
ATOM   753  N N   . GLN B 1 8  ? -18.211 -13.021 -0.184  1.00 19.42 ? 494 GLN B N   1 
ATOM   754  C CA  . GLN B 1 8  ? -18.803 -14.256 -0.672  1.00 20.18 ? 494 GLN B CA  1 
ATOM   755  C C   . GLN B 1 8  ? -18.330 -14.576 -2.075  1.00 19.51 ? 494 GLN B C   1 
ATOM   756  O O   . GLN B 1 8  ? -18.327 -13.715 -2.951  1.00 20.38 ? 494 GLN B O   1 
ATOM   757  C CB  . GLN B 1 8  ? -20.335 -14.151 -0.687  1.00 21.61 ? 494 GLN B CB  1 
ATOM   758  C CG  . GLN B 1 8  ? -21.032 -14.346 0.654   1.00 24.22 ? 494 GLN B CG  1 
ATOM   759  C CD  . GLN B 1 8  ? -20.951 -15.777 1.165   1.00 23.17 ? 494 GLN B CD  1 
ATOM   760  O OE1 . GLN B 1 8  ? -21.327 -16.725 0.468   1.00 25.18 ? 494 GLN B OE1 1 
ATOM   761  N NE2 . GLN B 1 8  ? -20.478 -15.939 2.389   1.00 25.71 ? 494 GLN B NE2 1 
ATOM   762  N N   . LYS B 1 9  ? -17.918 -15.816 -2.287  1.00 18.93 ? 495 LYS B N   1 
ATOM   763  C CA  . LYS B 1 9  ? -17.495 -16.240 -3.615  1.00 20.50 ? 495 LYS B CA  1 
ATOM   764  C C   . LYS B 1 9  ? -18.186 -17.572 -3.853  1.00 19.84 ? 495 LYS B C   1 
ATOM   765  O O   . LYS B 1 9  ? -17.711 -18.609 -3.410  1.00 19.85 ? 495 LYS B O   1 
ATOM   766  C CB  . LYS B 1 9  ? -15.979 -16.420 -3.707  1.00 21.20 ? 495 LYS B CB  1 
ATOM   767  C CG  . LYS B 1 9  ? -15.510 -16.525 -5.156  1.00 22.78 ? 495 LYS B CG  1 
ATOM   768  C CD  . LYS B 1 9  ? -14.020 -16.776 -5.300  1.00 25.60 ? 495 LYS B CD  1 
ATOM   769  C CE  . LYS B 1 9  ? -13.582 -16.569 -6.754  1.00 27.65 ? 495 LYS B CE  1 
ATOM   770  N NZ  . LYS B 1 9  ? -14.408 -17.310 -7.748  1.00 25.20 ? 495 LYS B NZ  1 
ATOM   771  N N   . ASN B 1 10 ? -19.316 -17.527 -4.547  1.00 20.25 ? 496 ASN B N   1 
ATOM   772  C CA  . ASN B 1 10 ? -20.106 -18.723 -4.825  1.00 20.52 ? 496 ASN B CA  1 
ATOM   773  C C   . ASN B 1 10 ? -19.935 -19.288 -6.220  1.00 21.85 ? 496 ASN B C   1 
ATOM   774  O O   . ASN B 1 10 ? -20.412 -20.392 -6.502  1.00 20.72 ? 496 ASN B O   1 
ATOM   775  C CB  . ASN B 1 10 ? -21.586 -18.412 -4.624  1.00 21.81 ? 496 ASN B CB  1 
ATOM   776  C CG  . ASN B 1 10 ? -21.906 -17.983 -3.213  1.00 22.05 ? 496 ASN B CG  1 
ATOM   777  O OD1 . ASN B 1 10 ? -22.778 -17.143 -3.002  1.00 25.99 ? 496 ASN B OD1 1 
ATOM   778  N ND2 . ASN B 1 10 ? -21.230 -18.576 -2.236  1.00 20.65 ? 496 ASN B ND2 1 
ATOM   779  N N   . THR B 1 11 ? -19.261 -18.549 -7.100  1.00 20.92 ? 497 THR B N   1 
ATOM   780  C CA  . THR B 1 11 ? -19.095 -19.017 -8.472  1.00 21.19 ? 497 THR B CA  1 
ATOM   781  C C   . THR B 1 11 ? -17.652 -19.077 -8.920  1.00 21.22 ? 497 THR B C   1 
ATOM   782  O O   . THR B 1 11 ? -16.727 -18.884 -8.132  1.00 20.23 ? 497 THR B O   1 
ATOM   783  C CB  . THR B 1 11 ? -19.822 -18.099 -9.466  1.00 21.01 ? 497 THR B CB  1 
ATOM   784  O OG1 . THR B 1 11 ? -19.179 -16.817 -9.480  1.00 22.28 ? 497 THR B OG1 1 
ATOM   785  C CG2 . THR B 1 11 ? -21.271 -17.919 -9.056  1.00 22.12 ? 497 THR B CG2 1 
ATOM   786  N N   . ASP B 1 12 ? -17.473 -19.336 -10.209 1.00 19.21 ? 498 ASP B N   1 
ATOM   787  C CA  . ASP B 1 12 ? -16.143 -19.410 -10.767 1.00 19.87 ? 498 ASP B CA  1 
ATOM   788  C C   . ASP B 1 12 ? -15.705 -18.035 -11.276 1.00 16.77 ? 498 ASP B C   1 
ATOM   789  O O   . ASP B 1 12 ? -14.716 -17.918 -11.985 1.00 17.57 ? 498 ASP B O   1 
ATOM   790  C CB  . ASP B 1 12 ? -16.105 -20.420 -11.912 1.00 22.97 ? 498 ASP B CB  1 
ATOM   791  C CG  . ASP B 1 12 ? -14.690 -20.752 -12.329 1.00 27.35 ? 498 ASP B CG  1 
ATOM   792  O OD1 . ASP B 1 12 ? -13.942 -21.288 -11.478 1.00 29.36 ? 498 ASP B OD1 1 
ATOM   793  O OD2 . ASP B 1 12 ? -14.324 -20.475 -13.495 1.00 30.39 ? 498 ASP B OD2 1 
ATOM   794  N N   . GLU B 1 13 ? -16.447 -17.001 -10.906 1.00 16.21 ? 499 GLU B N   1 
ATOM   795  C CA  . GLU B 1 13 ? -16.120 -15.635 -11.324 1.00 14.61 ? 499 GLU B CA  1 
ATOM   796  C C   . GLU B 1 13 ? -14.718 -15.236 -10.881 1.00 13.96 ? 499 GLU B C   1 
ATOM   797  O O   . GLU B 1 13 ? -14.343 -15.412 -9.719  1.00 13.71 ? 499 GLU B O   1 
ATOM   798  C CB  . GLU B 1 13 ? -17.129 -14.631 -10.743 1.00 13.13 ? 499 GLU B CB  1 
ATOM   799  C CG  . GLU B 1 13 ? -16.696 -13.156 -10.903 1.00 15.01 ? 499 GLU B CG  1 
ATOM   800  C CD  . GLU B 1 13 ? -17.751 -12.159 -10.426 1.00 15.85 ? 499 GLU B CD  1 
ATOM   801  O OE1 . GLU B 1 13 ? -18.406 -12.431 -9.408  1.00 16.34 ? 499 GLU B OE1 1 
ATOM   802  O OE2 . GLU B 1 13 ? -17.903 -11.092 -11.053 1.00 15.12 ? 499 GLU B OE2 1 
ATOM   803  N N   . PRO B 1 14 ? -13.912 -14.701 -11.806 1.00 13.81 ? 500 PRO B N   1 
ATOM   804  C CA  . PRO B 1 14 ? -12.568 -14.308 -11.387 1.00 13.71 ? 500 PRO B CA  1 
ATOM   805  C C   . PRO B 1 14 ? -12.637 -13.220 -10.312 1.00 12.56 ? 500 PRO B C   1 
ATOM   806  O O   . PRO B 1 14 ? -13.592 -12.432 -10.269 1.00 10.24 ? 500 PRO B O   1 
ATOM   807  C CB  . PRO B 1 14 ? -11.938 -13.821 -12.698 1.00 14.81 ? 500 PRO B CB  1 
ATOM   808  C CG  . PRO B 1 14 ? -13.134 -13.303 -13.467 1.00 17.46 ? 500 PRO B CG  1 
ATOM   809  C CD  . PRO B 1 14 ? -14.089 -14.459 -13.248 1.00 13.94 ? 500 PRO B CD  1 
ATOM   810  N N   . MET B 1 15 ? -11.654 -13.193 -9.418  1.00 10.21 ? 501 MET B N   1 
ATOM   811  C CA  . MET B 1 15 ? -11.645 -12.161 -8.382  1.00 12.04 ? 501 MET B CA  1 
ATOM   812  C C   . MET B 1 15 ? -11.261 -10.814 -9.000  1.00 11.98 ? 501 MET B C   1 
ATOM   813  O O   . MET B 1 15 ? -11.588 -9.754  -8.465  1.00 12.10 ? 501 MET B O   1 
ATOM   814  C CB  . MET B 1 15 ? -10.652 -12.514 -7.274  1.00 12.97 ? 501 MET B CB  1 
ATOM   815  C CG  . MET B 1 15 ? -11.060 -13.725 -6.453  1.00 15.56 ? 501 MET B CG  1 
ATOM   816  S SD  . MET B 1 15 ? -9.890  -14.125 -5.141  1.00 21.58 ? 501 MET B SD  1 
ATOM   817  C CE  . MET B 1 15 ? -9.847  -12.617 -4.208  1.00 21.88 ? 501 MET B CE  1 
ATOM   818  N N   . GLY B 1 16 ? -10.558 -10.865 -10.125 1.00 13.69 ? 502 GLY B N   1 
ATOM   819  C CA  . GLY B 1 16 ? -10.150 -9.636  -10.785 1.00 13.74 ? 502 GLY B CA  1 
ATOM   820  C C   . GLY B 1 16 ? -9.068  -8.898  -10.020 1.00 14.17 ? 502 GLY B C   1 
ATOM   821  O O   . GLY B 1 16 ? -9.155  -7.688  -9.810  1.00 14.61 ? 502 GLY B O   1 
ATOM   822  N N   . ILE B 1 17 ? -8.061  -9.643  -9.578  1.00 14.82 ? 503 ILE B N   1 
ATOM   823  C CA  . ILE B 1 17 ? -6.937  -9.074  -8.841  1.00 15.43 ? 503 ILE B CA  1 
ATOM   824  C C   . ILE B 1 17 ? -5.671  -9.789  -9.275  1.00 15.12 ? 503 ILE B C   1 
ATOM   825  O O   . ILE B 1 17 ? -5.721  -10.878 -9.852  1.00 14.13 ? 503 ILE B O   1 
ATOM   826  C CB  . ILE B 1 17 ? -7.063  -9.281  -7.316  1.00 15.53 ? 503 ILE B CB  1 
ATOM   827  C CG1 . ILE B 1 17 ? -7.045  -10.777 -6.994  1.00 15.28 ? 503 ILE B CG1 1 
ATOM   828  C CG2 . ILE B 1 17 ? -8.323  -8.632  -6.805  1.00 16.10 ? 503 ILE B CG2 1 
ATOM   829  C CD1 . ILE B 1 17 ? -7.082  -11.091 -5.513  1.00 17.42 ? 503 ILE B CD1 1 
ATOM   830  N N   . THR B 1 18 ? -4.536  -9.166  -8.996  1.00 16.26 ? 504 THR B N   1 
ATOM   831  C CA  . THR B 1 18 ? -3.244  -9.736  -9.319  1.00 15.96 ? 504 THR B CA  1 
ATOM   832  C C   . THR B 1 18 ? -2.478  -9.730  -8.007  1.00 16.08 ? 504 THR B C   1 
ATOM   833  O O   . THR B 1 18 ? -2.401  -8.697  -7.338  1.00 15.47 ? 504 THR B O   1 
ATOM   834  C CB  . THR B 1 18 ? -2.485  -8.867  -10.338 1.00 16.90 ? 504 THR B CB  1 
ATOM   835  O OG1 . THR B 1 18 ? -3.290  -8.686  -11.513 1.00 18.50 ? 504 THR B OG1 1 
ATOM   836  C CG2 . THR B 1 18 ? -1.174  -9.536  -10.728 1.00 17.09 ? 504 THR B CG2 1 
ATOM   837  N N   . LEU B 1 19 ? -1.931  -10.875 -7.623  1.00 15.40 ? 505 LEU B N   1 
ATOM   838  C CA  . LEU B 1 19 ? -1.171  -10.952 -6.381  1.00 16.38 ? 505 LEU B CA  1 
ATOM   839  C C   . LEU B 1 19 ? 0.306   -11.201 -6.665  1.00 18.71 ? 505 LEU B C   1 
ATOM   840  O O   . LEU B 1 19 ? 0.646   -11.908 -7.611  1.00 16.37 ? 505 LEU B O   1 
ATOM   841  C CB  . LEU B 1 19 ? -1.704  -12.083 -5.493  1.00 16.40 ? 505 LEU B CB  1 
ATOM   842  C CG  . LEU B 1 19 ? -3.165  -12.030 -5.031  1.00 15.62 ? 505 LEU B CG  1 
ATOM   843  C CD1 . LEU B 1 19 ? -3.463  -13.251 -4.167  1.00 16.32 ? 505 LEU B CD1 1 
ATOM   844  C CD2 . LEU B 1 19 ? -3.418  -10.744 -4.245  1.00 13.32 ? 505 LEU B CD2 1 
ATOM   845  N N   . LYS B 1 20 ? 1.173   -10.597 -5.852  1.00 20.81 ? 506 LYS B N   1 
ATOM   846  C CA  . LYS B 1 20 ? 2.617   -10.792 -5.978  1.00 24.18 ? 506 LYS B CA  1 
ATOM   847  C C   . LYS B 1 20 ? 2.943   -11.805 -4.890  1.00 26.46 ? 506 LYS B C   1 
ATOM   848  O O   . LYS B 1 20 ? 2.913   -11.476 -3.696  1.00 25.61 ? 506 LYS B O   1 
ATOM   849  C CB  . LYS B 1 20 ? 3.404   -9.518  -5.670  1.00 26.58 ? 506 LYS B CB  1 
ATOM   850  C CG  . LYS B 1 20 ? 3.115   -8.311  -6.520  1.00 28.07 ? 506 LYS B CG  1 
ATOM   851  C CD  . LYS B 1 20 ? 4.036   -7.180  -6.072  1.00 30.44 ? 506 LYS B CD  1 
ATOM   852  C CE  . LYS B 1 20 ? 3.765   -5.875  -6.793  1.00 32.24 ? 506 LYS B CE  1 
ATOM   853  N NZ  . LYS B 1 20 ? 4.668   -4.790  -6.305  1.00 30.47 ? 506 LYS B NZ  1 
ATOM   854  N N   . MET B 1 21 ? 3.253   -13.027 -5.304  1.00 28.65 ? 507 MET B N   1 
ATOM   855  C CA  . MET B 1 21 ? 3.558   -14.117 -4.384  1.00 30.62 ? 507 MET B CA  1 
ATOM   856  C C   . MET B 1 21 ? 4.965   -14.660 -4.616  1.00 31.74 ? 507 MET B C   1 
ATOM   857  O O   . MET B 1 21 ? 5.136   -15.451 -5.570  1.00 32.97 ? 507 MET B O   1 
ATOM   858  C CB  . MET B 1 21 ? 2.527   -15.234 -4.562  1.00 32.52 ? 507 MET B CB  1 
ATOM   859  C CG  . MET B 1 21 ? 1.078   -14.777 -4.367  1.00 33.62 ? 507 MET B CG  1 
ATOM   860  S SD  . MET B 1 21 ? -0.160  -16.065 -4.698  1.00 35.04 ? 507 MET B SD  1 
ATOM   861  C CE  . MET B 1 21 ? 0.246   -17.273 -3.458  1.00 34.81 ? 507 MET B CE  1 
ATOM   862  N N   . LEU B 1 24 ? 9.886   -10.457 -0.373  1.00 41.66 ? 510 LEU B N   1 
ATOM   863  C CA  . LEU B 1 24 ? 10.236  -11.141 0.903   1.00 40.54 ? 510 LEU B CA  1 
ATOM   864  C C   . LEU B 1 24 ? 9.160   -12.167 1.265   1.00 39.74 ? 510 LEU B C   1 
ATOM   865  O O   . LEU B 1 24 ? 8.832   -12.359 2.433   1.00 39.96 ? 510 LEU B O   1 
ATOM   866  C CB  . LEU B 1 24 ? 10.386  -10.107 2.026   1.00 41.05 ? 510 LEU B CB  1 
ATOM   867  C CG  . LEU B 1 24 ? 10.938  -10.633 3.356   1.00 41.73 ? 510 LEU B CG  1 
ATOM   868  C CD1 . LEU B 1 24 ? 12.308  -11.249 3.121   1.00 43.12 ? 510 LEU B CD1 1 
ATOM   869  C CD2 . LEU B 1 24 ? 11.026  -9.502  4.374   1.00 42.35 ? 510 LEU B CD2 1 
ATOM   870  N N   . ASN B 1 25 ? 8.612   -12.813 0.239   1.00 38.64 ? 511 ASN B N   1 
ATOM   871  C CA  . ASN B 1 25 ? 7.584   -13.837 0.395   1.00 37.37 ? 511 ASN B CA  1 
ATOM   872  C C   . ASN B 1 25 ? 6.223   -13.332 0.876   1.00 36.39 ? 511 ASN B C   1 
ATOM   873  O O   . ASN B 1 25 ? 5.297   -14.127 1.067   1.00 36.69 ? 511 ASN B O   1 
ATOM   874  C CB  . ASN B 1 25 ? 8.078   -14.932 1.343   1.00 39.04 ? 511 ASN B CB  1 
ATOM   875  C CG  . ASN B 1 25 ? 9.384   -15.552 0.890   1.00 39.21 ? 511 ASN B CG  1 
ATOM   876  O OD1 . ASN B 1 25 ? 9.478   -16.109 -0.205  1.00 41.13 ? 511 ASN B OD1 1 
ATOM   877  N ND2 . ASN B 1 25 ? 10.405  -15.458 1.732   1.00 40.84 ? 511 ASN B ND2 1 
ATOM   878  N N   . HIS B 1 26 ? 6.092   -12.024 1.074   1.00 33.94 ? 512 HIS B N   1 
ATOM   879  C CA  . HIS B 1 26 ? 4.824   -11.453 1.529   1.00 33.09 ? 512 HIS B CA  1 
ATOM   880  C C   . HIS B 1 26 ? 3.820   -11.425 0.378   1.00 31.71 ? 512 HIS B C   1 
ATOM   881  O O   . HIS B 1 26 ? 4.115   -10.887 -0.694  1.00 31.83 ? 512 HIS B O   1 
ATOM   882  C CB  . HIS B 1 26 ? 5.046   -10.031 2.056   1.00 33.41 ? 512 HIS B CB  1 
ATOM   883  C CG  . HIS B 1 26 ? 5.942   -9.962  3.255   1.00 34.41 ? 512 HIS B CG  1 
ATOM   884  N ND1 . HIS B 1 26 ? 5.592   -10.488 4.480   1.00 36.04 ? 512 HIS B ND1 1 
ATOM   885  C CD2 . HIS B 1 26 ? 7.182   -9.439  3.414   1.00 35.05 ? 512 HIS B CD2 1 
ATOM   886  C CE1 . HIS B 1 26 ? 6.576   -10.294 5.341   1.00 36.04 ? 512 HIS B CE1 1 
ATOM   887  N NE2 . HIS B 1 26 ? 7.554   -9.659  4.716   1.00 34.31 ? 512 HIS B NE2 1 
ATOM   888  N N   . CYS B 1 27 ? 2.640   -12.005 0.590   1.00 29.24 ? 513 CYS B N   1 
ATOM   889  C CA  . CYS B 1 27 ? 1.617   -12.014 -0.452  1.00 26.86 ? 513 CYS B CA  1 
ATOM   890  C C   . CYS B 1 27 ? 0.925   -10.662 -0.478  1.00 25.07 ? 513 CYS B C   1 
ATOM   891  O O   . CYS B 1 27 ? 0.109   -10.336 0.384   1.00 23.27 ? 513 CYS B O   1 
ATOM   892  C CB  . CYS B 1 27 ? 0.591   -13.113 -0.218  1.00 26.90 ? 513 CYS B CB  1 
ATOM   893  S SG  . CYS B 1 27 ? -0.617  -13.188 -1.554  1.00 30.68 ? 513 CYS B SG  1 
ATOM   894  N N   . ILE B 1 28 ? 1.261   -9.890  -1.500  1.00 22.53 ? 514 ILE B N   1 
ATOM   895  C CA  . ILE B 1 28 ? 0.768   -8.538  -1.677  1.00 20.92 ? 514 ILE B CA  1 
ATOM   896  C C   . ILE B 1 28 ? -0.220  -8.377  -2.826  1.00 17.28 ? 514 ILE B C   1 
ATOM   897  O O   . ILE B 1 28 ? -0.079  -8.996  -3.869  1.00 15.99 ? 514 ILE B O   1 
ATOM   898  C CB  . ILE B 1 28 ? 1.967   -7.613  -1.925  1.00 20.76 ? 514 ILE B CB  1 
ATOM   899  C CG1 . ILE B 1 28 ? 3.007   -7.844  -0.820  1.00 24.13 ? 514 ILE B CG1 1 
ATOM   900  C CG2 . ILE B 1 28 ? 1.525   -6.163  -1.966  1.00 21.97 ? 514 ILE B CG2 1 
ATOM   901  C CD1 . ILE B 1 28 ? 4.339   -7.183  -1.075  1.00 24.54 ? 514 ILE B CD1 1 
ATOM   902  N N   . VAL B 1 29 ? -1.236  -7.545  -2.620  1.00 15.88 ? 515 VAL B N   1 
ATOM   903  C CA  . VAL B 1 29 ? -2.203  -7.283  -3.676  1.00 15.25 ? 515 VAL B CA  1 
ATOM   904  C C   . VAL B 1 29 ? -1.489  -6.256  -4.561  1.00 16.51 ? 515 VAL B C   1 
ATOM   905  O O   . VAL B 1 29 ? -1.262  -5.121  -4.143  1.00 15.49 ? 515 VAL B O   1 
ATOM   906  C CB  . VAL B 1 29 ? -3.511  -6.689  -3.108  1.00 15.82 ? 515 VAL B CB  1 
ATOM   907  C CG1 . VAL B 1 29 ? -4.497  -6.389  -4.236  1.00 14.69 ? 515 VAL B CG1 1 
ATOM   908  C CG2 . VAL B 1 29 ? -4.131  -7.683  -2.126  1.00 13.57 ? 515 VAL B CG2 1 
ATOM   909  N N   . ALA B 1 30 ? -1.099  -6.678  -5.762  1.00 15.09 ? 516 ALA B N   1 
ATOM   910  C CA  . ALA B 1 30 ? -0.382  -5.802  -6.689  1.00 16.42 ? 516 ALA B CA  1 
ATOM   911  C C   . ALA B 1 30 ? -1.304  -4.983  -7.581  1.00 16.61 ? 516 ALA B C   1 
ATOM   912  O O   . ALA B 1 30 ? -1.000  -3.838  -7.922  1.00 16.23 ? 516 ALA B O   1 
ATOM   913  C CB  . ALA B 1 30 ? 0.572   -6.628  -7.552  1.00 14.80 ? 516 ALA B CB  1 
ATOM   914  N N   . ARG B 1 31 ? -2.436  -5.564  -7.967  1.00 16.90 ? 517 ARG B N   1 
ATOM   915  C CA  . ARG B 1 31 ? -3.369  -4.851  -8.827  1.00 17.94 ? 517 ARG B CA  1 
ATOM   916  C C   . ARG B 1 31 ? -4.806  -5.294  -8.557  1.00 17.87 ? 517 ARG B C   1 
ATOM   917  O O   . ARG B 1 31 ? -5.058  -6.455  -8.233  1.00 16.48 ? 517 ARG B O   1 
ATOM   918  C CB  . ARG B 1 31 ? -3.016  -5.122  -10.303 1.00 21.25 ? 517 ARG B CB  1 
ATOM   919  C CG  . ARG B 1 31 ? -1.554  -4.843  -10.670 1.00 23.96 ? 517 ARG B CG  1 
ATOM   920  C CD  . ARG B 1 31 ? -1.189  -5.426  -12.042 1.00 29.12 ? 517 ARG B CD  1 
ATOM   921  N NE  . ARG B 1 31 ? 0.243   -5.318  -12.324 1.00 31.56 ? 517 ARG B NE  1 
ATOM   922  C CZ  . ARG B 1 31 ? 0.838   -5.828  -13.401 1.00 33.34 ? 517 ARG B CZ  1 
ATOM   923  N NH1 . ARG B 1 31 ? 0.128   -6.480  -14.314 1.00 34.28 ? 517 ARG B NH1 1 
ATOM   924  N NH2 . ARG B 1 31 ? 2.146   -5.680  -13.569 1.00 34.09 ? 517 ARG B NH2 1 
ATOM   925  N N   . ILE B 1 32 ? -5.741  -4.360  -8.685  1.00 17.02 ? 518 ILE B N   1 
ATOM   926  C CA  . ILE B 1 32 ? -7.159  -4.652  -8.514  1.00 17.06 ? 518 ILE B CA  1 
ATOM   927  C C   . ILE B 1 32 ? -7.862  -4.062  -9.733  1.00 18.58 ? 518 ILE B C   1 
ATOM   928  O O   . ILE B 1 32 ? -7.904  -2.841  -9.903  1.00 16.79 ? 518 ILE B O   1 
ATOM   929  C CB  . ILE B 1 32 ? -7.755  -4.009  -7.236  1.00 17.17 ? 518 ILE B CB  1 
ATOM   930  C CG1 . ILE B 1 32 ? -7.111  -4.624  -5.978  1.00 17.21 ? 518 ILE B CG1 1 
ATOM   931  C CG2 . ILE B 1 32 ? -9.275  -4.211  -7.224  1.00 16.60 ? 518 ILE B CG2 1 
ATOM   932  C CD1 . ILE B 1 32 ? -7.653  -4.072  -4.650  1.00 17.58 ? 518 ILE B CD1 1 
ATOM   933  N N   . MET B 1 33 ? -8.413  -4.930  -10.578 1.00 17.74 ? 519 MET B N   1 
ATOM   934  C CA  . MET B 1 33 ? -9.094  -4.486  -11.794 1.00 18.30 ? 519 MET B CA  1 
ATOM   935  C C   . MET B 1 33 ? -10.388 -3.734  -11.463 1.00 19.11 ? 519 MET B C   1 
ATOM   936  O O   . MET B 1 33 ? -11.306 -4.295  -10.868 1.00 15.92 ? 519 MET B O   1 
ATOM   937  C CB  . MET B 1 33 ? -9.389  -5.710  -12.680 1.00 19.62 ? 519 MET B CB  1 
ATOM   938  C CG  . MET B 1 33 ? -8.138  -6.556  -12.961 1.00 22.58 ? 519 MET B CG  1 
ATOM   939  S SD  . MET B 1 33 ? -8.353  -8.061  -13.963 1.00 29.90 ? 519 MET B SD  1 
ATOM   940  C CE  . MET B 1 33 ? -8.857  -7.379  -15.545 1.00 28.69 ? 519 MET B CE  1 
ATOM   941  N N   . HIS B 1 34 ? -10.463 -2.460  -11.838 1.00 20.12 ? 520 HIS B N   1 
ATOM   942  C CA  . HIS B 1 34 ? -11.666 -1.675  -11.572 1.00 21.35 ? 520 HIS B CA  1 
ATOM   943  C C   . HIS B 1 34 ? -12.860 -2.361  -12.212 1.00 21.28 ? 520 HIS B C   1 
ATOM   944  O O   . HIS B 1 34 ? -12.778 -2.838  -13.350 1.00 21.19 ? 520 HIS B O   1 
ATOM   945  C CB  . HIS B 1 34 ? -11.498 -0.265  -12.129 1.00 26.18 ? 520 HIS B CB  1 
ATOM   946  C CG  . HIS B 1 34 ? -10.353 0.483   -11.519 1.00 30.06 ? 520 HIS B CG  1 
ATOM   947  N ND1 . HIS B 1 34 ? -9.847  1.651   -12.052 1.00 33.05 ? 520 HIS B ND1 1 
ATOM   948  C CD2 . HIS B 1 34 ? -9.660  0.264   -10.377 1.00 30.87 ? 520 HIS B CD2 1 
ATOM   949  C CE1 . HIS B 1 34 ? -8.892  2.116   -11.269 1.00 33.00 ? 520 HIS B CE1 1 
ATOM   950  N NE2 . HIS B 1 34 ? -8.758  1.294   -10.244 1.00 34.14 ? 520 HIS B NE2 1 
ATOM   951  N N   . GLY B 1 35 ? -13.956 -2.435  -11.460 1.00 19.34 ? 521 GLY B N   1 
ATOM   952  C CA  . GLY B 1 35 ? -15.159 -3.068  -11.960 1.00 18.84 ? 521 GLY B CA  1 
ATOM   953  C C   . GLY B 1 35 ? -15.242 -4.555  -11.677 1.00 17.52 ? 521 GLY B C   1 
ATOM   954  O O   . GLY B 1 35 ? -16.308 -5.147  -11.828 1.00 14.92 ? 521 GLY B O   1 
ATOM   955  N N   . GLY B 1 36 ? -14.120 -5.154  -11.274 1.00 17.75 ? 522 GLY B N   1 
ATOM   956  C CA  . GLY B 1 36 ? -14.095 -6.583  -10.983 1.00 16.85 ? 522 GLY B CA  1 
ATOM   957  C C   . GLY B 1 36 ? -14.698 -6.951  -9.640  1.00 17.17 ? 522 GLY B C   1 
ATOM   958  O O   . GLY B 1 36 ? -15.036 -6.065  -8.849  1.00 16.01 ? 522 GLY B O   1 
ATOM   959  N N   . MET B 1 37 ? -14.820 -8.253  -9.371  1.00 16.18 ? 523 MET B N   1 
ATOM   960  C CA  . MET B 1 37 ? -15.409 -8.720  -8.116  1.00 17.17 ? 523 MET B CA  1 
ATOM   961  C C   . MET B 1 37 ? -14.851 -8.079  -6.853  1.00 16.26 ? 523 MET B C   1 
ATOM   962  O O   . MET B 1 37 ? -15.610 -7.576  -6.025  1.00 17.01 ? 523 MET B O   1 
ATOM   963  C CB  . MET B 1 37 ? -15.264 -10.228 -7.947  1.00 19.65 ? 523 MET B CB  1 
ATOM   964  C CG  . MET B 1 37 ? -15.792 -10.677 -6.585  1.00 24.57 ? 523 MET B CG  1 
ATOM   965  S SD  . MET B 1 37 ? -15.148 -12.232 -5.985  1.00 30.31 ? 523 MET B SD  1 
ATOM   966  C CE  . MET B 1 37 ? -15.740 -13.355 -7.247  1.00 27.26 ? 523 MET B CE  1 
ATOM   967  N N   . ILE B 1 38 ? -13.532 -8.127  -6.687  1.00 14.70 ? 524 ILE B N   1 
ATOM   968  C CA  . ILE B 1 38 ? -12.911 -7.559  -5.503  1.00 15.33 ? 524 ILE B CA  1 
ATOM   969  C C   . ILE B 1 38 ? -13.095 -6.044  -5.415  1.00 16.45 ? 524 ILE B C   1 
ATOM   970  O O   . ILE B 1 38 ? -13.451 -5.523  -4.357  1.00 16.63 ? 524 ILE B O   1 
ATOM   971  C CB  . ILE B 1 38 ? -11.397 -7.909  -5.436  1.00 15.34 ? 524 ILE B CB  1 
ATOM   972  C CG1 . ILE B 1 38 ? -11.220 -9.409  -5.192  1.00 16.01 ? 524 ILE B CG1 1 
ATOM   973  C CG2 . ILE B 1 38 ? -10.718 -7.111  -4.324  1.00 14.66 ? 524 ILE B CG2 1 
ATOM   974  C CD1 . ILE B 1 38 ? -11.767 -9.887  -3.850  1.00 18.95 ? 524 ILE B CD1 1 
ATOM   975  N N   . HIS B 1 39 ? -12.858 -5.341  -6.518  1.00 15.83 ? 525 HIS B N   1 
ATOM   976  C CA  . HIS B 1 39 ? -12.998 -3.887  -6.539  1.00 18.35 ? 525 HIS B CA  1 
ATOM   977  C C   . HIS B 1 39 ? -14.408 -3.514  -6.080  1.00 18.98 ? 525 HIS B C   1 
ATOM   978  O O   . HIS B 1 39 ? -14.610 -2.540  -5.361  1.00 18.34 ? 525 HIS B O   1 
ATOM   979  C CB  . HIS B 1 39 ? -12.712 -3.363  -7.955  1.00 18.92 ? 525 HIS B CB  1 
ATOM   980  C CG  . HIS B 1 39 ? -12.793 -1.874  -8.092  1.00 20.20 ? 525 HIS B CG  1 
ATOM   981  N ND1 . HIS B 1 39 ? -13.958 -1.217  -8.430  1.00 21.11 ? 525 HIS B ND1 1 
ATOM   982  C CD2 . HIS B 1 39 ? -11.862 -0.912  -7.897  1.00 21.17 ? 525 HIS B CD2 1 
ATOM   983  C CE1 . HIS B 1 39 ? -13.736 0.085   -8.445  1.00 22.76 ? 525 HIS B CE1 1 
ATOM   984  N NE2 . HIS B 1 39 ? -12.473 0.298   -8.124  1.00 21.31 ? 525 HIS B NE2 1 
ATOM   985  N N   . ARG B 1 40 ? -15.363 -4.338  -6.490  1.00 18.24 ? 526 ARG B N   1 
ATOM   986  C CA  . ARG B 1 40 ? -16.778 -4.200  -6.173  1.00 19.84 ? 526 ARG B CA  1 
ATOM   987  C C   . ARG B 1 40 ? -17.027 -4.155  -4.667  1.00 19.13 ? 526 ARG B C   1 
ATOM   988  O O   . ARG B 1 40 ? -17.888 -3.413  -4.197  1.00 17.78 ? 526 ARG B O   1 
ATOM   989  C CB  . ARG B 1 40 ? -17.510 -5.392  -6.796  1.00 21.57 ? 526 ARG B CB  1 
ATOM   990  C CG  . ARG B 1 40 ? -19.004 -5.478  -6.621  1.00 26.26 ? 526 ARG B CG  1 
ATOM   991  C CD  . ARG B 1 40 ? -19.450 -6.742  -7.350  1.00 29.14 ? 526 ARG B CD  1 
ATOM   992  N NE  . ARG B 1 40 ? -18.915 -6.734  -8.711  1.00 27.14 ? 526 ARG B NE  1 
ATOM   993  C CZ  . ARG B 1 40 ? -18.753 -7.809  -9.474  1.00 26.81 ? 526 ARG B CZ  1 
ATOM   994  N NH1 . ARG B 1 40 ? -19.086 -9.009  -9.023  1.00 26.58 ? 526 ARG B NH1 1 
ATOM   995  N NH2 . ARG B 1 40 ? -18.241 -7.680  -10.690 1.00 26.01 ? 526 ARG B NH2 1 
ATOM   996  N N   . GLN B 1 41 ? -16.274 -4.957  -3.922  1.00 18.27 ? 527 GLN B N   1 
ATOM   997  C CA  . GLN B 1 41 ? -16.423 -5.007  -2.473  1.00 18.84 ? 527 GLN B CA  1 
ATOM   998  C C   . GLN B 1 41 ? -15.900 -3.719  -1.847  1.00 18.24 ? 527 GLN B C   1 
ATOM   999  O O   . GLN B 1 41 ? -16.413 -3.264  -0.821  1.00 19.66 ? 527 GLN B O   1 
ATOM   1000 C CB  . GLN B 1 41 ? -15.652 -6.194  -1.900  1.00 19.28 ? 527 GLN B CB  1 
ATOM   1001 C CG  . GLN B 1 41 ? -15.856 -7.532  -2.649  1.00 23.11 ? 527 GLN B CG  1 
ATOM   1002 C CD  . GLN B 1 41 ? -17.315 -7.878  -2.908  1.00 24.56 ? 527 GLN B CD  1 
ATOM   1003 O OE1 . GLN B 1 41 ? -18.121 -7.955  -1.988  1.00 23.93 ? 527 GLN B OE1 1 
ATOM   1004 N NE2 . GLN B 1 41 ? -17.647 -8.133  -4.184  1.00 24.89 ? 527 GLN B NE2 1 
ATOM   1005 N N   . GLY B 1 42 ? -14.869 -3.148  -2.468  1.00 16.97 ? 528 GLY B N   1 
ATOM   1006 C CA  . GLY B 1 42 ? -14.280 -1.902  -1.998  1.00 17.81 ? 528 GLY B CA  1 
ATOM   1007 C C   . GLY B 1 42 ? -13.599 -1.959  -0.638  1.00 18.54 ? 528 GLY B C   1 
ATOM   1008 O O   . GLY B 1 42 ? -13.409 -0.931  0.014   1.00 18.68 ? 528 GLY B O   1 
ATOM   1009 N N   . THR B 1 43 ? -13.208 -3.152  -0.211  1.00 16.21 ? 529 THR B N   1 
ATOM   1010 C CA  . THR B 1 43 ? -12.574 -3.313  1.087   1.00 16.75 ? 529 THR B CA  1 
ATOM   1011 C C   . THR B 1 43 ? -11.091 -3.636  0.993   1.00 17.23 ? 529 THR B C   1 
ATOM   1012 O O   . THR B 1 43 ? -10.370 -3.580  1.986   1.00 16.99 ? 529 THR B O   1 
ATOM   1013 C CB  . THR B 1 43 ? -13.260 -4.428  1.866   1.00 16.72 ? 529 THR B CB  1 
ATOM   1014 O OG1 . THR B 1 43 ? -13.224 -5.628  1.084   1.00 17.43 ? 529 THR B OG1 1 
ATOM   1015 C CG2 . THR B 1 43 ? -14.704 -4.059  2.147   1.00 18.18 ? 529 THR B CG2 1 
ATOM   1016 N N   . LEU B 1 44 ? -10.643 -3.976  -0.209  1.00 16.82 ? 530 LEU B N   1 
ATOM   1017 C CA  . LEU B 1 44 ? -9.246  -4.321  -0.425  1.00 18.65 ? 530 LEU B CA  1 
ATOM   1018 C C   . LEU B 1 44 ? -8.570  -3.240  -1.250  1.00 18.06 ? 530 LEU B C   1 
ATOM   1019 O O   . LEU B 1 44 ? -9.215  -2.602  -2.081  1.00 17.82 ? 530 LEU B O   1 
ATOM   1020 C CB  . LEU B 1 44 ? -9.154  -5.656  -1.154  1.00 19.25 ? 530 LEU B CB  1 
ATOM   1021 C CG  . LEU B 1 44 ? -8.407  -6.787  -0.454  1.00 23.25 ? 530 LEU B CG  1 
ATOM   1022 C CD1 . LEU B 1 44 ? -8.887  -6.950  0.979   1.00 22.54 ? 530 LEU B CD1 1 
ATOM   1023 C CD2 . LEU B 1 44 ? -8.619  -8.068  -1.246  1.00 22.57 ? 530 LEU B CD2 1 
ATOM   1024 N N   . HIS B 1 45 ? -7.277  -3.031  -1.006  1.00 16.98 ? 531 HIS B N   1 
ATOM   1025 C CA  . HIS B 1 45 ? -6.515  -2.026  -1.735  1.00 15.98 ? 531 HIS B CA  1 
ATOM   1026 C C   . HIS B 1 45 ? -5.152  -2.529  -2.177  1.00 14.83 ? 531 HIS B C   1 
ATOM   1027 O O   . HIS B 1 45 ? -4.561  -3.409  -1.555  1.00 11.53 ? 531 HIS B O   1 
ATOM   1028 C CB  . HIS B 1 45 ? -6.315  -0.764  -0.889  1.00 20.87 ? 531 HIS B CB  1 
ATOM   1029 C CG  . HIS B 1 45 ? -7.522  0.119   -0.810  1.00 25.57 ? 531 HIS B CG  1 
ATOM   1030 N ND1 . HIS B 1 45 ? -7.534  1.302   -0.104  1.00 26.95 ? 531 HIS B ND1 1 
ATOM   1031 C CD2 . HIS B 1 45 ? -8.754  0.004   -1.367  1.00 28.40 ? 531 HIS B CD2 1 
ATOM   1032 C CE1 . HIS B 1 45 ? -8.717  1.879   -0.226  1.00 28.55 ? 531 HIS B CE1 1 
ATOM   1033 N NE2 . HIS B 1 45 ? -9.477  1.109   -0.989  1.00 29.95 ? 531 HIS B NE2 1 
ATOM   1034 N N   . VAL B 1 46 ? -4.664  -1.950  -3.266  1.00 14.14 ? 532 VAL B N   1 
ATOM   1035 C CA  . VAL B 1 46 ? -3.355  -2.293  -3.790  1.00 14.50 ? 532 VAL B CA  1 
ATOM   1036 C C   . VAL B 1 46 ? -2.356  -2.037  -2.671  1.00 13.15 ? 532 VAL B C   1 
ATOM   1037 O O   . VAL B 1 46 ? -2.361  -0.975  -2.053  1.00 14.12 ? 532 VAL B O   1 
ATOM   1038 C CB  . VAL B 1 46 ? -3.020  -1.416  -5.025  1.00 15.00 ? 532 VAL B CB  1 
ATOM   1039 C CG1 . VAL B 1 46 ? -1.580  -1.619  -5.446  1.00 16.99 ? 532 VAL B CG1 1 
ATOM   1040 C CG2 . VAL B 1 46 ? -3.956  -1.784  -6.171  1.00 16.27 ? 532 VAL B CG2 1 
ATOM   1041 N N   . GLY B 1 47 ? -1.513  -3.020  -2.394  1.00 12.54 ? 533 GLY B N   1 
ATOM   1042 C CA  . GLY B 1 47 ? -0.538  -2.855  -1.333  1.00 13.23 ? 533 GLY B CA  1 
ATOM   1043 C C   . GLY B 1 47 ? -0.884  -3.650  -0.091  1.00 14.45 ? 533 GLY B C   1 
ATOM   1044 O O   . GLY B 1 47 ? -0.028  -3.840  0.775   1.00 15.30 ? 533 GLY B O   1 
ATOM   1045 N N   . ASP B 1 48 ? -2.131  -4.115  0.020   1.00 14.92 ? 534 ASP B N   1 
ATOM   1046 C CA  . ASP B 1 48 ? -2.510  -4.910  1.189   1.00 13.51 ? 534 ASP B CA  1 
ATOM   1047 C C   . ASP B 1 48 ? -1.767  -6.228  1.156   1.00 14.51 ? 534 ASP B C   1 
ATOM   1048 O O   . ASP B 1 48 ? -1.573  -6.818  0.093   1.00 14.57 ? 534 ASP B O   1 
ATOM   1049 C CB  . ASP B 1 48 ? -4.012  -5.248  1.229   1.00 12.94 ? 534 ASP B CB  1 
ATOM   1050 C CG  . ASP B 1 48 ? -4.866  -4.111  1.724   1.00 10.78 ? 534 ASP B CG  1 
ATOM   1051 O OD1 . ASP B 1 48 ? -4.382  -3.299  2.542   1.00 13.34 ? 534 ASP B OD1 1 
ATOM   1052 O OD2 . ASP B 1 48 ? -6.048  -4.062  1.330   1.00 13.60 ? 534 ASP B OD2 1 
ATOM   1053 N N   . GLU B 1 49 ? -1.376  -6.706  2.329   1.00 14.03 ? 535 GLU B N   1 
ATOM   1054 C CA  . GLU B 1 49 ? -0.691  -7.986  2.406   1.00 14.97 ? 535 GLU B CA  1 
ATOM   1055 C C   . GLU B 1 49 ? -1.670  -9.008  2.961   1.00 13.76 ? 535 GLU B C   1 
ATOM   1056 O O   . GLU B 1 49 ? -2.268  -8.776  4.001   1.00 12.99 ? 535 GLU B O   1 
ATOM   1057 C CB  . GLU B 1 49 ? 0.507   -7.896  3.339   1.00 16.30 ? 535 GLU B CB  1 
ATOM   1058 C CG  . GLU B 1 49 ? 1.373   -9.135  3.327   1.00 20.68 ? 535 GLU B CG  1 
ATOM   1059 C CD  . GLU B 1 49 ? 2.534   -9.020  4.284   1.00 21.74 ? 535 GLU B CD  1 
ATOM   1060 O OE1 . GLU B 1 49 ? 3.096   -7.913  4.384   1.00 22.95 ? 535 GLU B OE1 1 
ATOM   1061 O OE2 . GLU B 1 49 ? 2.885   -10.034 4.918   1.00 23.62 ? 535 GLU B OE2 1 
ATOM   1062 N N   . ILE B 1 50 ? -1.854  -10.124 2.265   1.00 14.07 ? 536 ILE B N   1 
ATOM   1063 C CA  . ILE B 1 50 ? -2.758  -11.153 2.771   1.00 15.77 ? 536 ILE B CA  1 
ATOM   1064 C C   . ILE B 1 50 ? -1.938  -12.071 3.683   1.00 15.13 ? 536 ILE B C   1 
ATOM   1065 O O   . ILE B 1 50 ? -1.011  -12.733 3.226   1.00 15.51 ? 536 ILE B O   1 
ATOM   1066 C CB  . ILE B 1 50 ? -3.383  -11.985 1.632   1.00 14.64 ? 536 ILE B CB  1 
ATOM   1067 C CG1 . ILE B 1 50 ? -4.217  -11.077 0.720   1.00 14.83 ? 536 ILE B CG1 1 
ATOM   1068 C CG2 . ILE B 1 50 ? -4.251  -13.092 2.220   1.00 15.27 ? 536 ILE B CG2 1 
ATOM   1069 C CD1 . ILE B 1 50 ? -4.828  -11.786 -0.487  1.00 16.46 ? 536 ILE B CD1 1 
ATOM   1070 N N   . ARG B 1 51 ? -2.283  -12.089 4.967   1.00 15.12 ? 537 ARG B N   1 
ATOM   1071 C CA  . ARG B 1 51 ? -1.581  -12.905 5.955   1.00 16.88 ? 537 ARG B CA  1 
ATOM   1072 C C   . ARG B 1 51 ? -2.232  -14.274 6.158   1.00 16.00 ? 537 ARG B C   1 
ATOM   1073 O O   . ARG B 1 51 ? -1.538  -15.262 6.397   1.00 16.80 ? 537 ARG B O   1 
ATOM   1074 C CB  . ARG B 1 51 ? -1.504  -12.156 7.294   1.00 18.78 ? 537 ARG B CB  1 
ATOM   1075 C CG  . ARG B 1 51 ? -0.611  -10.911 7.270   1.00 22.25 ? 537 ARG B CG  1 
ATOM   1076 C CD  . ARG B 1 51 ? 0.862   -11.279 7.199   1.00 26.45 ? 537 ARG B CD  1 
ATOM   1077 N NE  . ARG B 1 51 ? 1.281   -11.992 8.405   1.00 30.05 ? 537 ARG B NE  1 
ATOM   1078 C CZ  . ARG B 1 51 ? 2.480   -12.539 8.586   1.00 33.34 ? 537 ARG B CZ  1 
ATOM   1079 N NH1 . ARG B 1 51 ? 3.406   -12.459 7.635   1.00 33.57 ? 537 ARG B NH1 1 
ATOM   1080 N NH2 . ARG B 1 51 ? 2.756   -13.171 9.721   1.00 34.57 ? 537 ARG B NH2 1 
ATOM   1081 N N   . GLU B 1 52 ? -3.558  -14.328 6.088   1.00 13.99 ? 538 GLU B N   1 
ATOM   1082 C CA  . GLU B 1 52 ? -4.273  -15.594 6.240   1.00 14.70 ? 538 GLU B CA  1 
ATOM   1083 C C   . GLU B 1 52 ? -5.525  -15.603 5.380   1.00 13.87 ? 538 GLU B C   1 
ATOM   1084 O O   . GLU B 1 52 ? -6.065  -14.553 5.038   1.00 12.97 ? 538 GLU B O   1 
ATOM   1085 C CB  . GLU B 1 52 ? -4.710  -15.828 7.687   1.00 16.60 ? 538 GLU B CB  1 
ATOM   1086 C CG  . GLU B 1 52 ? -3.650  -15.584 8.741   1.00 20.47 ? 538 GLU B CG  1 
ATOM   1087 C CD  . GLU B 1 52 ? -4.116  -15.977 10.128  1.00 22.16 ? 538 GLU B CD  1 
ATOM   1088 O OE1 . GLU B 1 52 ? -5.299  -15.750 10.450  1.00 23.05 ? 538 GLU B OE1 1 
ATOM   1089 O OE2 . GLU B 1 52 ? -3.291  -16.496 10.908  1.00 25.44 ? 538 GLU B OE2 1 
ATOM   1090 N N   . ILE B 1 53 ? -5.972  -16.803 5.041   1.00 13.93 ? 539 ILE B N   1 
ATOM   1091 C CA  . ILE B 1 53 ? -7.173  -17.019 4.264   1.00 13.34 ? 539 ILE B CA  1 
ATOM   1092 C C   . ILE B 1 53 ? -7.968  -17.997 5.115   1.00 13.90 ? 539 ILE B C   1 
ATOM   1093 O O   . ILE B 1 53 ? -7.507  -19.115 5.386   1.00 14.04 ? 539 ILE B O   1 
ATOM   1094 C CB  . ILE B 1 53 ? -6.835  -17.630 2.874   1.00 14.41 ? 539 ILE B CB  1 
ATOM   1095 C CG1 . ILE B 1 53 ? -5.998  -16.630 2.058   1.00 15.44 ? 539 ILE B CG1 1 
ATOM   1096 C CG2 . ILE B 1 53 ? -8.114  -17.974 2.124   1.00 15.20 ? 539 ILE B CG2 1 
ATOM   1097 C CD1 . ILE B 1 53 ? -5.650  -17.102 0.661   1.00 17.23 ? 539 ILE B CD1 1 
ATOM   1098 N N   . ASN B 1 54 ? -9.134  -17.550 5.581   1.00 13.68 ? 540 ASN B N   1 
ATOM   1099 C CA  . ASN B 1 54 ? -9.986  -18.383 6.434   1.00 14.64 ? 540 ASN B CA  1 
ATOM   1100 C C   . ASN B 1 54 ? -9.176  -18.969 7.588   1.00 15.10 ? 540 ASN B C   1 
ATOM   1101 O O   . ASN B 1 54 ? -9.328  -20.141 7.979   1.00 13.59 ? 540 ASN B O   1 
ATOM   1102 C CB  . ASN B 1 54 ? -10.661 -19.477 5.610   1.00 15.92 ? 540 ASN B CB  1 
ATOM   1103 C CG  . ASN B 1 54 ? -11.863 -18.949 4.828   1.00 17.10 ? 540 ASN B CG  1 
ATOM   1104 O OD1 . ASN B 1 54 ? -11.787 -17.849 4.253   1.00 19.51 ? 540 ASN B OD1 1 
ATOM   1105 N ND2 . ASN B 1 54 ? -12.945 -19.704 4.805   1.00 15.82 ? 540 ASN B ND2 1 
ATOM   1106 N N   . GLY B 1 55 ? -8.286  -18.121 8.122   1.00 15.14 ? 541 GLY B N   1 
ATOM   1107 C CA  . GLY B 1 55 ? -7.447  -18.505 9.247   1.00 15.40 ? 541 GLY B CA  1 
ATOM   1108 C C   . GLY B 1 55 ? -6.171  -19.236 8.898   1.00 15.85 ? 541 GLY B C   1 
ATOM   1109 O O   . GLY B 1 55 ? -5.280  -19.358 9.736   1.00 15.45 ? 541 GLY B O   1 
ATOM   1110 N N   . ILE B 1 56 ? -6.074  -19.714 7.666   1.00 15.77 ? 542 ILE B N   1 
ATOM   1111 C CA  . ILE B 1 56 ? -4.897  -20.449 7.237   1.00 18.59 ? 542 ILE B CA  1 
ATOM   1112 C C   . ILE B 1 56 ? -3.710  -19.546 6.906   1.00 19.80 ? 542 ILE B C   1 
ATOM   1113 O O   . ILE B 1 56 ? -3.772  -18.724 5.987   1.00 19.09 ? 542 ILE B O   1 
ATOM   1114 C CB  . ILE B 1 56 ? -5.209  -21.306 6.015   1.00 16.68 ? 542 ILE B CB  1 
ATOM   1115 C CG1 . ILE B 1 56 ? -6.427  -22.187 6.302   1.00 16.89 ? 542 ILE B CG1 1 
ATOM   1116 C CG2 . ILE B 1 56 ? -4.025  -22.190 5.705   1.00 18.88 ? 542 ILE B CG2 1 
ATOM   1117 C CD1 . ILE B 1 56 ? -6.923  -22.935 5.092   1.00 16.09 ? 542 ILE B CD1 1 
ATOM   1118 N N   . SER B 1 57 ? -2.631  -19.730 7.660   1.00 20.70 ? 543 SER B N   1 
ATOM   1119 C CA  . SER B 1 57 ? -1.407  -18.959 7.489   1.00 24.76 ? 543 SER B CA  1 
ATOM   1120 C C   . SER B 1 57 ? -0.876  -19.035 6.066   1.00 25.66 ? 543 SER B C   1 
ATOM   1121 O O   . SER B 1 57 ? -0.505  -20.101 5.588   1.00 27.33 ? 543 SER B O   1 
ATOM   1122 C CB  . SER B 1 57 ? -0.333  -19.467 8.456   1.00 25.28 ? 543 SER B CB  1 
ATOM   1123 O OG  . SER B 1 57 ? 0.898   -18.792 8.263   1.00 27.38 ? 543 SER B OG  1 
ATOM   1124 N N   . VAL B 1 58 ? -0.853  -17.892 5.395   1.00 27.35 ? 544 VAL B N   1 
ATOM   1125 C CA  . VAL B 1 58 ? -0.345  -17.808 4.039   1.00 28.25 ? 544 VAL B CA  1 
ATOM   1126 C C   . VAL B 1 58 ? 1.158   -18.071 4.053   1.00 31.34 ? 544 VAL B C   1 
ATOM   1127 O O   . VAL B 1 58 ? 1.685   -18.787 3.200   1.00 31.18 ? 544 VAL B O   1 
ATOM   1128 C CB  . VAL B 1 58 ? -0.632  -16.406 3.441   1.00 28.59 ? 544 VAL B CB  1 
ATOM   1129 C CG1 . VAL B 1 58 ? 0.261   -16.142 2.247   1.00 26.14 ? 544 VAL B CG1 1 
ATOM   1130 C CG2 . VAL B 1 58 ? -2.097  -16.320 3.017   1.00 25.71 ? 544 VAL B CG2 1 
ATOM   1131 N N   . ALA B 1 59 ? 1.836   -17.494 5.038   1.00 33.83 ? 545 ALA B N   1 
ATOM   1132 C CA  . ALA B 1 59 ? 3.278   -17.647 5.181   1.00 37.15 ? 545 ALA B CA  1 
ATOM   1133 C C   . ALA B 1 59 ? 3.686   -19.101 5.343   1.00 39.97 ? 545 ALA B C   1 
ATOM   1134 O O   . ALA B 1 59 ? 4.402   -19.652 4.505   1.00 40.43 ? 545 ALA B O   1 
ATOM   1135 C CB  . ALA B 1 59 ? 3.769   -16.843 6.377   1.00 36.10 ? 545 ALA B CB  1 
ATOM   1136 N N   . ASN B 1 60 ? 3.222   -19.718 6.425   1.00 43.53 ? 546 ASN B N   1 
ATOM   1137 C CA  . ASN B 1 60 ? 3.558   -21.104 6.722   1.00 46.81 ? 546 ASN B CA  1 
ATOM   1138 C C   . ASN B 1 60 ? 2.954   -22.106 5.751   1.00 48.40 ? 546 ASN B C   1 
ATOM   1139 O O   . ASN B 1 60 ? 2.532   -23.196 6.135   1.00 49.23 ? 546 ASN B O   1 
ATOM   1140 C CB  . ASN B 1 60 ? 3.149   -21.436 8.156   1.00 48.07 ? 546 ASN B CB  1 
ATOM   1141 C CG  . ASN B 1 60 ? 3.835   -20.541 9.166   1.00 49.61 ? 546 ASN B CG  1 
ATOM   1142 O OD1 . ASN B 1 60 ? 5.062   -20.413 9.161   1.00 50.91 ? 546 ASN B OD1 1 
ATOM   1143 N ND2 . ASN B 1 60 ? 3.052   -19.917 10.038  1.00 50.16 ? 546 ASN B ND2 1 
ATOM   1144 N N   . GLN B 1 61 ? 2.920   -21.715 4.484   1.00 50.45 ? 547 GLN B N   1 
ATOM   1145 C CA  . GLN B 1 61 ? 2.412   -22.555 3.425   1.00 51.41 ? 547 GLN B CA  1 
ATOM   1146 C C   . GLN B 1 61 ? 3.104   -22.141 2.145   1.00 50.95 ? 547 GLN B C   1 
ATOM   1147 O O   . GLN B 1 61 ? 3.631   -21.035 2.045   1.00 50.87 ? 547 GLN B O   1 
ATOM   1148 C CB  . GLN B 1 61 ? 0.902   -22.398 3.319   1.00 53.16 ? 547 GLN B CB  1 
ATOM   1149 C CG  . GLN B 1 61 ? 0.186   -22.839 4.567   1.00 55.87 ? 547 GLN B CG  1 
ATOM   1150 C CD  . GLN B 1 61 ? -1.301  -22.773 4.454   1.00 57.29 ? 547 GLN B CD  1 
ATOM   1151 O OE1 . GLN B 1 61 ? -1.979  -23.769 4.675   1.00 58.78 ? 547 GLN B OE1 1 
ATOM   1152 N NE2 . GLN B 1 61 ? -1.828  -21.600 4.080   1.00 58.04 ? 547 GLN B NE2 1 
ATOM   1153 N N   . THR B 1 62 ? 3.134   -23.052 1.185   1.00 51.29 ? 548 THR B N   1 
ATOM   1154 C CA  . THR B 1 62 ? 3.792   -22.791 -0.079  1.00 51.69 ? 548 THR B CA  1 
ATOM   1155 C C   . THR B 1 62 ? 2.934   -21.886 -0.954  1.00 52.45 ? 548 THR B C   1 
ATOM   1156 O O   . THR B 1 62 ? 1.710   -21.844 -0.816  1.00 52.33 ? 548 THR B O   1 
ATOM   1157 C CB  . THR B 1 62 ? 4.074   -24.109 -0.816  1.00 51.59 ? 548 THR B CB  1 
ATOM   1158 O OG1 . THR B 1 62 ? 2.836   -24.725 -1.188  1.00 51.33 ? 548 THR B OG1 1 
ATOM   1159 C CG2 . THR B 1 62 ? 4.844   -25.062 0.095   1.00 50.61 ? 548 THR B CG2 1 
ATOM   1160 N N   . VAL B 1 63 ? 3.591   -21.152 -1.846  1.00 52.80 ? 549 VAL B N   1 
ATOM   1161 C CA  . VAL B 1 63 ? 2.909   -20.242 -2.755  1.00 53.65 ? 549 VAL B CA  1 
ATOM   1162 C C   . VAL B 1 63 ? 2.074   -21.006 -3.770  1.00 54.34 ? 549 VAL B C   1 
ATOM   1163 O O   . VAL B 1 63 ? 1.012   -20.547 -4.192  1.00 53.85 ? 549 VAL B O   1 
ATOM   1164 C CB  . VAL B 1 63 ? 3.915   -19.373 -3.535  1.00 53.71 ? 549 VAL B CB  1 
ATOM   1165 C CG1 . VAL B 1 63 ? 4.915   -20.259 -4.256  1.00 54.03 ? 549 VAL B CG1 1 
ATOM   1166 C CG2 . VAL B 1 63 ? 3.178   -18.506 -4.546  1.00 53.73 ? 549 VAL B CG2 1 
ATOM   1167 N N   . GLU B 1 64 ? 2.568   -22.175 -4.160  1.00 54.97 ? 550 GLU B N   1 
ATOM   1168 C CA  . GLU B 1 64 ? 1.887   -23.005 -5.138  1.00 55.66 ? 550 GLU B CA  1 
ATOM   1169 C C   . GLU B 1 64 ? 0.451   -23.330 -4.727  1.00 55.64 ? 550 GLU B C   1 
ATOM   1170 O O   . GLU B 1 64 ? -0.496  -22.871 -5.366  1.00 55.16 ? 550 GLU B O   1 
ATOM   1171 C CB  . GLU B 1 64 ? 2.693   -24.286 -5.378  1.00 56.70 ? 550 GLU B CB  1 
ATOM   1172 C CG  . GLU B 1 64 ? 2.843   -25.191 -4.165  1.00 58.27 ? 550 GLU B CG  1 
ATOM   1173 C CD  . GLU B 1 64 ? 3.874   -26.286 -4.381  1.00 59.68 ? 550 GLU B CD  1 
ATOM   1174 O OE1 . GLU B 1 64 ? 5.082   -25.963 -4.425  1.00 60.21 ? 550 GLU B OE1 1 
ATOM   1175 O OE2 . GLU B 1 64 ? 3.478   -27.464 -4.520  1.00 59.65 ? 550 GLU B OE2 1 
ATOM   1176 N N   . GLN B 1 65 ? 0.283   -24.099 -3.658  1.00 55.59 ? 551 GLN B N   1 
ATOM   1177 C CA  . GLN B 1 65 ? -1.050  -24.470 -3.218  1.00 55.69 ? 551 GLN B CA  1 
ATOM   1178 C C   . GLN B 1 65 ? -1.818  -23.318 -2.586  1.00 54.87 ? 551 GLN B C   1 
ATOM   1179 O O   . GLN B 1 65 ? -3.003  -23.446 -2.280  1.00 54.50 ? 551 GLN B O   1 
ATOM   1180 C CB  . GLN B 1 65 ? -0.962  -25.652 -2.261  1.00 56.78 ? 551 GLN B CB  1 
ATOM   1181 C CG  . GLN B 1 65 ? -0.280  -26.849 -2.876  1.00 58.62 ? 551 GLN B CG  1 
ATOM   1182 C CD  . GLN B 1 65 ? -0.429  -28.104 -2.064  1.00 58.88 ? 551 GLN B CD  1 
ATOM   1183 O OE1 . GLN B 1 65 ? -0.959  -29.093 -2.550  1.00 59.71 ? 551 GLN B OE1 1 
ATOM   1184 N NE2 . GLN B 1 65 ? 0.010   -28.063 -0.804  1.00 59.44 ? 551 GLN B NE2 1 
ATOM   1185 N N   . LEU B 1 66 ? -1.147  -22.184 -2.417  1.00 53.94 ? 552 LEU B N   1 
ATOM   1186 C CA  . LEU B 1 66 ? -1.796  -21.016 -1.849  1.00 52.96 ? 552 LEU B CA  1 
ATOM   1187 C C   . LEU B 1 66 ? -2.766  -20.479 -2.898  1.00 52.36 ? 552 LEU B C   1 
ATOM   1188 O O   . LEU B 1 66 ? -3.926  -20.196 -2.595  1.00 52.14 ? 552 LEU B O   1 
ATOM   1189 C CB  . LEU B 1 66 ? -0.763  -19.948 -1.483  1.00 53.33 ? 552 LEU B CB  1 
ATOM   1190 C CG  . LEU B 1 66 ? -1.291  -18.787 -0.636  1.00 53.86 ? 552 LEU B CG  1 
ATOM   1191 C CD1 . LEU B 1 66 ? -1.798  -19.320 0.697   1.00 53.73 ? 552 LEU B CD1 1 
ATOM   1192 C CD2 . LEU B 1 66 ? -0.184  -17.779 -0.399  1.00 54.39 ? 552 LEU B CD2 1 
ATOM   1193 N N   . GLN B 1 67 ? -2.294  -20.346 -4.136  1.00 51.36 ? 553 GLN B N   1 
ATOM   1194 C CA  . GLN B 1 67 ? -3.161  -19.869 -5.206  1.00 51.03 ? 553 GLN B CA  1 
ATOM   1195 C C   . GLN B 1 67 ? -4.112  -20.971 -5.642  1.00 49.26 ? 553 GLN B C   1 
ATOM   1196 O O   . GLN B 1 67 ? -5.184  -20.695 -6.184  1.00 49.36 ? 553 GLN B O   1 
ATOM   1197 C CB  . GLN B 1 67 ? -2.353  -19.394 -6.412  1.00 52.96 ? 553 GLN B CB  1 
ATOM   1198 C CG  . GLN B 1 67 ? -3.193  -19.307 -7.685  1.00 55.91 ? 553 GLN B CG  1 
ATOM   1199 C CD  . GLN B 1 67 ? -2.458  -18.688 -8.848  1.00 57.15 ? 553 GLN B CD  1 
ATOM   1200 O OE1 . GLN B 1 67 ? -1.364  -19.124 -9.214  1.00 57.81 ? 553 GLN B OE1 1 
ATOM   1201 N NE2 . GLN B 1 67 ? -3.061  -17.666 -9.448  1.00 57.65 ? 553 GLN B NE2 1 
ATOM   1202 N N   . LYS B 1 68 ? -3.717  -22.220 -5.421  1.00 46.06 ? 554 LYS B N   1 
ATOM   1203 C CA  . LYS B 1 68 ? -4.584  -23.330 -5.784  1.00 43.49 ? 554 LYS B CA  1 
ATOM   1204 C C   . LYS B 1 68 ? -5.906  -23.047 -5.087  1.00 41.22 ? 554 LYS B C   1 
ATOM   1205 O O   . LYS B 1 68 ? -6.978  -23.167 -5.675  1.00 41.62 ? 554 LYS B O   1 
ATOM   1206 C CB  . LYS B 1 68 ? -3.997  -24.645 -5.290  1.00 43.21 ? 554 LYS B CB  1 
ATOM   1207 N N   . MET B 1 69 ? -5.806  -22.635 -3.831  1.00 39.51 ? 555 MET B N   1 
ATOM   1208 C CA  . MET B 1 69 ? -6.971  -22.324 -3.020  1.00 37.62 ? 555 MET B CA  1 
ATOM   1209 C C   . MET B 1 69 ? -7.941  -21.333 -3.652  1.00 35.53 ? 555 MET B C   1 
ATOM   1210 O O   . MET B 1 69 ? -9.093  -21.662 -3.917  1.00 33.81 ? 555 MET B O   1 
ATOM   1211 C CB  . MET B 1 69 ? -6.550  -21.752 -1.668  1.00 39.52 ? 555 MET B CB  1 
ATOM   1212 C CG  . MET B 1 69 ? -5.668  -22.630 -0.819  1.00 41.65 ? 555 MET B CG  1 
ATOM   1213 S SD  . MET B 1 69 ? -5.485  -21.874 0.804   1.00 45.68 ? 555 MET B SD  1 
ATOM   1214 C CE  . MET B 1 69 ? -4.936  -20.241 0.338   1.00 46.01 ? 555 MET B CE  1 
ATOM   1215 N N   . LEU B 1 70 ? -7.465  -20.117 -3.892  1.00 33.72 ? 556 LEU B N   1 
ATOM   1216 C CA  . LEU B 1 70 ? -8.311  -19.059 -4.433  1.00 31.98 ? 556 LEU B CA  1 
ATOM   1217 C C   . LEU B 1 70 ? -9.166  -19.317 -5.670  1.00 30.26 ? 556 LEU B C   1 
ATOM   1218 O O   . LEU B 1 70 ? -10.311 -18.869 -5.717  1.00 31.12 ? 556 LEU B O   1 
ATOM   1219 C CB  . LEU B 1 70 ? -7.484  -17.783 -4.598  1.00 33.46 ? 556 LEU B CB  1 
ATOM   1220 C CG  . LEU B 1 70 ? -7.903  -16.694 -3.596  1.00 33.48 ? 556 LEU B CG  1 
ATOM   1221 C CD1 . LEU B 1 70 ? -8.202  -17.309 -2.225  1.00 32.87 ? 556 LEU B CD1 1 
ATOM   1222 C CD2 . LEU B 1 70 ? -6.819  -15.634 -3.503  1.00 32.31 ? 556 LEU B CD2 1 
ATOM   1223 N N   . ARG B 1 71 ? -8.659  -20.043 -6.662  1.00 28.66 ? 557 ARG B N   1 
ATOM   1224 C CA  . ARG B 1 71 ? -9.484  -20.307 -7.842  1.00 27.45 ? 557 ARG B CA  1 
ATOM   1225 C C   . ARG B 1 71 ? -10.640 -21.241 -7.501  1.00 25.15 ? 557 ARG B C   1 
ATOM   1226 O O   . ARG B 1 71 ? -11.759 -21.073 -7.986  1.00 26.68 ? 557 ARG B O   1 
ATOM   1227 C CB  . ARG B 1 71 ? -8.647  -20.927 -8.953  1.00 28.29 ? 557 ARG B CB  1 
ATOM   1228 N N   . GLU B 1 72 ? -10.360 -22.218 -6.648  1.00 24.47 ? 558 GLU B N   1 
ATOM   1229 C CA  . GLU B 1 72 ? -11.343 -23.226 -6.256  1.00 23.75 ? 558 GLU B CA  1 
ATOM   1230 C C   . GLU B 1 72 ? -12.199 -22.914 -5.032  1.00 22.19 ? 558 GLU B C   1 
ATOM   1231 O O   . GLU B 1 72 ? -13.313 -23.427 -4.906  1.00 20.42 ? 558 GLU B O   1 
ATOM   1232 C CB  . GLU B 1 72 ? -10.628 -24.561 -6.021  1.00 25.32 ? 558 GLU B CB  1 
ATOM   1233 C CG  . GLU B 1 72 ? -10.036 -25.203 -7.272  1.00 28.08 ? 558 GLU B CG  1 
ATOM   1234 C CD  . GLU B 1 72 ? -9.189  -26.428 -6.949  1.00 29.43 ? 558 GLU B CD  1 
ATOM   1235 O OE1 . GLU B 1 72 ? -9.574  -27.193 -6.041  1.00 29.35 ? 558 GLU B OE1 1 
ATOM   1236 O OE2 . GLU B 1 72 ? -8.147  -26.638 -7.613  1.00 31.26 ? 558 GLU B OE2 1 
ATOM   1237 N N   . MET B 1 73 ? -11.692 -22.073 -4.136  1.00 20.51 ? 559 MET B N   1 
ATOM   1238 C CA  . MET B 1 73 ? -12.409 -21.764 -2.907  1.00 19.61 ? 559 MET B CA  1 
ATOM   1239 C C   . MET B 1 73 ? -13.797 -21.159 -3.124  1.00 19.00 ? 559 MET B C   1 
ATOM   1240 O O   . MET B 1 73 ? -13.999 -20.327 -4.009  1.00 20.54 ? 559 MET B O   1 
ATOM   1241 C CB  . MET B 1 73 ? -11.555 -20.854 -2.029  1.00 19.36 ? 559 MET B CB  1 
ATOM   1242 C CG  . MET B 1 73 ? -11.911 -20.928 -0.557  1.00 21.21 ? 559 MET B CG  1 
ATOM   1243 S SD  . MET B 1 73 ? -10.771 -20.002 0.492   1.00 24.16 ? 559 MET B SD  1 
ATOM   1244 C CE  . MET B 1 73 ? -9.199  -20.640 -0.088  1.00 26.00 ? 559 MET B CE  1 
ATOM   1245 N N   . ARG B 1 74 ? -14.754 -21.591 -2.310  1.00 18.09 ? 560 ARG B N   1 
ATOM   1246 C CA  . ARG B 1 74 ? -16.137 -21.122 -2.412  1.00 18.22 ? 560 ARG B CA  1 
ATOM   1247 C C   . ARG B 1 74 ? -16.765 -20.891 -1.043  1.00 17.02 ? 560 ARG B C   1 
ATOM   1248 O O   . ARG B 1 74 ? -16.328 -21.465 -0.048  1.00 16.62 ? 560 ARG B O   1 
ATOM   1249 C CB  . ARG B 1 74 ? -16.980 -22.154 -3.166  1.00 19.30 ? 560 ARG B CB  1 
ATOM   1250 C CG  . ARG B 1 74 ? -16.552 -22.420 -4.596  1.00 19.60 ? 560 ARG B CG  1 
ATOM   1251 C CD  . ARG B 1 74 ? -16.972 -21.300 -5.546  1.00 22.39 ? 560 ARG B CD  1 
ATOM   1252 N NE  . ARG B 1 74 ? -16.672 -21.663 -6.926  1.00 22.66 ? 560 ARG B NE  1 
ATOM   1253 C CZ  . ARG B 1 74 ? -15.458 -21.652 -7.466  1.00 23.70 ? 560 ARG B CZ  1 
ATOM   1254 N NH1 . ARG B 1 74 ? -14.407 -21.290 -6.746  1.00 26.25 ? 560 ARG B NH1 1 
ATOM   1255 N NH2 . ARG B 1 74 ? -15.290 -22.046 -8.722  1.00 26.39 ? 560 ARG B NH2 1 
ATOM   1256 N N   . GLY B 1 75 ? -17.808 -20.066 -1.015  1.00 17.09 ? 561 GLY B N   1 
ATOM   1257 C CA  . GLY B 1 75 ? -18.499 -19.765 0.227   1.00 17.07 ? 561 GLY B CA  1 
ATOM   1258 C C   . GLY B 1 75 ? -18.034 -18.450 0.819   1.00 16.53 ? 561 GLY B C   1 
ATOM   1259 O O   . GLY B 1 75 ? -17.669 -17.534 0.091   1.00 16.78 ? 561 GLY B O   1 
ATOM   1260 N N   . SER B 1 76 ? -18.065 -18.342 2.143   1.00 16.02 ? 562 SER B N   1 
ATOM   1261 C CA  . SER B 1 76 ? -17.610 -17.120 2.791   1.00 16.14 ? 562 SER B CA  1 
ATOM   1262 C C   . SER B 1 76 ? -16.095 -17.219 2.910   1.00 14.71 ? 562 SER B C   1 
ATOM   1263 O O   . SER B 1 76 ? -15.572 -18.186 3.468   1.00 13.94 ? 562 SER B O   1 
ATOM   1264 C CB  . SER B 1 76 ? -18.233 -16.969 4.184   1.00 16.87 ? 562 SER B CB  1 
ATOM   1265 O OG  . SER B 1 76 ? -17.891 -15.714 4.742   1.00 22.21 ? 562 SER B OG  1 
ATOM   1266 N N   . ILE B 1 77 ? -15.400 -16.223 2.367   1.00 12.13 ? 563 ILE B N   1 
ATOM   1267 C CA  . ILE B 1 77 ? -13.939 -16.184 2.389   1.00 11.65 ? 563 ILE B CA  1 
ATOM   1268 C C   . ILE B 1 77 ? -13.487 -14.979 3.209   1.00 12.43 ? 563 ILE B C   1 
ATOM   1269 O O   . ILE B 1 77 ? -13.994 -13.871 3.022   1.00 12.29 ? 563 ILE B O   1 
ATOM   1270 C CB  . ILE B 1 77 ? -13.372 -16.040 0.950   1.00 10.17 ? 563 ILE B CB  1 
ATOM   1271 C CG1 . ILE B 1 77 ? -13.780 -17.253 0.113   1.00 12.29 ? 563 ILE B CG1 1 
ATOM   1272 C CG2 . ILE B 1 77 ? -11.851 -15.882 0.981   1.00 12.17 ? 563 ILE B CG2 1 
ATOM   1273 C CD1 . ILE B 1 77 ? -13.327 -17.190 -1.341  1.00 12.02 ? 563 ILE B CD1 1 
ATOM   1274 N N   . THR B 1 78 ? -12.550 -15.193 4.125   1.00 12.16 ? 564 THR B N   1 
ATOM   1275 C CA  . THR B 1 78 ? -12.057 -14.083 4.928   1.00 13.96 ? 564 THR B CA  1 
ATOM   1276 C C   . THR B 1 78 ? -10.539 -13.957 4.819   1.00 13.74 ? 564 THR B C   1 
ATOM   1277 O O   . THR B 1 78 ? -9.803  -14.922 5.037   1.00 13.76 ? 564 THR B O   1 
ATOM   1278 C CB  . THR B 1 78 ? -12.453 -14.235 6.417   1.00 15.79 ? 564 THR B CB  1 
ATOM   1279 O OG1 . THR B 1 78 ? -13.879 -14.347 6.528   1.00 14.76 ? 564 THR B OG1 1 
ATOM   1280 C CG2 . THR B 1 78 ? -12.015 -13.000 7.208   1.00 18.29 ? 564 THR B CG2 1 
ATOM   1281 N N   . PHE B 1 79 ? -10.080 -12.769 4.441   1.00 13.00 ? 565 PHE B N   1 
ATOM   1282 C CA  . PHE B 1 79 ? -8.649  -12.509 4.330   1.00 12.11 ? 565 PHE B CA  1 
ATOM   1283 C C   . PHE B 1 79 ? -8.232  -11.727 5.557   1.00 12.25 ? 565 PHE B C   1 
ATOM   1284 O O   . PHE B 1 79 ? -8.891  -10.763 5.923   1.00 11.00 ? 565 PHE B O   1 
ATOM   1285 C CB  . PHE B 1 79 ? -8.322  -11.615 3.126   1.00 12.41 ? 565 PHE B CB  1 
ATOM   1286 C CG  . PHE B 1 79 ? -8.416  -12.293 1.789   1.00 13.08 ? 565 PHE B CG  1 
ATOM   1287 C CD1 . PHE B 1 79 ? -8.489  -13.677 1.673   1.00 13.64 ? 565 PHE B CD1 1 
ATOM   1288 C CD2 . PHE B 1 79 ? -8.405  -11.520 0.628   1.00 13.52 ? 565 PHE B CD2 1 
ATOM   1289 C CE1 . PHE B 1 79 ? -8.558  -14.279 0.412   1.00 12.55 ? 565 PHE B CE1 1 
ATOM   1290 C CE2 . PHE B 1 79 ? -8.475  -12.107 -0.627  1.00 14.40 ? 565 PHE B CE2 1 
ATOM   1291 C CZ  . PHE B 1 79 ? -8.550  -13.491 -0.734  1.00 14.29 ? 565 PHE B CZ  1 
ATOM   1292 N N   . LYS B 1 80 ? -7.154  -12.142 6.205   1.00 13.15 ? 566 LYS B N   1 
ATOM   1293 C CA  . LYS B 1 80 ? -6.651  -11.363 7.318   1.00 13.50 ? 566 LYS B CA  1 
ATOM   1294 C C   . LYS B 1 80 ? -5.628  -10.527 6.575   1.00 13.68 ? 566 LYS B C   1 
ATOM   1295 O O   . LYS B 1 80 ? -4.673  -11.067 6.008   1.00 11.98 ? 566 LYS B O   1 
ATOM   1296 C CB  . LYS B 1 80 ? -5.939  -12.228 8.350   1.00 15.83 ? 566 LYS B CB  1 
ATOM   1297 C CG  . LYS B 1 80 ? -5.271  -11.397 9.445   1.00 18.92 ? 566 LYS B CG  1 
ATOM   1298 C CD  . LYS B 1 80 ? -4.330  -12.269 10.267  1.00 23.14 ? 566 LYS B CD  1 
ATOM   1299 C CE  . LYS B 1 80 ? -3.537  -11.434 11.267  1.00 24.93 ? 566 LYS B CE  1 
ATOM   1300 N NZ  . LYS B 1 80 ? -4.419  -10.758 12.248  1.00 27.83 ? 566 LYS B NZ  1 
ATOM   1301 N N   . ILE B 1 81 ? -5.824  -9.216  6.551   1.00 15.13 ? 567 ILE B N   1 
ATOM   1302 C CA  . ILE B 1 81 ? -4.895  -8.360  5.833   1.00 16.28 ? 567 ILE B CA  1 
ATOM   1303 C C   . ILE B 1 81 ? -4.152  -7.374  6.725   1.00 16.41 ? 567 ILE B C   1 
ATOM   1304 O O   . ILE B 1 81 ? -4.640  -6.976  7.776   1.00 15.82 ? 567 ILE B O   1 
ATOM   1305 C CB  . ILE B 1 81 ? -5.619  -7.515  4.768   1.00 17.98 ? 567 ILE B CB  1 
ATOM   1306 C CG1 . ILE B 1 81 ? -6.571  -6.545  5.459   1.00 21.52 ? 567 ILE B CG1 1 
ATOM   1307 C CG2 . ILE B 1 81 ? -6.384  -8.418  3.801   1.00 20.28 ? 567 ILE B CG2 1 
ATOM   1308 C CD1 . ILE B 1 81 ? -7.043  -5.411  4.583   1.00 25.17 ? 567 ILE B CD1 1 
ATOM   1309 N N   . VAL B 1 82 ? -2.960  -6.996  6.277   1.00 15.78 ? 568 VAL B N   1 
ATOM   1310 C CA  . VAL B 1 82 ? -2.141  -5.987  6.943   1.00 17.36 ? 568 VAL B CA  1 
ATOM   1311 C C   . VAL B 1 82 ? -1.834  -5.008  5.809   1.00 16.40 ? 568 VAL B C   1 
ATOM   1312 O O   . VAL B 1 82 ? -1.246  -5.391  4.807   1.00 15.25 ? 568 VAL B O   1 
ATOM   1313 C CB  . VAL B 1 82 ? -0.793  -6.543  7.467   1.00 16.80 ? 568 VAL B CB  1 
ATOM   1314 C CG1 . VAL B 1 82 ? 0.100   -5.394  7.900   1.00 18.49 ? 568 VAL B CG1 1 
ATOM   1315 C CG2 . VAL B 1 82 ? -1.027  -7.484  8.648   1.00 17.41 ? 568 VAL B CG2 1 
ATOM   1316 N N   . PRO B 1 83 ? -2.275  -3.747  5.926   1.00 17.91 ? 569 PRO B N   1 
ATOM   1317 C CA  . PRO B 1 83 ? -2.000  -2.771  4.859   1.00 18.70 ? 569 PRO B CA  1 
ATOM   1318 C C   . PRO B 1 83 ? -0.532  -2.332  4.839   1.00 20.08 ? 569 PRO B C   1 
ATOM   1319 O O   . PRO B 1 83 ? -0.193  -1.240  5.296   1.00 22.65 ? 569 PRO B O   1 
ATOM   1320 C CB  . PRO B 1 83 ? -2.941  -1.634  5.214   1.00 18.38 ? 569 PRO B CB  1 
ATOM   1321 C CG  . PRO B 1 83 ? -2.872  -1.646  6.717   1.00 20.23 ? 569 PRO B CG  1 
ATOM   1322 C CD  . PRO B 1 83 ? -3.113  -3.131  6.970   1.00 19.93 ? 569 PRO B CD  1 
ATOM   1323 N N   . SER B 1 84 ? 0.329   -3.179  4.282   1.00 19.60 ? 570 SER B N   1 
ATOM   1324 C CA  . SER B 1 84 ? 1.764   -2.915  4.237   1.00 20.76 ? 570 SER B CA  1 
ATOM   1325 C C   . SER B 1 84 ? 2.199   -1.724  3.383   1.00 19.97 ? 570 SER B C   1 
ATOM   1326 O O   . SER B 1 84 ? 3.055   -0.945  3.805   1.00 19.87 ? 570 SER B O   1 
ATOM   1327 C CB  . SER B 1 84 ? 2.498   -4.172  3.783   1.00 21.88 ? 570 SER B CB  1 
ATOM   1328 O OG  . SER B 1 84 ? 2.224   -5.247  4.670   1.00 26.79 ? 570 SER B OG  1 
ATOM   1329 N N   . TYR B 1 85 ? 1.623   -1.583  2.193   1.00 17.92 ? 571 TYR B N   1 
ATOM   1330 C CA  . TYR B 1 85 ? 1.981   -0.464  1.323   1.00 17.04 ? 571 TYR B CA  1 
ATOM   1331 C C   . TYR B 1 85 ? 0.758   0.232   0.764   1.00 15.47 ? 571 TYR B C   1 
ATOM   1332 O O   . TYR B 1 85 ? -0.327  -0.348  0.684   1.00 14.32 ? 571 TYR B O   1 
ATOM   1333 C CB  . TYR B 1 85 ? 2.817   -0.930  0.123   1.00 17.84 ? 571 TYR B CB  1 
ATOM   1334 C CG  . TYR B 1 85 ? 3.986   -1.811  0.464   1.00 20.83 ? 571 TYR B CG  1 
ATOM   1335 C CD1 . TYR B 1 85 ? 3.803   -3.170  0.736   1.00 20.48 ? 571 TYR B CD1 1 
ATOM   1336 C CD2 . TYR B 1 85 ? 5.276   -1.291  0.521   1.00 20.17 ? 571 TYR B CD2 1 
ATOM   1337 C CE1 . TYR B 1 85 ? 4.874   -3.985  1.057   1.00 20.39 ? 571 TYR B CE1 1 
ATOM   1338 C CE2 . TYR B 1 85 ? 6.362   -2.104  0.845   1.00 21.88 ? 571 TYR B CE2 1 
ATOM   1339 C CZ  . TYR B 1 85 ? 6.152   -3.449  1.113   1.00 20.93 ? 571 TYR B CZ  1 
ATOM   1340 O OH  . TYR B 1 85 ? 7.214   -4.254  1.450   1.00 22.42 ? 571 TYR B OH  1 
ATOM   1341 N N   . ARG B 1 86 ? 0.958   1.480   0.363   1.00 13.58 ? 572 ARG B N   1 
ATOM   1342 C CA  . ARG B 1 86 ? -0.092  2.283   -0.245  1.00 14.93 ? 572 ARG B CA  1 
ATOM   1343 C C   . ARG B 1 86 ? 0.524   3.159   -1.329  1.00 16.41 ? 572 ARG B C   1 
ATOM   1344 O O   . ARG B 1 86 ? 1.633   3.685   -1.164  1.00 14.39 ? 572 ARG B O   1 
ATOM   1345 C CB  . ARG B 1 86 ? -0.801  3.136   0.805   1.00 14.52 ? 572 ARG B CB  1 
ATOM   1346 C CG  . ARG B 1 86 ? -1.819  2.353   1.635   1.00 17.37 ? 572 ARG B CG  1 
ATOM   1347 C CD  . ARG B 1 86 ? -2.997  1.877   0.769   1.00 15.86 ? 572 ARG B CD  1 
ATOM   1348 N NE  . ARG B 1 86 ? -4.023  1.206   1.569   1.00 14.71 ? 572 ARG B NE  1 
ATOM   1349 C CZ  . ARG B 1 86 ? -4.003  -0.080  1.914   1.00 15.52 ? 572 ARG B CZ  1 
ATOM   1350 N NH1 . ARG B 1 86 ? -3.009  -0.870  1.522   1.00 12.68 ? 572 ARG B NH1 1 
ATOM   1351 N NH2 . ARG B 1 86 ? -4.978  -0.576  2.667   1.00 13.41 ? 572 ARG B NH2 1 
ATOM   1352 N N   . GLU B 1 87 ? -0.182  3.278   -2.450  1.00 16.66 ? 573 GLU B N   1 
ATOM   1353 C CA  . GLU B 1 87 ? 0.290   4.079   -3.570  1.00 18.65 ? 573 GLU B CA  1 
ATOM   1354 C C   . GLU B 1 87 ? -0.311  5.479   -3.472  1.00 19.25 ? 573 GLU B C   1 
ATOM   1355 O O   . GLU B 1 87 ? -1.441  5.645   -3.010  1.00 19.27 ? 573 GLU B O   1 
ATOM   1356 C CB  . GLU B 1 87 ? -0.104  3.434   -4.910  1.00 19.42 ? 573 GLU B CB  1 
ATOM   1357 C CG  . GLU B 1 87 ? 0.370   1.981   -5.076  1.00 23.87 ? 573 GLU B CG  1 
ATOM   1358 C CD  . GLU B 1 87 ? 0.286   1.481   -6.516  1.00 26.79 ? 573 GLU B CD  1 
ATOM   1359 O OE1 . GLU B 1 87 ? -0.727  1.763   -7.196  1.00 28.52 ? 573 GLU B OE1 1 
ATOM   1360 O OE2 . GLU B 1 87 ? 1.222   0.782   -6.968  1.00 24.75 ? 573 GLU B OE2 1 
ATOM   1361 N N   . PHE B 1 88 ? 0.448   6.483   -3.904  1.00 18.55 ? 574 PHE B N   1 
ATOM   1362 C CA  . PHE B 1 88 ? -0.020  7.860   -3.857  1.00 19.34 ? 574 PHE B CA  1 
ATOM   1363 C C   . PHE B 1 88 ? 0.309   8.617   -5.138  1.00 20.57 ? 574 PHE B C   1 
ATOM   1364 O O   . PHE B 1 88 ? -0.271  9.708   -5.332  1.00 21.60 ? 574 PHE B O   1 
ATOM   1365 C CB  . PHE B 1 88 ? 0.571   8.594   -2.652  1.00 20.00 ? 574 PHE B CB  1 
ATOM   1366 C CG  . PHE B 1 88 ? 0.244   7.954   -1.330  1.00 19.09 ? 574 PHE B CG  1 
ATOM   1367 C CD1 . PHE B 1 88 ? 1.061   6.964   -0.795  1.00 18.63 ? 574 PHE B CD1 1 
ATOM   1368 C CD2 . PHE B 1 88 ? -0.916  8.305   -0.650  1.00 19.84 ? 574 PHE B CD2 1 
ATOM   1369 C CE1 . PHE B 1 88 ? 0.727   6.333   0.401   1.00 18.76 ? 574 PHE B CE1 1 
ATOM   1370 C CE2 . PHE B 1 88 ? -1.263  7.682   0.547   1.00 21.10 ? 574 PHE B CE2 1 
ATOM   1371 C CZ  . PHE B 1 88 ? -0.435  6.688   1.072   1.00 20.89 ? 574 PHE B CZ  1 
HETATM 1372 S S   . SO4 C 2 .  ? -3.545  6.122   -6.661  1.00 87.45 ? 703 SO4 A S   1 
HETATM 1373 O O1  . SO4 C 2 .  ? -2.674  5.396   -7.613  1.00 87.43 ? 703 SO4 A O1  1 
HETATM 1374 O O2  . SO4 C 2 .  ? -4.932  6.021   -7.103  1.00 87.39 ? 703 SO4 A O2  1 
HETATM 1375 O O3  . SO4 C 2 .  ? -3.405  5.419   -5.319  1.00 87.55 ? 703 SO4 A O3  1 
HETATM 1376 O O4  . SO4 C 2 .  ? -3.096  7.587   -6.432  1.00 87.37 ? 703 SO4 A O4  1 
HETATM 1377 S S   . SO4 D 2 .  ? 20.306  3.724   -7.685  1.00 88.90 ? 704 SO4 A S   1 
HETATM 1378 O O1  . SO4 D 2 .  ? 21.331  4.780   -7.532  1.00 88.94 ? 704 SO4 A O1  1 
HETATM 1379 O O2  . SO4 D 2 .  ? 20.449  3.107   -8.999  1.00 89.15 ? 704 SO4 A O2  1 
HETATM 1380 O O3  . SO4 D 2 .  ? 20.593  2.681   -6.614  1.00 88.75 ? 704 SO4 A O3  1 
HETATM 1381 O O4  . SO4 D 2 .  ? 18.869  4.236   -7.420  1.00 88.73 ? 704 SO4 A O4  1 
HETATM 1382 S S   . SO4 E 2 .  ? -5.936  1.834   -3.866  1.00 31.77 ? 702 SO4 B S   1 
HETATM 1383 O O1  . SO4 E 2 .  ? -5.650  2.133   -2.448  1.00 29.07 ? 702 SO4 B O1  1 
HETATM 1384 O O2  . SO4 E 2 .  ? -4.708  1.995   -4.643  1.00 29.93 ? 702 SO4 B O2  1 
HETATM 1385 O O3  . SO4 E 2 .  ? -6.371  0.372   -3.936  1.00 29.64 ? 702 SO4 B O3  1 
HETATM 1386 O O4  . SO4 E 2 .  ? -7.116  2.658   -4.442  1.00 30.40 ? 702 SO4 B O4  1 
HETATM 1387 O O   . HOH F 3 .  ? 7.212   9.679   -9.402  1.00 16.20 ? 4   HOH A O   1 
HETATM 1388 O O   . HOH F 3 .  ? 7.710   2.382   -12.473 1.00 39.82 ? 10  HOH A O   1 
HETATM 1389 O O   . HOH F 3 .  ? 1.984   15.668  16.157  1.00 43.39 ? 13  HOH A O   1 
HETATM 1390 O O   . HOH F 3 .  ? 16.278  7.062   5.485   1.00 23.90 ? 19  HOH A O   1 
HETATM 1391 O O   . HOH F 3 .  ? 11.344  2.899   -7.356  1.00 27.55 ? 21  HOH A O   1 
HETATM 1392 O O   . HOH F 3 .  ? -6.042  2.233   9.770   1.00 38.48 ? 22  HOH A O   1 
HETATM 1393 O O   . HOH F 3 .  ? 1.278   6.189   -7.503  1.00 28.95 ? 23  HOH A O   1 
HETATM 1394 O O   . HOH F 3 .  ? 18.089  10.199  -0.256  1.00 28.13 ? 26  HOH A O   1 
HETATM 1395 O O   . HOH F 3 .  ? 6.226   18.714  7.396   1.00 29.23 ? 28  HOH A O   1 
HETATM 1396 O O   . HOH F 3 .  ? 15.383  6.118   -5.608  1.00 29.64 ? 30  HOH A O   1 
HETATM 1397 O O   . HOH F 3 .  ? 5.655   1.187   7.576   1.00 23.08 ? 37  HOH A O   1 
HETATM 1398 O O   . HOH F 3 .  ? -1.263  20.510  0.924   1.00 28.34 ? 38  HOH A O   1 
HETATM 1399 O O   . HOH F 3 .  ? 13.084  10.423  -7.285  1.00 32.11 ? 39  HOH A O   1 
HETATM 1400 O O   . HOH F 3 .  ? 15.986  12.396  -0.798  1.00 26.68 ? 48  HOH A O   1 
HETATM 1401 O O   . HOH F 3 .  ? 7.305   7.994   12.017  1.00 37.03 ? 49  HOH A O   1 
HETATM 1402 O O   . HOH F 3 .  ? 7.836   19.269  9.420   1.00 27.03 ? 52  HOH A O   1 
HETATM 1403 O O   . HOH F 3 .  ? 27.477  12.795  3.827   1.00 29.11 ? 57  HOH A O   1 
HETATM 1404 O O   . HOH F 3 .  ? 11.444  0.186   -5.389  1.00 32.10 ? 59  HOH A O   1 
HETATM 1405 O O   . HOH F 3 .  ? -8.718  9.586   -2.862  1.00 47.65 ? 65  HOH A O   1 
HETATM 1406 O O   . HOH F 3 .  ? 1.043   1.787   -13.210 1.00 51.55 ? 66  HOH A O   1 
HETATM 1407 O O   . HOH F 3 .  ? 8.010   -1.813  7.248   1.00 36.21 ? 67  HOH A O   1 
HETATM 1408 O O   . HOH F 3 .  ? 6.749   10.489  13.036  1.00 29.74 ? 68  HOH A O   1 
HETATM 1409 O O   . HOH F 3 .  ? 5.112   23.383  -9.168  1.00 48.99 ? 72  HOH A O   1 
HETATM 1410 O O   . HOH F 3 .  ? 0.198   8.559   -13.024 1.00 36.55 ? 73  HOH A O   1 
HETATM 1411 O O   . HOH F 3 .  ? 8.636   7.656   9.830   1.00 29.01 ? 75  HOH A O   1 
HETATM 1412 O O   . HOH F 3 .  ? 0.876   8.751   -15.457 1.00 39.88 ? 78  HOH A O   1 
HETATM 1413 O O   . HOH F 3 .  ? -10.611 3.815   9.830   1.00 39.65 ? 80  HOH A O   1 
HETATM 1414 O O   . HOH F 3 .  ? 12.152  -0.535  -1.774  1.00 43.44 ? 82  HOH A O   1 
HETATM 1415 O O   . HOH F 3 .  ? 10.062  -0.724  12.983  1.00 51.20 ? 83  HOH A O   1 
HETATM 1416 O O   . HOH F 3 .  ? -6.773  12.134  8.221   1.00 55.29 ? 87  HOH A O   1 
HETATM 1417 O O   . HOH F 3 .  ? 3.841   22.719  2.661   1.00 29.48 ? 88  HOH A O   1 
HETATM 1418 O O   . HOH F 3 .  ? 6.547   22.370  7.023   1.00 36.26 ? 90  HOH A O   1 
HETATM 1419 O O   . HOH F 3 .  ? 17.420  9.544   -15.702 1.00 49.67 ? 92  HOH A O   1 
HETATM 1420 O O   . HOH F 3 .  ? 14.726  -0.007  0.285   1.00 45.33 ? 95  HOH A O   1 
HETATM 1421 O O   . HOH F 3 .  ? 20.243  10.665  6.552   1.00 30.10 ? 96  HOH A O   1 
HETATM 1422 O O   . HOH F 3 .  ? 2.399   23.332  6.226   1.00 51.45 ? 103 HOH A O   1 
HETATM 1423 O O   . HOH F 3 .  ? 10.942  22.712  -3.580  1.00 49.44 ? 104 HOH A O   1 
HETATM 1424 O O   . HOH F 3 .  ? 15.924  20.941  3.090   0.50 30.86 ? 105 HOH A O   1 
HETATM 1425 O O   . HOH F 3 .  ? 15.295  2.905   4.466   1.00 39.99 ? 106 HOH A O   1 
HETATM 1426 O O   . HOH F 3 .  ? -7.903  10.251  -5.191  1.00 43.75 ? 107 HOH A O   1 
HETATM 1427 O O   . HOH F 3 .  ? -9.366  1.723   8.837   1.00 51.54 ? 110 HOH A O   1 
HETATM 1428 O O   . HOH F 3 .  ? 4.252   4.491   15.772  1.00 44.43 ? 112 HOH A O   1 
HETATM 1429 O O   . HOH F 3 .  ? 15.486  5.506   8.309   1.00 35.18 ? 115 HOH A O   1 
HETATM 1430 O O   . HOH F 3 .  ? 10.103  11.719  17.961  1.00 51.60 ? 116 HOH A O   1 
HETATM 1431 O O   . HOH F 3 .  ? 25.107  13.776  0.889   1.00 41.21 ? 117 HOH A O   1 
HETATM 1432 O O   . HOH F 3 .  ? 3.261   5.848   -15.930 1.00 49.18 ? 118 HOH A O   1 
HETATM 1433 O O   . HOH F 3 .  ? 18.617  12.277  14.251  1.00 40.73 ? 120 HOH A O   1 
HETATM 1434 O O   . HOH F 3 .  ? 12.280  21.021  -1.926  1.00 48.37 ? 122 HOH A O   1 
HETATM 1435 O O   . HOH F 3 .  ? 5.874   2.552   17.549  1.00 45.01 ? 124 HOH A O   1 
HETATM 1436 O O   . HOH F 3 .  ? 12.915  7.238   15.554  1.00 54.19 ? 125 HOH A O   1 
HETATM 1437 O O   . HOH F 3 .  ? -9.581  18.867  -9.248  1.00 57.06 ? 127 HOH A O   1 
HETATM 1438 O O   . HOH F 3 .  ? 2.285   12.858  20.454  1.00 39.91 ? 128 HOH A O   1 
HETATM 1439 O O   . HOH F 3 .  ? -0.542  21.905  8.715   1.00 50.74 ? 131 HOH A O   1 
HETATM 1440 O O   . HOH F 3 .  ? 5.282   3.222   -9.537  1.00 59.83 ? 132 HOH A O   1 
HETATM 1441 O O   . HOH F 3 .  ? 13.284  4.561   -12.654 1.00 43.99 ? 140 HOH A O   1 
HETATM 1442 O O   . HOH F 3 .  ? 24.118  9.210   7.740   1.00 54.42 ? 141 HOH A O   1 
HETATM 1443 O O   . HOH F 3 .  ? 12.544  6.130   -9.683  1.00 43.14 ? 145 HOH A O   1 
HETATM 1444 O O   . HOH F 3 .  ? -4.603  14.956  11.321  1.00 52.93 ? 146 HOH A O   1 
HETATM 1445 O O   . HOH F 3 .  ? 16.775  19.372  -0.514  1.00 42.70 ? 149 HOH A O   1 
HETATM 1446 O O   . HOH F 3 .  ? 16.332  18.435  -10.725 1.00 48.46 ? 151 HOH A O   1 
HETATM 1447 O O   . HOH F 3 .  ? 22.650  14.395  9.585   1.00 41.52 ? 153 HOH A O   1 
HETATM 1448 O O   . HOH F 3 .  ? 11.964  9.742   16.480  1.00 55.26 ? 156 HOH A O   1 
HETATM 1449 O O   . HOH F 3 .  ? 30.775  12.565  4.058   1.00 31.84 ? 158 HOH A O   1 
HETATM 1450 O O   . HOH F 3 .  ? 7.366   21.499  12.366  1.00 48.82 ? 159 HOH A O   1 
HETATM 1451 O O   . HOH F 3 .  ? -2.000  13.818  14.512  1.00 35.42 ? 165 HOH A O   1 
HETATM 1452 O O   . HOH F 3 .  ? 14.455  3.318   15.300  1.00 52.09 ? 173 HOH A O   1 
HETATM 1453 O O   . HOH F 3 .  ? -4.534  8.885   15.729  1.00 50.01 ? 175 HOH A O   1 
HETATM 1454 O O   . HOH F 3 .  ? 9.064   0.283   8.497   1.00 38.68 ? 181 HOH A O   1 
HETATM 1455 O O   . HOH F 3 .  ? 2.490   10.873  -11.026 1.00 28.25 ? 183 HOH A O   1 
HETATM 1456 O O   . HOH F 3 .  ? 16.982  14.497  -2.514  1.00 52.43 ? 184 HOH A O   1 
HETATM 1457 O O   . HOH F 3 .  ? 6.752   7.596   18.184  1.00 48.09 ? 186 HOH A O   1 
HETATM 1458 O O   . HOH F 3 .  ? 31.852  11.694  -2.326  1.00 41.68 ? 188 HOH A O   1 
HETATM 1459 O O   . HOH F 3 .  ? 9.236   7.681   -18.923 1.00 61.78 ? 195 HOH A O   1 
HETATM 1460 O O   . HOH F 3 .  ? 16.922  7.805   -7.727  1.00 67.09 ? 196 HOH A O   1 
HETATM 1461 O O   . HOH F 3 .  ? 10.350  18.583  13.316  1.00 42.24 ? 202 HOH A O   1 
HETATM 1462 O O   . HOH F 3 .  ? 14.021  7.740   11.770  1.00 51.47 ? 205 HOH A O   1 
HETATM 1463 O O   . HOH F 3 .  ? 15.145  6.178   -10.804 1.00 37.78 ? 206 HOH A O   1 
HETATM 1464 O O   . HOH F 3 .  ? 17.281  -0.831  1.467   1.00 43.03 ? 219 HOH A O   1 
HETATM 1465 O O   . HOH F 3 .  ? 2.480   0.895   12.770  1.00 32.82 ? 221 HOH A O   1 
HETATM 1466 O O   . HOH F 3 .  ? -0.069  5.806   16.791  1.00 42.27 ? 222 HOH A O   1 
HETATM 1467 O O   . HOH F 3 .  ? -5.436  11.031  -8.040  1.00 40.94 ? 223 HOH A O   1 
HETATM 1468 O O   . HOH F 3 .  ? 14.959  7.489   14.228  1.00 40.33 ? 224 HOH A O   1 
HETATM 1469 O O   . HOH F 3 .  ? 4.422   4.227   -6.873  1.00 45.00 ? 226 HOH A O   1 
HETATM 1470 O O   . HOH F 3 .  ? 18.940  20.413  -1.376  1.00 47.39 ? 228 HOH A O   1 
HETATM 1471 O O   . HOH F 3 .  ? 34.496  9.799   3.740   1.00 44.72 ? 230 HOH A O   1 
HETATM 1472 O O   . HOH F 3 .  ? 10.052  13.612  13.891  1.00 43.65 ? 231 HOH A O   1 
HETATM 1473 O O   . HOH F 3 .  ? 20.144  19.301  0.621   1.00 47.40 ? 232 HOH A O   1 
HETATM 1474 O O   . HOH F 3 .  ? 8.251   11.733  14.898  1.00 51.96 ? 233 HOH A O   1 
HETATM 1475 O O   . HOH F 3 .  ? 10.604  18.744  -4.670  1.00 28.17 ? 235 HOH A O   1 
HETATM 1476 O O   . HOH F 3 .  ? 9.770   1.611   -9.553  1.00 43.76 ? 236 HOH A O   1 
HETATM 1477 O O   . HOH F 3 .  ? 16.733  6.557   -13.470 1.00 45.94 ? 237 HOH A O   1 
HETATM 1478 O O   . HOH F 3 .  ? 9.136   17.377  -16.389 1.00 48.41 ? 238 HOH A O   1 
HETATM 1479 O O   . HOH F 3 .  ? -5.439  15.633  4.284   1.00 48.95 ? 239 HOH A O   1 
HETATM 1480 O O   . HOH F 3 .  ? -1.594  19.068  6.171   1.00 48.93 ? 241 HOH A O   1 
HETATM 1481 O O   . HOH F 3 .  ? -8.519  7.219   0.406   1.00 48.87 ? 242 HOH A O   1 
HETATM 1482 O O   . HOH G 3 .  ? -11.799 -6.579  -8.887  1.00 13.49 ? 1   HOH B O   1 
HETATM 1483 O O   . HOH G 3 .  ? -2.548  1.671   -2.854  1.00 14.10 ? 2   HOH B O   1 
HETATM 1484 O O   . HOH G 3 .  ? -15.987 -10.347 -12.916 0.50 16.04 ? 3   HOH B O   1 
HETATM 1485 O O   . HOH G 3 .  ? -13.895 -9.714  -11.388 1.00 16.24 ? 5   HOH B O   1 
HETATM 1486 O O   . HOH G 3 .  ? -8.381  -15.317 7.710   1.00 18.19 ? 6   HOH B O   1 
HETATM 1487 O O   . HOH G 3 .  ? -4.980  -1.829  -9.631  1.00 23.99 ? 7   HOH B O   1 
HETATM 1488 O O   . HOH G 3 .  ? -7.887  -3.113  2.916   1.00 24.47 ? 8   HOH B O   1 
HETATM 1489 O O   . HOH G 3 .  ? 1.865   -12.399 3.238   1.00 24.91 ? 9   HOH B O   1 
HETATM 1490 O O   . HOH G 3 .  ? -10.156 -1.745  -4.478  1.00 29.04 ? 12  HOH B O   1 
HETATM 1491 O O   . HOH G 3 .  ? -14.837 -20.366 2.021   1.00 17.17 ? 14  HOH B O   1 
HETATM 1492 O O   . HOH G 3 .  ? -17.484 -23.374 1.352   1.00 20.54 ? 15  HOH B O   1 
HETATM 1493 O O   . HOH G 3 .  ? -11.753 -3.913  -2.957  1.00 24.88 ? 16  HOH B O   1 
HETATM 1494 O O   . HOH G 3 .  ? -8.251  -0.471  -5.764  1.00 31.22 ? 17  HOH B O   1 
HETATM 1495 O O   . HOH G 3 .  ? -9.895  2.018   -7.022  1.00 40.25 ? 18  HOH B O   1 
HETATM 1496 O O   . HOH G 3 .  ? 0.245   -12.930 10.717  1.00 40.13 ? 25  HOH B O   1 
HETATM 1497 O O   . HOH G 3 .  ? -16.946 -22.134 -14.702 1.00 26.63 ? 27  HOH B O   1 
HETATM 1498 O O   . HOH G 3 .  ? -2.357  -8.771  15.330  1.00 39.00 ? 31  HOH B O   1 
HETATM 1499 O O   . HOH G 3 .  ? -15.362 -7.096  1.647   1.00 25.38 ? 32  HOH B O   1 
HETATM 1500 O O   . HOH G 3 .  ? -3.818  -23.842 -9.236  1.00 51.35 ? 33  HOH B O   1 
HETATM 1501 O O   . HOH G 3 .  ? -2.607  -19.513 11.155  1.00 32.89 ? 34  HOH B O   1 
HETATM 1502 O O   . HOH G 3 .  ? -14.321 -25.214 -6.468  1.00 29.58 ? 36  HOH B O   1 
HETATM 1503 O O   . HOH G 3 .  ? -7.656  -14.718 10.078  1.00 20.81 ? 40  HOH B O   1 
HETATM 1504 O O   . HOH G 3 .  ? -7.014  1.443   4.079   1.00 30.14 ? 42  HOH B O   1 
HETATM 1505 O O   . HOH G 3 .  ? -2.119  11.128  -4.108  1.00 31.68 ? 44  HOH B O   1 
HETATM 1506 O O   . HOH G 3 .  ? -7.700  -1.939  11.622  1.00 33.64 ? 45  HOH B O   1 
HETATM 1507 O O   . HOH G 3 .  ? -19.556 -10.489 -0.890  1.00 26.07 ? 46  HOH B O   1 
HETATM 1508 O O   . HOH G 3 .  ? -15.683 0.063   -4.832  1.00 43.24 ? 47  HOH B O   1 
HETATM 1509 O O   . HOH G 3 .  ? -20.392 -15.211 -5.406  1.00 29.39 ? 50  HOH B O   1 
HETATM 1510 O O   . HOH G 3 .  ? 5.862   -10.966 -2.844  1.00 34.16 ? 53  HOH B O   1 
HETATM 1511 O O   . HOH G 3 .  ? -10.973 -21.390 -12.262 1.00 38.50 ? 54  HOH B O   1 
HETATM 1512 O O   . HOH G 3 .  ? -14.702 -10.172 8.935   1.00 29.59 ? 58  HOH B O   1 
HETATM 1513 O O   . HOH G 3 .  ? 2.795   -14.004 5.367   1.00 51.92 ? 60  HOH B O   1 
HETATM 1514 O O   . HOH G 3 .  ? 6.759   -8.122  -6.367  1.00 50.48 ? 64  HOH B O   1 
HETATM 1515 O O   . HOH G 3 .  ? -18.815 -22.859 -8.228  1.00 53.51 ? 69  HOH B O   1 
HETATM 1516 O O   . HOH G 3 .  ? -17.952 -23.569 -10.412 1.00 37.52 ? 70  HOH B O   1 
HETATM 1517 O O   . HOH G 3 .  ? -8.314  -29.054 -8.790  1.00 39.39 ? 71  HOH B O   1 
HETATM 1518 O O   . HOH G 3 .  ? -9.824  -15.990 11.357  1.00 44.39 ? 76  HOH B O   1 
HETATM 1519 O O   . HOH G 3 .  ? 6.788   -2.070  -3.697  1.00 43.03 ? 77  HOH B O   1 
HETATM 1520 O O   . HOH G 3 .  ? 9.839   -2.400  2.022   1.00 31.85 ? 79  HOH B O   1 
HETATM 1521 O O   . HOH G 3 .  ? 6.626   -5.085  -2.158  1.00 55.28 ? 84  HOH B O   1 
HETATM 1522 O O   . HOH G 3 .  ? 12.478  -5.227  0.480   0.50 48.70 ? 85  HOH B O   1 
HETATM 1523 O O   . HOH G 3 .  ? -0.770  -21.378 -7.274  1.00 30.47 ? 86  HOH B O   1 
HETATM 1524 O O   . HOH G 3 .  ? -22.656 -9.032  -10.445 1.00 36.39 ? 89  HOH B O   1 
HETATM 1525 O O   . HOH G 3 .  ? -19.424 -21.576 -10.767 1.00 38.96 ? 91  HOH B O   1 
HETATM 1526 O O   . HOH G 3 .  ? -19.013 -20.491 3.715   1.00 30.70 ? 93  HOH B O   1 
HETATM 1527 O O   . HOH G 3 .  ? -11.638 -12.647 14.542  1.00 58.79 ? 97  HOH B O   1 
HETATM 1528 O O   . HOH G 3 .  ? -12.471 0.802   -4.375  1.00 56.88 ? 98  HOH B O   1 
HETATM 1529 O O   . HOH G 3 .  ? -18.190 -1.374  -10.087 1.00 36.67 ? 99  HOH B O   1 
HETATM 1530 O O   . HOH G 3 .  ? -8.682  -13.432 -15.370 0.50 35.81 ? 100 HOH B O   1 
HETATM 1531 O O   . HOH G 3 .  ? 0.020   -16.229 10.478  1.00 36.55 ? 108 HOH B O   1 
HETATM 1532 O O   . HOH G 3 .  ? -5.649  -1.497  -12.387 1.00 31.07 ? 114 HOH B O   1 
HETATM 1533 O O   . HOH G 3 .  ? 9.146   -26.370 1.416   1.00 43.76 ? 119 HOH B O   1 
HETATM 1534 O O   . HOH G 3 .  ? -16.781 -13.759 7.830   1.00 37.55 ? 121 HOH B O   1 
HETATM 1535 O O   . HOH G 3 .  ? 5.195   -27.873 9.408   1.00 67.00 ? 123 HOH B O   1 
HETATM 1536 O O   . HOH G 3 .  ? 3.589   -15.764 10.182  1.00 33.50 ? 129 HOH B O   1 
HETATM 1537 O O   . HOH G 3 .  ? -3.772  -26.999 -1.544  1.00 43.85 ? 133 HOH B O   1 
HETATM 1538 O O   . HOH G 3 .  ? 6.866   -5.305  -7.734  1.00 41.91 ? 134 HOH B O   1 
HETATM 1539 O O   . HOH G 3 .  ? -21.031 -2.733  -7.802  1.00 40.94 ? 135 HOH B O   1 
HETATM 1540 O O   . HOH G 3 .  ? 3.071   -26.520 11.101  1.00 46.22 ? 136 HOH B O   1 
HETATM 1541 O O   . HOH G 3 .  ? 9.271   -23.722 2.161   1.00 47.01 ? 138 HOH B O   1 
HETATM 1542 O O   . HOH G 3 .  ? 5.311   -10.902 8.597   1.00 56.03 ? 139 HOH B O   1 
HETATM 1543 O O   . HOH G 3 .  ? -10.861 -2.225  4.279   1.00 30.00 ? 142 HOH B O   1 
HETATM 1544 O O   . HOH G 3 .  ? 0.760   -1.923  -17.217 1.00 42.61 ? 143 HOH B O   1 
HETATM 1545 O O   . HOH G 3 .  ? -5.664  -7.972  -12.233 1.00 35.06 ? 148 HOH B O   1 
HETATM 1546 O O   . HOH G 3 .  ? 5.440   -23.035 -4.007  1.00 25.24 ? 152 HOH B O   1 
HETATM 1547 O O   . HOH G 3 .  ? -12.041 1.038   1.827   1.00 44.31 ? 154 HOH B O   1 
HETATM 1548 O O   . HOH G 3 .  ? -10.512 5.180   -1.162  1.00 52.81 ? 160 HOH B O   1 
HETATM 1549 O O   . HOH G 3 .  ? -11.093 -16.168 9.250   1.00 35.28 ? 161 HOH B O   1 
HETATM 1550 O O   . HOH G 3 .  ? -11.466 3.190   -0.131  1.00 49.53 ? 162 HOH B O   1 
HETATM 1551 O O   . HOH G 3 .  ? -2.274  -4.772  -18.284 1.00 58.09 ? 170 HOH B O   1 
HETATM 1552 O O   . HOH G 3 .  ? -19.496 -9.284  1.877   1.00 37.20 ? 174 HOH B O   1 
HETATM 1553 O O   . HOH G 3 .  ? 4.655   -11.630 11.805  1.00 69.62 ? 176 HOH B O   1 
HETATM 1554 O O   . HOH G 3 .  ? 1.974   -15.500 12.469  1.00 71.27 ? 179 HOH B O   1 
HETATM 1555 O O   . HOH G 3 .  ? -9.011  -24.737 -10.506 1.00 49.31 ? 180 HOH B O   1 
HETATM 1556 O O   . HOH G 3 .  ? -7.795  -13.509 13.221  1.00 41.55 ? 189 HOH B O   1 
HETATM 1557 O O   . HOH G 3 .  ? -22.831 -14.032 -2.782  1.00 45.00 ? 190 HOH B O   1 
HETATM 1558 O O   . HOH G 3 .  ? 1.059   -15.287 7.005   1.00 30.24 ? 203 HOH B O   1 
HETATM 1559 O O   . HOH G 3 .  ? -11.945 1.495   -1.771  1.00 54.34 ? 210 HOH B O   1 
HETATM 1560 O O   . HOH G 3 .  ? -12.651 -18.583 -9.752  1.00 51.36 ? 213 HOH B O   1 
HETATM 1561 O O   . HOH G 3 .  ? 7.660   -9.394  -0.167  1.00 37.93 ? 214 HOH B O   1 
HETATM 1562 O O   . HOH G 3 .  ? 12.177  -11.194 -1.264  1.00 37.84 ? 215 HOH B O   1 
HETATM 1563 O O   . HOH G 3 .  ? -16.253 -26.928 -5.569  1.00 41.73 ? 216 HOH B O   1 
HETATM 1564 O O   . HOH G 3 .  ? -20.661 -21.043 -2.107  1.00 31.09 ? 217 HOH B O   1 
HETATM 1565 O O   . HOH G 3 .  ? -6.102  -20.214 -8.497  1.00 39.45 ? 218 HOH B O   1 
HETATM 1566 O O   . HOH G 3 .  ? 5.957   -18.259 1.324   1.00 43.62 ? 220 HOH B O   1 
HETATM 1567 O O   . HOH G 3 .  ? -17.845 -7.611  0.671   1.00 48.00 ? 225 HOH B O   1 
HETATM 1568 O O   . HOH G 3 .  ? -9.767  -20.528 -14.176 1.00 37.80 ? 227 HOH B O   1 
HETATM 1569 O O   . HOH G 3 .  ? -0.193  -2.381  14.144  1.00 35.68 ? 229 HOH B O   1 
HETATM 1570 O O   . HOH G 3 .  ? 4.086   -6.249  9.621   1.00 38.16 ? 234 HOH B O   1 
HETATM 1571 O O   . HOH G 3 .  ? 7.951   -2.681  -7.583  1.00 44.82 ? 240 HOH B O   1 
# 
